data_5O64
#
_entry.id   5O64
#
_cell.length_a   226.600
_cell.length_b   226.600
_cell.length_c   113.800
_cell.angle_alpha   90.00
_cell.angle_beta   90.00
_cell.angle_gamma   90.00
#
_symmetry.space_group_name_H-M   'P 43 21 2'
#
loop_
_entity.id
_entity.type
_entity.pdbx_description
1 polymer 'Photosynthetic reaction center cytochrome c subunit'
2 polymer 'Reaction center protein H chain'
3 polymer 'Reaction center protein L chain'
4 polymer 'Reaction center protein M chain'
5 non-polymer 'HEME C'
6 non-polymer 'DIACYL GLYCEROL'
7 non-polymer 'SULFATE ION'
8 non-polymer N-FORMYLMETHIONINE
9 non-polymer 'LAURYL DIMETHYLAMINE-N-OXIDE'
10 non-polymer HEPTANE-1,2,3-TRIOL
11 non-polymer 'BACTERIOCHLOROPHYLL B'
12 non-polymer 'BACTERIOPHEOPHYTIN B'
13 non-polymer 'FE (II) ION'
14 non-polymer MENAQUINONE-7
15 non-polymer 15-cis-1,2-dihydroneurosporene
16 water water
#
loop_
_entity_poly.entity_id
_entity_poly.type
_entity_poly.pdbx_seq_one_letter_code
_entity_poly.pdbx_strand_id
1 'polypeptide(L)'
;CFEPPPATTTQTGFRGLSMGEVLHPATVKAKKERDAQYPPALAAVKAEGPPVSQVYKNVKVLGNLTEAEFLRTMTAITEW
VSPQEGCTYCHDENNLASEAKYPYVVARRMLEMTRAINTNWTQHVAQTGVTCYTCHRGTPLPPYVRYLEPTLPLNNRETP
THVERVETRSGYVVRLAKYTAYSALNYDPFTMFLANDKRQVRVVPQTALPLVGVSRGKERRPLSDAYATFALMMSISDSL
GTNCTFCHNAQTFESWGKKSTPQRAIAWWGIRMVRDLNMNYLAPLNASLPASRLGRQGEAPQADCRTCHQGVTKPLFGAS
RLKDYPELGPIKAAAK
;
C
2 'polypeptide(L)'
;YHGALAQHLDIAQLVWYAQWLVIWTVVLLYLRREDRREGYPLVEPLGLVKLAPEDGQVYELPYPKTFVLPHGGTVTVPRR
RPETRELKLAQTDGFEGAPLQPTGNPLVDAVGPASYAERAEVVDATVDGKAKIVPLRVATDFSIAEGDVDPRGLPVVAAD
GVEAGTVTDLWVDRSEHYFRYLELSVAGSARTALIPLGFCDVKKDKIVVTSILSEQFANVPRLQSRDQITLREEDKVSAY
YAGGLLYATPERAESLL
;
H
3 'polypeptide(L)'
;ALLSFERKYRVRGGTLIGGDLFDFWVGPYFVGFFGVSAIFFIFLGVSLIGYAASQGPTWDPFAISINPPDLKYGLGAAPL
LEGGFWQAITVCALGAFISWMLREVEISRKLGIGWHVPLAFCVPIFMFCVLQVFRPLLLGSWGHAFPYGILSHLDWVNNF
GYQYLNWHYNPGHMSSVSFLFVNAMALGLHGGLILSVANPGDGDKVKTAEHENQYFRDVVGYSIGALSIHRLGLFLASNI
FLTGAFGTIASGPFWTRGWPEWWGWWLDIPFWS
;
L
4 'polypeptide(L)'
;ADYQTIYTQIQARGPHITVSGEWGDNDRVGKPFYSYWLGKIGDAQIGPIYLGASGIAAFAFGSTAILIILFNMAAEVHFD
PLQFFRQFFWLGLYPPKAQYGMGIPPLHDGGWWLMAGLFMTLSLGSWWIRVYSRARALGLGTHIAWNFAAAIFFVLCIGC
IHPTLVGSWSEGVPFGIWPHIDWLTAFSIRYGNFYYCPWHGFSIGFAYGCGLLFAAHGATILAVARFGGDREIEQITDRG
TAVERAALFWRWTIGFNATIESVHRWGWFFSLMVMVSASVGILLTGTFVDNWYLWCVKHGAAPDYPAYLPATPDPASLPG
APK
;
M
#
loop_
_chem_comp.id
_chem_comp.type
_chem_comp.name
_chem_comp.formula
BCB non-polymer 'BACTERIOCHLOROPHYLL B' 'C55 H72 Mg N4 O6 2'
BPB non-polymer 'BACTERIOPHEOPHYTIN B' 'C55 H74 N4 O6'
DGA non-polymer 'DIACYL GLYCEROL' 'C39 H76 O5'
FE2 non-polymer 'FE (II) ION' 'Fe 2'
HEC non-polymer 'HEME C' 'C34 H34 Fe N4 O4'
HTO non-polymer HEPTANE-1,2,3-TRIOL 'C7 H16 O3'
LDA non-polymer 'LAURYL DIMETHYLAMINE-N-OXIDE' 'C14 H31 N O'
MQ7 non-polymer MENAQUINONE-7 'C46 H64 O2'
NS5 non-polymer 15-cis-1,2-dihydroneurosporene 'C40 H60'
SO4 non-polymer 'SULFATE ION' 'O4 S -2'
#
# COMPACT_ATOMS: atom_id res chain seq x y z
N CYS A 1 13.70 7.25 -16.00
CA CYS A 1 12.30 7.72 -15.78
C CYS A 1 11.35 7.12 -16.83
N PHE A 2 10.44 7.88 -17.44
CA PHE A 2 9.15 7.33 -17.94
C PHE A 2 8.96 7.26 -19.47
N GLU A 3 8.68 6.07 -20.03
CA GLU A 3 8.29 5.83 -21.47
C GLU A 3 6.87 6.31 -21.92
N PRO A 4 6.76 7.14 -23.01
CA PRO A 4 5.46 7.75 -23.41
C PRO A 4 4.40 6.79 -23.97
N PRO A 5 3.10 7.17 -23.88
CA PRO A 5 2.06 6.36 -24.51
C PRO A 5 2.17 6.32 -26.05
N PRO A 6 1.29 5.58 -26.73
CA PRO A 6 0.54 4.51 -26.10
C PRO A 6 1.43 3.26 -25.97
N ALA A 7 0.81 2.30 -25.31
CA ALA A 7 1.38 1.01 -25.12
C ALA A 7 0.47 0.04 -25.88
N THR A 8 1.09 -0.92 -26.55
CA THR A 8 0.40 -2.11 -27.00
C THR A 8 0.08 -3.01 -25.78
N THR A 9 -1.16 -3.52 -25.74
CA THR A 9 -1.56 -4.56 -24.78
C THR A 9 -2.08 -5.80 -25.51
N THR A 10 -1.83 -6.99 -24.94
CA THR A 10 -2.48 -8.25 -25.35
C THR A 10 -3.24 -8.83 -24.17
N GLN A 11 -4.01 -9.89 -24.42
CA GLN A 11 -4.78 -10.57 -23.37
C GLN A 11 -4.40 -12.04 -23.39
N THR A 12 -3.95 -12.57 -22.26
CA THR A 12 -3.56 -14.00 -22.12
C THR A 12 -4.41 -14.87 -21.16
N GLY A 13 -5.24 -14.25 -20.34
CA GLY A 13 -6.15 -15.00 -19.48
C GLY A 13 -7.54 -14.46 -19.64
N PHE A 14 -8.50 -15.15 -19.03
CA PHE A 14 -9.89 -14.73 -19.07
C PHE A 14 -10.07 -13.23 -18.82
N ARG A 15 -11.05 -12.61 -19.47
CA ARG A 15 -11.35 -11.19 -19.18
C ARG A 15 -11.50 -10.86 -17.68
N GLY A 16 -11.08 -9.66 -17.31
CA GLY A 16 -11.03 -9.22 -15.91
C GLY A 16 -9.92 -9.74 -15.00
N LEU A 17 -8.90 -10.37 -15.56
CA LEU A 17 -7.82 -10.90 -14.73
C LEU A 17 -6.50 -10.13 -14.84
N SER A 18 -6.46 -9.04 -15.58
CA SER A 18 -5.19 -8.30 -15.91
C SER A 18 -3.98 -9.22 -16.22
N MET A 19 -4.25 -10.21 -17.07
CA MET A 19 -3.21 -11.03 -17.66
C MET A 19 -2.98 -10.62 -19.10
N GLY A 20 -1.72 -10.49 -19.50
CA GLY A 20 -1.37 -10.07 -20.86
C GLY A 20 -0.08 -9.32 -20.94
N GLU A 21 0.33 -9.06 -22.18
CA GLU A 21 1.59 -8.37 -22.48
C GLU A 21 1.40 -6.86 -22.39
N VAL A 22 2.50 -6.14 -22.15
CA VAL A 22 2.53 -4.67 -22.18
C VAL A 22 3.83 -4.25 -22.86
N LEU A 23 3.70 -3.60 -24.02
CA LEU A 23 4.86 -3.29 -24.85
C LEU A 23 4.81 -1.85 -25.30
N HIS A 24 5.90 -1.13 -25.05
CA HIS A 24 6.10 0.20 -25.62
C HIS A 24 6.48 -0.13 -27.07
N PRO A 25 5.74 0.42 -28.06
CA PRO A 25 5.94 -0.02 -29.45
C PRO A 25 7.31 0.35 -30.05
N ALA A 26 7.82 1.52 -29.68
CA ALA A 26 9.16 1.92 -30.08
C ALA A 26 10.20 0.84 -29.81
N THR A 27 10.17 0.32 -28.58
CA THR A 27 11.07 -0.73 -28.12
C THR A 27 10.98 -2.00 -28.98
N VAL A 28 9.76 -2.31 -29.43
CA VAL A 28 9.52 -3.51 -30.25
C VAL A 28 10.04 -3.33 -31.64
N LYS A 29 9.76 -2.16 -32.22
CA LYS A 29 10.24 -1.83 -33.55
C LYS A 29 11.77 -1.89 -33.63
N ALA A 30 12.43 -1.36 -32.61
CA ALA A 30 13.89 -1.40 -32.50
C ALA A 30 14.43 -2.81 -32.57
N LYS A 31 13.78 -3.71 -31.84
CA LYS A 31 14.14 -5.14 -31.84
C LYS A 31 13.74 -5.83 -33.12
N LYS A 32 12.62 -5.42 -33.70
CA LYS A 32 12.18 -5.98 -34.99
C LYS A 32 13.19 -5.75 -36.09
N GLU A 33 13.77 -4.54 -36.11
CA GLU A 33 14.79 -4.17 -37.10
C GLU A 33 16.12 -4.90 -36.87
N ARG A 34 16.53 -4.99 -35.62
CA ARG A 34 17.70 -5.80 -35.26
C ARG A 34 17.51 -7.20 -35.82
N ASP A 35 16.39 -7.83 -35.44
CA ASP A 35 16.13 -9.22 -35.76
C ASP A 35 15.92 -9.43 -37.27
N ALA A 36 15.54 -8.37 -37.98
CA ALA A 36 15.35 -8.46 -39.44
C ALA A 36 16.63 -8.50 -40.27
N GLN A 37 17.78 -8.23 -39.64
CA GLN A 37 19.06 -8.40 -40.30
C GLN A 37 19.47 -9.86 -40.62
N TYR A 38 18.71 -10.84 -40.13
CA TYR A 38 18.84 -12.24 -40.58
C TYR A 38 19.03 -12.28 -42.11
N PRO A 39 20.20 -12.73 -42.60
CA PRO A 39 20.33 -12.84 -44.05
C PRO A 39 19.37 -13.87 -44.63
N PRO A 40 18.80 -13.58 -45.81
CA PRO A 40 17.85 -14.50 -46.41
C PRO A 40 18.54 -15.74 -47.01
N ALA A 41 17.72 -16.71 -47.35
CA ALA A 41 18.20 -17.98 -47.80
C ALA A 41 18.78 -17.85 -49.20
N LEU A 42 19.92 -18.49 -49.41
CA LEU A 42 20.59 -18.45 -50.71
C LEU A 42 19.70 -19.26 -51.66
N ALA A 43 19.61 -18.89 -52.93
CA ALA A 43 18.66 -19.60 -53.83
C ALA A 43 19.11 -21.04 -53.90
N ALA A 44 18.14 -21.97 -53.99
CA ALA A 44 18.45 -23.42 -53.91
C ALA A 44 19.28 -23.88 -55.09
N VAL A 45 19.79 -25.10 -55.02
CA VAL A 45 20.73 -25.56 -56.05
C VAL A 45 20.27 -26.81 -56.80
N LYS A 46 20.80 -26.93 -58.01
CA LYS A 46 20.73 -28.15 -58.79
C LYS A 46 21.45 -29.22 -57.93
N ALA A 47 20.76 -30.31 -57.59
CA ALA A 47 21.36 -31.38 -56.77
C ALA A 47 22.05 -32.47 -57.62
N GLU A 48 23.22 -32.16 -58.19
CA GLU A 48 23.91 -33.02 -59.20
C GLU A 48 25.24 -33.57 -58.75
N GLY A 49 25.43 -34.85 -58.97
CA GLY A 49 26.74 -35.46 -58.80
C GLY A 49 26.71 -36.42 -57.65
N PRO A 50 27.90 -36.87 -57.23
CA PRO A 50 27.95 -37.78 -56.10
C PRO A 50 27.65 -37.07 -54.78
N PRO A 51 27.58 -37.84 -53.69
CA PRO A 51 27.68 -37.21 -52.39
C PRO A 51 29.14 -36.77 -52.12
N VAL A 52 29.26 -35.64 -51.43
CA VAL A 52 30.55 -35.08 -51.00
C VAL A 52 31.43 -36.02 -50.15
N SER A 53 30.82 -37.01 -49.51
CA SER A 53 31.54 -38.08 -48.82
C SER A 53 32.42 -38.92 -49.73
N GLN A 54 32.17 -38.89 -51.04
CA GLN A 54 33.05 -39.53 -52.04
C GLN A 54 33.82 -38.50 -52.86
N VAL A 55 34.29 -37.43 -52.23
CA VAL A 55 34.80 -36.26 -52.96
C VAL A 55 35.79 -35.51 -52.09
N TYR A 56 35.31 -34.97 -50.98
CA TYR A 56 36.17 -34.21 -50.08
C TYR A 56 36.69 -35.20 -49.05
N LYS A 57 37.74 -34.81 -48.35
CA LYS A 57 38.49 -35.75 -47.54
C LYS A 57 37.89 -35.99 -46.15
N ASN A 58 37.56 -34.91 -45.47
CA ASN A 58 37.29 -34.91 -44.04
C ASN A 58 35.89 -34.33 -43.79
N VAL A 59 34.89 -35.06 -44.26
CA VAL A 59 33.49 -34.62 -44.21
C VAL A 59 32.62 -35.65 -43.49
N LYS A 60 32.42 -35.40 -42.19
CA LYS A 60 31.79 -36.36 -41.27
C LYS A 60 30.28 -36.18 -41.16
N VAL A 61 29.84 -34.96 -40.88
CA VAL A 61 28.43 -34.66 -40.65
C VAL A 61 27.63 -34.53 -41.95
N LEU A 62 28.09 -33.65 -42.83
CA LEU A 62 27.30 -33.28 -44.00
C LEU A 62 27.60 -34.13 -45.23
N GLY A 63 28.09 -35.36 -45.05
CA GLY A 63 28.44 -36.24 -46.18
C GLY A 63 27.26 -36.67 -47.07
N ASN A 64 26.05 -36.51 -46.54
CA ASN A 64 24.80 -36.72 -47.26
C ASN A 64 24.67 -35.93 -48.57
N LEU A 65 25.19 -34.69 -48.59
CA LEU A 65 24.89 -33.69 -49.62
C LEU A 65 25.69 -33.76 -50.94
N THR A 66 25.18 -33.11 -51.99
CA THR A 66 25.94 -32.84 -53.23
C THR A 66 26.97 -31.74 -53.01
N GLU A 67 27.82 -31.52 -54.00
CA GLU A 67 28.84 -30.50 -53.91
C GLU A 67 28.23 -29.09 -53.88
N ALA A 68 27.35 -28.85 -54.85
CA ALA A 68 26.62 -27.58 -54.96
C ALA A 68 25.89 -27.20 -53.66
N GLU A 69 25.22 -28.22 -53.12
CA GLU A 69 24.42 -28.13 -51.89
C GLU A 69 25.29 -27.84 -50.70
N PHE A 70 26.39 -28.58 -50.64
CA PHE A 70 27.34 -28.52 -49.53
C PHE A 70 28.03 -27.16 -49.44
N LEU A 71 28.40 -26.60 -50.58
CA LEU A 71 29.02 -25.30 -50.58
C LEU A 71 28.02 -24.17 -50.29
N ARG A 72 26.78 -24.35 -50.74
CA ARG A 72 25.67 -23.49 -50.34
C ARG A 72 25.56 -23.44 -48.80
N THR A 73 25.64 -24.61 -48.17
CA THR A 73 25.71 -24.73 -46.70
C THR A 73 26.90 -23.95 -46.12
N MET A 74 28.09 -24.28 -46.57
CA MET A 74 29.32 -23.55 -46.17
C MET A 74 29.28 -22.04 -46.35
N THR A 75 28.62 -21.60 -47.42
CA THR A 75 28.45 -20.18 -47.69
C THR A 75 27.53 -19.56 -46.61
N ALA A 76 26.42 -20.22 -46.30
CA ALA A 76 25.47 -19.71 -45.30
C ALA A 76 26.05 -19.70 -43.88
N ILE A 77 26.74 -20.76 -43.51
CA ILE A 77 27.49 -20.81 -42.25
C ILE A 77 28.40 -19.59 -42.10
N THR A 78 29.07 -19.23 -43.19
CA THR A 78 30.00 -18.12 -43.17
C THR A 78 29.24 -16.82 -42.92
N GLU A 79 28.16 -16.64 -43.68
CA GLU A 79 27.21 -15.52 -43.46
C GLU A 79 26.76 -15.34 -42.00
N TRP A 80 26.37 -16.46 -41.40
CA TRP A 80 25.75 -16.47 -40.07
C TRP A 80 26.76 -16.34 -38.93
N VAL A 81 27.96 -16.87 -39.12
CA VAL A 81 28.94 -17.01 -38.03
C VAL A 81 30.18 -16.11 -38.15
N SER A 82 30.81 -16.16 -39.32
CA SER A 82 32.03 -15.40 -39.56
C SER A 82 31.93 -14.70 -40.91
N PRO A 83 30.95 -13.75 -41.02
CA PRO A 83 30.83 -12.98 -42.26
C PRO A 83 32.02 -12.04 -42.45
N GLN A 84 32.47 -11.41 -41.36
CA GLN A 84 33.60 -10.51 -41.41
C GLN A 84 34.95 -11.22 -41.54
N GLU A 85 35.06 -12.45 -41.06
CA GLU A 85 36.34 -13.19 -41.04
C GLU A 85 36.53 -14.07 -42.29
N GLY A 86 35.42 -14.58 -42.83
CA GLY A 86 35.43 -15.37 -44.08
C GLY A 86 35.70 -16.86 -43.86
N CYS A 87 35.77 -17.61 -44.97
CA CYS A 87 36.02 -19.07 -44.93
C CYS A 87 37.33 -19.36 -44.20
N THR A 88 38.34 -18.53 -44.48
CA THR A 88 39.62 -18.44 -43.74
C THR A 88 39.53 -18.65 -42.22
N TYR A 89 38.42 -18.24 -41.59
CA TYR A 89 38.25 -18.34 -40.13
C TYR A 89 38.30 -19.79 -39.57
N CYS A 90 37.65 -20.72 -40.26
CA CYS A 90 37.66 -22.14 -39.88
C CYS A 90 38.68 -23.00 -40.66
N HIS A 91 39.12 -22.55 -41.84
CA HIS A 91 40.01 -23.35 -42.73
C HIS A 91 41.40 -22.78 -42.92
N ASP A 92 42.30 -23.66 -43.37
CA ASP A 92 43.61 -23.27 -43.89
C ASP A 92 43.44 -22.97 -45.38
N GLU A 93 43.91 -21.81 -45.83
CA GLU A 93 43.79 -21.45 -47.26
C GLU A 93 44.19 -22.60 -48.17
N ASN A 94 45.30 -23.27 -47.85
CA ASN A 94 45.88 -24.31 -48.70
C ASN A 94 45.37 -25.74 -48.46
N ASN A 95 44.41 -25.92 -47.56
CA ASN A 95 43.91 -27.26 -47.24
C ASN A 95 42.61 -27.17 -46.45
N LEU A 96 41.52 -27.46 -47.14
CA LEU A 96 40.20 -27.32 -46.54
C LEU A 96 39.78 -28.47 -45.63
N ALA A 97 40.53 -29.56 -45.65
CA ALA A 97 40.35 -30.66 -44.71
C ALA A 97 41.23 -30.50 -43.45
N SER A 98 42.15 -29.54 -43.45
CA SER A 98 42.96 -29.28 -42.26
C SER A 98 42.01 -28.89 -41.13
N GLU A 99 42.10 -29.60 -39.99
CA GLU A 99 41.37 -29.22 -38.77
C GLU A 99 42.24 -28.41 -37.80
N ALA A 100 43.32 -27.80 -38.29
CA ALA A 100 44.33 -27.18 -37.41
C ALA A 100 43.75 -26.00 -36.61
N LYS A 101 42.91 -25.20 -37.26
CA LYS A 101 42.23 -24.07 -36.60
C LYS A 101 41.10 -24.59 -35.69
N TYR A 102 41.02 -24.09 -34.45
CA TYR A 102 40.03 -24.64 -33.51
C TYR A 102 38.59 -24.48 -34.01
N PRO A 103 38.23 -23.32 -34.63
CA PRO A 103 36.86 -23.13 -35.11
C PRO A 103 36.29 -24.20 -36.05
N TYR A 104 37.16 -24.88 -36.80
CA TYR A 104 36.74 -26.05 -37.62
C TYR A 104 36.08 -27.10 -36.76
N VAL A 105 36.78 -27.54 -35.71
CA VAL A 105 36.29 -28.68 -34.89
C VAL A 105 35.03 -28.29 -34.12
N VAL A 106 35.02 -27.06 -33.62
CA VAL A 106 33.86 -26.56 -32.90
C VAL A 106 32.66 -26.49 -33.84
N ALA A 107 32.87 -25.92 -35.03
CA ALA A 107 31.81 -25.78 -36.02
C ALA A 107 31.19 -27.13 -36.41
N ARG A 108 32.00 -28.17 -36.40
CA ARG A 108 31.51 -29.53 -36.62
C ARG A 108 30.51 -29.93 -35.55
N ARG A 109 30.92 -29.76 -34.29
CA ARG A 109 30.09 -30.05 -33.13
C ARG A 109 28.81 -29.18 -33.13
N MET A 110 28.99 -27.92 -33.53
CA MET A 110 27.86 -26.97 -33.63
C MET A 110 26.84 -27.41 -34.64
N LEU A 111 27.30 -27.97 -35.77
CA LEU A 111 26.40 -28.59 -36.75
C LEU A 111 25.58 -29.71 -36.12
N GLU A 112 26.27 -30.59 -35.41
CA GLU A 112 25.62 -31.70 -34.73
C GLU A 112 24.59 -31.21 -33.72
N MET A 113 24.99 -30.21 -32.93
CA MET A 113 24.10 -29.54 -31.99
C MET A 113 22.86 -28.97 -32.68
N THR A 114 23.09 -28.17 -33.72
CA THR A 114 22.01 -27.50 -34.46
C THR A 114 21.02 -28.49 -35.09
N ARG A 115 21.54 -29.55 -35.69
CA ARG A 115 20.68 -30.62 -36.17
C ARG A 115 19.92 -31.27 -35.01
N ALA A 116 20.62 -31.53 -33.90
CA ALA A 116 20.03 -32.17 -32.73
C ALA A 116 18.83 -31.39 -32.22
N ILE A 117 18.98 -30.06 -32.16
CA ILE A 117 17.94 -29.15 -31.66
C ILE A 117 16.68 -29.32 -32.48
N ASN A 118 16.86 -29.16 -33.79
CA ASN A 118 15.74 -29.18 -34.74
C ASN A 118 15.05 -30.54 -34.91
N THR A 119 15.69 -31.59 -34.41
CA THR A 119 15.21 -32.97 -34.47
C THR A 119 14.63 -33.50 -33.15
N ASN A 120 15.37 -33.31 -32.05
CA ASN A 120 14.99 -33.85 -30.72
C ASN A 120 14.27 -32.89 -29.81
N TRP A 121 14.32 -31.61 -30.13
CA TRP A 121 13.64 -30.60 -29.31
C TRP A 121 12.59 -29.87 -30.09
N THR A 122 11.93 -30.58 -31.01
CA THR A 122 10.81 -30.04 -31.78
C THR A 122 9.63 -29.62 -30.89
N GLN A 123 9.54 -30.24 -29.70
CA GLN A 123 8.61 -29.81 -28.63
C GLN A 123 8.77 -28.33 -28.22
N HIS A 124 9.92 -27.72 -28.52
CA HIS A 124 10.20 -26.29 -28.24
C HIS A 124 10.32 -25.40 -29.48
N VAL A 125 11.26 -25.75 -30.35
CA VAL A 125 11.60 -24.96 -31.54
C VAL A 125 10.63 -25.20 -32.70
N ALA A 126 9.89 -26.30 -32.69
CA ALA A 126 8.68 -26.44 -33.52
C ALA A 126 8.91 -26.49 -35.07
N GLN A 127 8.01 -25.90 -35.84
CA GLN A 127 8.19 -25.73 -37.27
C GLN A 127 9.30 -24.72 -37.61
N THR A 128 9.54 -23.77 -36.69
CA THR A 128 10.44 -22.64 -36.94
C THR A 128 11.89 -23.06 -37.01
N GLY A 129 12.38 -23.65 -35.94
CA GLY A 129 13.76 -24.11 -35.87
C GLY A 129 14.81 -23.06 -35.54
N VAL A 130 16.05 -23.53 -35.53
CA VAL A 130 17.19 -22.65 -35.37
C VAL A 130 18.22 -22.90 -36.45
N THR A 131 19.05 -21.89 -36.64
CA THR A 131 20.23 -21.95 -37.48
C THR A 131 21.33 -21.39 -36.61
N CYS A 132 22.54 -21.42 -37.14
CA CYS A 132 23.67 -20.78 -36.52
C CYS A 132 23.38 -19.31 -36.19
N TYR A 133 22.63 -18.62 -37.06
CA TYR A 133 22.29 -17.21 -36.86
C TYR A 133 21.52 -17.01 -35.57
N THR A 134 20.48 -17.80 -35.35
CA THR A 134 19.63 -17.63 -34.15
C THR A 134 20.47 -17.21 -32.93
N CYS A 135 21.53 -17.94 -32.66
CA CYS A 135 22.43 -17.69 -31.52
C CYS A 135 23.49 -16.61 -31.75
N HIS A 136 24.20 -16.77 -32.88
CA HIS A 136 25.45 -16.03 -33.22
C HIS A 136 25.24 -14.64 -33.74
N ARG A 137 24.18 -14.45 -34.53
CA ARG A 137 23.80 -13.16 -35.09
C ARG A 137 24.96 -12.49 -35.86
N GLY A 138 25.79 -13.29 -36.55
CA GLY A 138 26.95 -12.77 -37.36
C GLY A 138 28.32 -12.51 -36.74
N THR A 139 28.53 -12.90 -35.48
CA THR A 139 29.87 -12.94 -34.88
C THR A 139 30.19 -14.37 -34.45
N PRO A 140 31.49 -14.74 -34.41
CA PRO A 140 31.78 -16.09 -33.98
C PRO A 140 31.49 -16.30 -32.49
N LEU A 141 31.55 -15.22 -31.71
CA LEU A 141 31.06 -15.23 -30.34
C LEU A 141 29.62 -14.68 -30.25
N PRO A 142 28.65 -15.58 -29.95
CA PRO A 142 27.29 -15.10 -29.74
C PRO A 142 27.28 -14.01 -28.68
N PRO A 143 26.58 -12.89 -28.95
CA PRO A 143 26.59 -11.76 -28.02
C PRO A 143 26.06 -12.11 -26.61
N TYR A 144 25.10 -13.03 -26.57
CA TYR A 144 24.50 -13.43 -25.33
C TYR A 144 24.90 -14.83 -24.92
N VAL A 145 25.77 -14.91 -23.91
CA VAL A 145 26.31 -16.17 -23.35
C VAL A 145 26.46 -16.06 -21.85
N ARG A 146 26.66 -17.19 -21.17
CA ARG A 146 26.94 -17.19 -19.71
C ARG A 146 28.13 -18.02 -19.31
N TYR A 147 28.91 -17.44 -18.41
CA TYR A 147 29.92 -18.17 -17.69
C TYR A 147 29.24 -18.52 -16.38
N LEU A 148 29.93 -19.34 -15.58
CA LEU A 148 29.39 -19.83 -14.31
C LEU A 148 29.32 -18.74 -13.25
N GLU A 149 29.85 -17.55 -13.53
CA GLU A 149 29.51 -16.37 -12.74
C GLU A 149 28.76 -15.34 -13.57
N PRO A 150 28.10 -14.41 -12.89
CA PRO A 150 27.60 -13.23 -13.55
C PRO A 150 28.67 -12.41 -14.21
N THR A 151 28.29 -11.89 -15.36
CA THR A 151 29.14 -11.13 -16.23
C THR A 151 28.26 -9.98 -16.75
N LEU A 152 28.88 -8.82 -16.92
CA LEU A 152 28.27 -7.62 -17.54
C LEU A 152 29.24 -6.91 -18.50
N PRO A 153 28.76 -6.31 -19.60
CA PRO A 153 27.32 -6.21 -19.92
C PRO A 153 26.80 -7.54 -20.45
N LEU A 154 25.48 -7.64 -20.62
CA LEU A 154 24.84 -8.91 -21.03
C LEU A 154 25.21 -9.22 -22.47
N ASN A 155 25.17 -8.16 -23.27
CA ASN A 155 25.75 -8.18 -24.59
C ASN A 155 27.28 -8.05 -24.49
N ASN A 156 27.99 -9.12 -24.84
CA ASN A 156 29.46 -9.08 -24.82
C ASN A 156 30.07 -8.24 -25.95
N ARG A 157 29.25 -7.70 -26.86
CA ARG A 157 29.72 -6.73 -27.87
C ARG A 157 29.99 -5.31 -27.37
N GLU A 158 29.41 -4.96 -26.23
CA GLU A 158 29.73 -3.71 -25.55
C GLU A 158 30.94 -3.93 -24.63
N THR A 159 31.75 -2.89 -24.49
CA THR A 159 32.96 -2.92 -23.63
C THR A 159 32.55 -2.64 -22.18
N PRO A 160 33.03 -3.44 -21.22
CA PRO A 160 32.62 -3.22 -19.83
C PRO A 160 33.24 -2.00 -19.14
N THR A 161 32.58 -1.46 -18.12
CA THR A 161 33.22 -0.50 -17.17
C THR A 161 34.24 -1.22 -16.24
N HIS A 162 34.88 -0.47 -15.32
CA HIS A 162 35.78 -1.10 -14.33
C HIS A 162 34.93 -1.95 -13.37
N VAL A 163 33.87 -1.36 -12.84
CA VAL A 163 32.94 -2.07 -11.96
C VAL A 163 32.27 -3.28 -12.66
N GLU A 164 31.85 -3.11 -13.92
CA GLU A 164 31.21 -4.21 -14.66
C GLU A 164 32.11 -5.44 -14.82
N ARG A 165 33.42 -5.21 -14.90
CA ARG A 165 34.37 -6.31 -15.06
C ARG A 165 34.23 -7.31 -13.94
N VAL A 166 34.15 -8.58 -14.30
CA VAL A 166 34.05 -9.69 -13.35
C VAL A 166 35.14 -9.70 -12.24
N GLU A 167 36.35 -9.23 -12.57
CA GLU A 167 37.48 -9.10 -11.62
C GLU A 167 37.09 -8.27 -10.39
N THR A 168 36.65 -7.05 -10.68
CA THR A 168 36.12 -6.09 -9.71
C THR A 168 34.92 -6.59 -8.82
N ARG A 169 35.22 -6.91 -7.56
CA ARG A 169 34.24 -7.51 -6.64
C ARG A 169 33.21 -6.55 -6.06
N SER A 170 33.42 -5.22 -6.11
CA SER A 170 32.37 -4.22 -5.72
C SER A 170 31.08 -4.46 -6.49
N GLY A 171 31.27 -4.66 -7.79
CA GLY A 171 30.18 -4.78 -8.75
C GLY A 171 29.47 -6.11 -8.83
N TYR A 172 29.81 -7.06 -7.95
CA TYR A 172 29.14 -8.36 -7.94
C TYR A 172 27.63 -8.28 -7.77
N VAL A 173 27.21 -7.48 -6.79
CA VAL A 173 25.79 -7.23 -6.52
C VAL A 173 25.04 -6.71 -7.76
N VAL A 174 25.66 -5.80 -8.52
CA VAL A 174 25.05 -5.22 -9.74
C VAL A 174 25.08 -6.18 -10.93
N ARG A 175 26.14 -6.97 -11.04
CA ARG A 175 26.24 -8.00 -12.08
C ARG A 175 25.06 -8.97 -12.02
N LEU A 176 24.70 -9.27 -10.79
CA LEU A 176 23.70 -10.26 -10.47
C LEU A 176 22.31 -9.67 -10.62
N ALA A 177 22.09 -8.52 -9.98
CA ALA A 177 20.89 -7.74 -10.18
C ALA A 177 20.47 -7.65 -11.66
N LYS A 178 21.39 -7.39 -12.57
CA LYS A 178 21.03 -7.21 -13.98
C LYS A 178 20.74 -8.50 -14.75
N TYR A 179 21.12 -9.66 -14.21
CA TYR A 179 20.65 -10.93 -14.77
C TYR A 179 19.21 -11.22 -14.34
N THR A 180 18.81 -10.64 -13.20
CA THR A 180 17.51 -10.88 -12.59
C THR A 180 16.56 -9.68 -12.72
N ALA A 181 16.68 -8.91 -13.79
CA ALA A 181 15.79 -7.76 -14.06
C ALA A 181 15.76 -6.70 -12.90
N TYR A 182 16.98 -6.37 -12.43
CA TYR A 182 17.25 -5.31 -11.45
C TYR A 182 16.78 -5.59 -10.00
N SER A 183 16.50 -6.85 -9.69
CA SER A 183 16.12 -7.24 -8.34
C SER A 183 17.33 -7.58 -7.45
N ALA A 184 17.20 -7.21 -6.18
CA ALA A 184 18.10 -7.62 -5.09
C ALA A 184 18.14 -9.13 -4.79
N LEU A 185 17.34 -9.91 -5.51
CA LEU A 185 17.45 -11.34 -5.48
C LEU A 185 18.92 -11.73 -5.71
N ASN A 186 19.36 -12.55 -4.76
CA ASN A 186 20.75 -12.81 -4.44
C ASN A 186 21.08 -14.24 -4.85
N TYR A 187 20.60 -14.66 -6.04
CA TYR A 187 20.85 -16.04 -6.56
C TYR A 187 21.20 -15.96 -8.05
N ASP A 188 22.07 -16.85 -8.52
CA ASP A 188 22.45 -16.88 -9.95
C ASP A 188 21.58 -17.94 -10.58
N PRO A 189 20.42 -17.53 -11.12
CA PRO A 189 19.54 -18.60 -11.59
C PRO A 189 20.09 -19.42 -12.74
N PHE A 190 21.14 -18.93 -13.43
CA PHE A 190 21.77 -19.71 -14.49
C PHE A 190 22.43 -20.98 -13.97
N THR A 191 23.39 -20.80 -13.06
CA THR A 191 24.19 -21.92 -12.58
C THR A 191 23.37 -22.86 -11.73
N MET A 192 22.44 -22.29 -10.95
CA MET A 192 21.50 -23.08 -10.17
C MET A 192 20.57 -23.98 -11.02
N PHE A 193 20.03 -23.42 -12.09
CA PHE A 193 18.97 -24.12 -12.80
C PHE A 193 19.24 -24.54 -14.25
N LEU A 194 19.93 -23.71 -15.00
CA LEU A 194 20.08 -23.92 -16.45
C LEU A 194 21.38 -24.57 -16.88
N ALA A 195 22.40 -24.59 -16.01
CA ALA A 195 23.71 -25.19 -16.35
C ALA A 195 23.70 -26.71 -16.34
N ASN A 196 22.83 -27.26 -15.49
CA ASN A 196 22.62 -28.69 -15.32
C ASN A 196 21.23 -28.99 -14.77
N ASP A 197 20.88 -30.28 -14.80
CA ASP A 197 19.58 -30.76 -14.30
C ASP A 197 19.60 -31.17 -12.80
N LYS A 198 20.55 -30.60 -12.07
CA LYS A 198 20.79 -30.98 -10.70
C LYS A 198 19.69 -30.47 -9.79
N ARG A 199 19.10 -29.32 -10.08
CA ARG A 199 18.15 -28.69 -9.14
C ARG A 199 16.71 -28.66 -9.67
N GLN A 200 15.78 -28.77 -8.75
CA GLN A 200 14.35 -28.85 -9.05
C GLN A 200 13.79 -27.42 -8.95
N VAL A 201 13.13 -26.94 -10.00
CA VAL A 201 12.60 -25.54 -10.05
C VAL A 201 11.41 -25.31 -9.12
N ARG A 202 10.51 -26.30 -9.03
CA ARG A 202 9.24 -26.14 -8.30
C ARG A 202 9.48 -26.10 -6.78
N VAL A 203 8.84 -25.14 -6.12
CA VAL A 203 8.99 -24.97 -4.68
C VAL A 203 7.69 -25.10 -3.91
N VAL A 204 6.55 -24.94 -4.59
CA VAL A 204 5.28 -24.78 -3.92
C VAL A 204 4.72 -26.17 -3.63
N PRO A 205 4.13 -26.37 -2.42
CA PRO A 205 3.33 -27.53 -2.04
C PRO A 205 2.13 -27.83 -2.93
N GLN A 206 1.92 -29.11 -3.20
CA GLN A 206 0.77 -29.55 -3.95
C GLN A 206 -0.37 -30.05 -3.03
N THR A 207 -0.16 -30.02 -1.72
CA THR A 207 -1.23 -30.18 -0.71
C THR A 207 -1.59 -28.85 -0.06
N ALA A 208 -2.83 -28.76 0.44
CA ALA A 208 -3.25 -27.60 1.21
C ALA A 208 -2.63 -27.62 2.61
N LEU A 209 -2.57 -28.80 3.23
CA LEU A 209 -1.93 -28.93 4.54
C LEU A 209 -0.50 -29.48 4.45
N PRO A 210 0.36 -29.16 5.45
CA PRO A 210 1.74 -29.65 5.42
C PRO A 210 1.82 -31.14 5.72
N LEU A 211 2.36 -31.90 4.78
CA LEU A 211 2.54 -33.35 4.94
C LEU A 211 3.60 -33.63 5.98
N VAL A 212 3.31 -34.61 6.84
CA VAL A 212 4.21 -35.02 7.92
C VAL A 212 5.37 -35.81 7.37
N GLY A 213 6.57 -35.37 7.72
CA GLY A 213 7.77 -36.06 7.31
C GLY A 213 8.54 -35.34 6.25
N VAL A 214 8.02 -34.20 5.81
CA VAL A 214 8.73 -33.27 4.92
C VAL A 214 8.52 -31.82 5.33
N SER A 215 8.02 -31.60 6.53
CA SER A 215 7.45 -30.32 6.85
C SER A 215 8.09 -29.63 8.04
N ARG A 216 9.15 -30.17 8.60
CA ARG A 216 9.66 -29.68 9.87
C ARG A 216 11.18 -29.83 9.97
N GLY A 217 11.89 -28.72 10.24
CA GLY A 217 13.36 -28.74 10.35
C GLY A 217 14.12 -29.18 9.08
N LYS A 218 15.28 -29.81 9.25
CA LYS A 218 16.11 -30.21 8.09
C LYS A 218 15.42 -31.03 6.96
N GLU A 219 14.33 -31.72 7.28
CA GLU A 219 13.60 -32.48 6.26
C GLU A 219 12.93 -31.59 5.19
N ARG A 220 12.74 -30.32 5.54
CA ARG A 220 12.12 -29.34 4.64
C ARG A 220 13.18 -28.51 3.92
N ARG A 221 12.81 -28.03 2.73
CA ARG A 221 13.65 -27.18 1.93
C ARG A 221 13.73 -25.82 2.58
N PRO A 222 14.82 -25.10 2.32
CA PRO A 222 14.92 -23.74 2.82
C PRO A 222 14.12 -22.78 1.94
N LEU A 223 13.73 -21.65 2.51
CA LEU A 223 12.99 -20.65 1.77
C LEU A 223 13.83 -20.10 0.63
N SER A 224 15.15 -20.07 0.85
CA SER A 224 16.11 -19.68 -0.18
C SER A 224 15.78 -20.19 -1.58
N ASP A 225 15.34 -21.45 -1.72
CA ASP A 225 14.91 -21.99 -3.05
C ASP A 225 13.77 -21.21 -3.71
N ALA A 226 12.82 -20.76 -2.89
CA ALA A 226 11.71 -19.97 -3.37
C ALA A 226 12.18 -18.61 -3.87
N TYR A 227 13.16 -17.99 -3.19
CA TYR A 227 13.83 -16.76 -3.70
C TYR A 227 14.47 -17.13 -5.04
N ALA A 228 15.22 -18.22 -5.05
CA ALA A 228 15.92 -18.67 -6.25
C ALA A 228 14.99 -18.91 -7.43
N THR A 229 13.85 -19.56 -7.20
CA THR A 229 12.94 -19.88 -8.28
C THR A 229 12.43 -18.57 -8.90
N PHE A 230 12.03 -17.67 -8.03
CA PHE A 230 11.59 -16.35 -8.41
C PHE A 230 12.66 -15.67 -9.25
N ALA A 231 13.90 -15.71 -8.79
CA ALA A 231 15.02 -15.13 -9.55
C ALA A 231 15.13 -15.70 -10.98
N LEU A 232 15.01 -17.01 -11.12
CA LEU A 232 14.98 -17.64 -12.43
C LEU A 232 13.82 -17.08 -13.26
N MET A 233 12.68 -16.91 -12.61
CA MET A 233 11.48 -16.42 -13.26
C MET A 233 11.55 -14.95 -13.66
N MET A 234 12.20 -14.13 -12.84
CA MET A 234 12.52 -12.75 -13.22
C MET A 234 13.39 -12.71 -14.49
N SER A 235 14.42 -13.56 -14.47
CA SER A 235 15.37 -13.72 -15.56
C SER A 235 14.65 -14.18 -16.84
N ILE A 236 13.94 -15.30 -16.78
CA ILE A 236 13.18 -15.82 -17.93
C ILE A 236 12.29 -14.72 -18.52
N SER A 237 11.53 -14.04 -17.67
CA SER A 237 10.64 -12.98 -18.12
C SER A 237 11.40 -11.98 -18.99
N ASP A 238 12.50 -11.45 -18.45
CA ASP A 238 13.29 -10.42 -19.11
C ASP A 238 14.02 -10.93 -20.34
N SER A 239 14.43 -12.19 -20.33
CA SER A 239 15.12 -12.80 -21.48
C SER A 239 14.20 -12.93 -22.70
N LEU A 240 12.88 -12.97 -22.47
CA LEU A 240 11.89 -13.00 -23.56
C LEU A 240 11.25 -11.63 -23.82
N GLY A 241 11.46 -10.68 -22.93
CA GLY A 241 10.86 -9.36 -23.05
C GLY A 241 9.37 -9.43 -22.81
N THR A 242 9.02 -10.07 -21.71
CA THR A 242 7.62 -10.25 -21.33
C THR A 242 7.52 -10.34 -19.80
N ASN A 243 6.37 -10.81 -19.30
CA ASN A 243 6.10 -10.90 -17.88
C ASN A 243 5.47 -12.24 -17.49
N CYS A 244 5.33 -12.42 -16.18
CA CYS A 244 4.71 -13.58 -15.58
C CYS A 244 3.44 -14.05 -16.28
N THR A 245 2.56 -13.12 -16.63
CA THR A 245 1.19 -13.46 -17.11
C THR A 245 1.11 -14.00 -18.52
N PHE A 246 2.19 -13.84 -19.26
CA PHE A 246 2.42 -14.56 -20.52
C PHE A 246 2.36 -16.08 -20.36
N CYS A 247 2.82 -16.56 -19.21
CA CYS A 247 2.87 -17.98 -18.87
C CYS A 247 1.88 -18.39 -17.76
N HIS A 248 1.77 -17.66 -16.63
CA HIS A 248 0.77 -18.04 -15.55
C HIS A 248 -0.31 -17.02 -15.21
N ASN A 249 -1.41 -17.55 -14.69
CA ASN A 249 -2.39 -16.81 -13.91
C ASN A 249 -1.88 -16.85 -12.47
N ALA A 250 -1.43 -15.68 -11.99
CA ALA A 250 -0.87 -15.48 -10.61
C ALA A 250 -1.66 -16.09 -9.46
N GLN A 251 -2.99 -16.17 -9.59
CA GLN A 251 -3.83 -16.92 -8.64
C GLN A 251 -3.07 -18.13 -8.07
N THR A 252 -2.54 -18.93 -8.97
CA THR A 252 -1.70 -20.05 -8.61
C THR A 252 -0.61 -20.26 -9.69
N PHE A 253 0.60 -19.82 -9.36
CA PHE A 253 1.74 -20.09 -10.23
C PHE A 253 1.94 -21.60 -10.34
N GLU A 254 1.79 -22.27 -9.20
CA GLU A 254 2.00 -23.70 -9.03
C GLU A 254 1.06 -24.60 -9.88
N SER A 255 -0.17 -24.14 -10.13
CA SER A 255 -1.19 -24.89 -10.92
C SER A 255 -1.02 -24.76 -12.45
N TRP A 256 -1.37 -25.84 -13.15
CA TRP A 256 -1.39 -25.89 -14.62
C TRP A 256 -2.85 -25.88 -15.06
N GLY A 257 -3.18 -26.55 -16.18
CA GLY A 257 -4.55 -26.61 -16.68
C GLY A 257 -4.90 -25.25 -17.24
N LYS A 258 -5.92 -24.59 -16.69
CA LYS A 258 -6.38 -23.28 -17.19
C LYS A 258 -5.79 -22.14 -16.36
N LYS A 259 -4.88 -22.48 -15.46
CA LYS A 259 -4.11 -21.52 -14.71
C LYS A 259 -2.73 -21.29 -15.42
N SER A 260 -2.58 -21.89 -16.60
CA SER A 260 -1.37 -21.74 -17.39
C SER A 260 -1.66 -21.67 -18.89
N THR A 261 -0.82 -20.90 -19.59
CA THR A 261 -0.91 -20.71 -21.04
C THR A 261 -0.16 -21.87 -21.72
N PRO A 262 -0.43 -22.10 -23.04
CA PRO A 262 0.38 -23.11 -23.76
C PRO A 262 1.86 -22.78 -23.77
N GLN A 263 2.18 -21.48 -23.60
CA GLN A 263 3.56 -20.98 -23.62
C GLN A 263 4.36 -21.37 -22.38
N ARG A 264 3.66 -21.61 -21.28
CA ARG A 264 4.30 -22.17 -20.10
C ARG A 264 4.82 -23.58 -20.42
N ALA A 265 4.00 -24.41 -21.08
CA ALA A 265 4.46 -25.72 -21.59
C ALA A 265 5.76 -25.57 -22.40
N ILE A 266 5.71 -24.68 -23.38
CA ILE A 266 6.81 -24.51 -24.33
C ILE A 266 8.06 -24.10 -23.56
N ALA A 267 7.90 -23.19 -22.59
CA ALA A 267 9.00 -22.79 -21.69
C ALA A 267 9.63 -23.94 -20.89
N TRP A 268 8.78 -24.88 -20.46
CA TRP A 268 9.21 -26.06 -19.71
C TRP A 268 10.15 -26.91 -20.57
N TRP A 269 9.74 -27.15 -21.81
CA TRP A 269 10.61 -27.84 -22.76
C TRP A 269 11.90 -27.05 -23.01
N GLY A 270 11.75 -25.74 -23.09
CA GLY A 270 12.87 -24.81 -23.19
C GLY A 270 13.92 -24.98 -22.14
N ILE A 271 13.51 -25.10 -20.88
CA ILE A 271 14.45 -25.37 -19.79
C ILE A 271 15.22 -26.67 -20.05
N ARG A 272 14.49 -27.72 -20.38
CA ARG A 272 15.09 -29.04 -20.58
C ARG A 272 15.98 -29.13 -21.82
N MET A 273 15.61 -28.42 -22.88
CA MET A 273 16.47 -28.32 -24.06
C MET A 273 17.74 -27.62 -23.66
N VAL A 274 17.60 -26.44 -23.05
CA VAL A 274 18.75 -25.61 -22.65
C VAL A 274 19.77 -26.34 -21.81
N ARG A 275 19.29 -27.28 -20.99
CA ARG A 275 20.16 -28.09 -20.15
C ARG A 275 20.95 -29.10 -20.98
N ASP A 276 20.23 -29.89 -21.77
CA ASP A 276 20.85 -30.85 -22.69
C ASP A 276 21.91 -30.16 -23.56
N LEU A 277 21.61 -28.95 -24.02
CA LEU A 277 22.57 -28.12 -24.77
C LEU A 277 23.84 -27.82 -23.99
N ASN A 278 23.69 -27.29 -22.79
CA ASN A 278 24.85 -26.95 -21.94
C ASN A 278 25.66 -28.17 -21.51
N MET A 279 25.00 -29.22 -21.08
CA MET A 279 25.68 -30.36 -20.48
C MET A 279 26.41 -31.24 -21.50
N ASN A 280 25.77 -31.50 -22.62
CA ASN A 280 26.26 -32.46 -23.61
C ASN A 280 26.94 -31.86 -24.85
N TYR A 281 26.69 -30.59 -25.15
CA TYR A 281 27.24 -29.97 -26.37
C TYR A 281 28.17 -28.80 -26.11
N LEU A 282 27.72 -27.84 -25.32
CA LEU A 282 28.42 -26.56 -25.15
C LEU A 282 29.49 -26.52 -24.08
N ALA A 283 29.20 -27.13 -22.93
CA ALA A 283 30.11 -27.11 -21.77
C ALA A 283 31.40 -27.89 -22.01
N PRO A 284 31.30 -29.08 -22.63
CA PRO A 284 32.51 -29.85 -22.94
C PRO A 284 33.47 -29.27 -24.02
N LEU A 285 33.13 -28.15 -24.64
CA LEU A 285 34.01 -27.48 -25.59
C LEU A 285 35.22 -26.78 -24.95
N ASN A 286 35.35 -26.76 -23.62
CA ASN A 286 36.61 -26.27 -22.99
C ASN A 286 37.85 -27.10 -23.36
N ALA A 287 37.63 -28.35 -23.74
CA ALA A 287 38.61 -29.18 -24.49
C ALA A 287 39.20 -28.47 -25.71
N SER A 288 38.36 -27.82 -26.52
CA SER A 288 38.74 -27.24 -27.82
C SER A 288 39.00 -25.74 -27.86
N LEU A 289 38.44 -24.99 -26.92
CA LEU A 289 38.54 -23.54 -26.96
C LEU A 289 39.84 -23.04 -26.35
N PRO A 290 40.38 -21.92 -26.88
CA PRO A 290 41.53 -21.25 -26.20
C PRO A 290 41.13 -20.71 -24.87
N ALA A 291 42.09 -20.44 -23.99
CA ALA A 291 41.79 -19.86 -22.68
C ALA A 291 41.24 -18.42 -22.74
N SER A 292 41.51 -17.70 -23.81
CA SER A 292 40.88 -16.40 -24.07
C SER A 292 39.36 -16.46 -24.34
N ARG A 293 38.82 -17.66 -24.57
CA ARG A 293 37.35 -17.88 -24.56
C ARG A 293 36.80 -18.29 -23.21
N LEU A 294 37.59 -19.07 -22.47
CA LEU A 294 37.12 -19.68 -21.26
C LEU A 294 36.86 -18.64 -20.17
N GLY A 295 36.04 -19.01 -19.20
CA GLY A 295 35.75 -18.16 -18.05
C GLY A 295 36.83 -18.34 -17.02
N ARG A 296 36.56 -17.88 -15.80
CA ARG A 296 37.60 -17.90 -14.76
C ARG A 296 37.71 -19.22 -13.97
N GLN A 297 36.97 -20.26 -14.36
CA GLN A 297 37.21 -21.61 -13.86
C GLN A 297 37.25 -22.55 -15.03
N GLY A 298 37.84 -22.10 -16.13
CA GLY A 298 38.02 -22.92 -17.33
C GLY A 298 36.75 -23.42 -17.99
N GLU A 299 35.64 -22.70 -17.76
CA GLU A 299 34.33 -23.08 -18.30
C GLU A 299 34.16 -22.46 -19.67
N ALA A 300 33.58 -23.22 -20.59
CA ALA A 300 33.17 -22.65 -21.85
C ALA A 300 32.03 -21.66 -21.61
N PRO A 301 31.84 -20.75 -22.57
CA PRO A 301 30.57 -20.03 -22.61
C PRO A 301 29.44 -21.00 -22.92
N GLN A 302 28.42 -20.94 -22.08
CA GLN A 302 27.20 -21.74 -22.19
C GLN A 302 26.00 -20.81 -22.54
N ALA A 303 24.86 -21.43 -22.80
CA ALA A 303 23.68 -20.77 -23.37
C ALA A 303 22.50 -20.67 -22.40
N ASP A 304 21.78 -19.57 -22.47
CA ASP A 304 20.63 -19.32 -21.63
C ASP A 304 19.47 -18.98 -22.56
N CYS A 305 18.25 -18.88 -22.03
CA CYS A 305 17.10 -18.38 -22.79
C CYS A 305 17.38 -17.21 -23.73
N ARG A 306 18.10 -16.22 -23.21
CA ARG A 306 18.45 -15.00 -23.95
C ARG A 306 19.31 -15.29 -25.17
N THR A 307 20.29 -16.18 -25.03
CA THR A 307 21.20 -16.54 -26.14
C THR A 307 20.54 -16.60 -27.53
N CYS A 308 19.42 -17.35 -27.57
CA CYS A 308 18.49 -17.42 -28.72
C CYS A 308 17.45 -16.27 -28.85
N HIS A 309 16.79 -15.89 -27.77
CA HIS A 309 15.57 -15.03 -27.83
C HIS A 309 15.86 -13.54 -28.00
N GLN A 310 16.80 -13.09 -27.17
CA GLN A 310 17.36 -11.74 -27.18
C GLN A 310 16.23 -10.76 -27.01
N GLY A 311 15.44 -11.02 -25.98
CA GLY A 311 14.37 -10.14 -25.56
C GLY A 311 13.12 -10.20 -26.40
N VAL A 312 12.93 -11.29 -27.13
CA VAL A 312 11.71 -11.47 -27.91
C VAL A 312 11.12 -12.83 -27.57
N THR A 313 9.79 -12.86 -27.48
CA THR A 313 9.06 -14.02 -26.98
C THR A 313 9.25 -15.22 -27.94
N LYS A 314 9.49 -14.93 -29.23
CA LYS A 314 9.98 -15.89 -30.26
C LYS A 314 11.27 -15.38 -30.87
N PRO A 315 12.32 -16.20 -30.95
CA PRO A 315 13.58 -15.64 -31.45
C PRO A 315 13.48 -15.22 -32.90
N LEU A 316 13.94 -13.98 -33.17
CA LEU A 316 13.87 -13.39 -34.52
C LEU A 316 12.43 -13.22 -35.00
N PHE A 317 11.53 -13.01 -34.04
CA PHE A 317 10.10 -12.89 -34.30
C PHE A 317 9.56 -14.07 -35.10
N GLY A 318 10.06 -15.27 -34.78
CA GLY A 318 9.59 -16.53 -35.41
C GLY A 318 9.99 -16.81 -36.85
N ALA A 319 11.05 -16.14 -37.31
CA ALA A 319 11.51 -16.26 -38.67
C ALA A 319 12.24 -17.56 -38.76
N SER A 320 11.96 -18.32 -39.81
CA SER A 320 12.56 -19.64 -40.06
C SER A 320 13.39 -19.67 -41.35
N ARG A 321 14.36 -20.57 -41.38
CA ARG A 321 15.02 -20.92 -42.63
C ARG A 321 14.98 -22.42 -42.80
N LEU A 322 14.06 -23.10 -42.11
CA LEU A 322 14.13 -24.55 -41.98
C LEU A 322 13.91 -25.32 -43.28
N LYS A 323 12.91 -24.88 -44.03
CA LYS A 323 12.63 -25.35 -45.39
C LYS A 323 13.82 -25.14 -46.30
N ASP A 324 14.46 -23.99 -46.14
CA ASP A 324 15.58 -23.58 -46.99
C ASP A 324 16.91 -24.32 -46.74
N TYR A 325 17.08 -24.92 -45.56
CA TYR A 325 18.28 -25.72 -45.25
C TYR A 325 17.82 -26.99 -44.51
N PRO A 326 17.40 -28.00 -45.28
CA PRO A 326 17.03 -29.27 -44.66
C PRO A 326 18.20 -29.96 -43.94
N GLU A 327 19.43 -29.68 -44.37
CA GLU A 327 20.63 -30.21 -43.70
C GLU A 327 20.78 -29.88 -42.21
N LEU A 328 20.11 -28.83 -41.74
CA LEU A 328 20.12 -28.48 -40.31
C LEU A 328 18.91 -28.96 -39.55
N GLY A 329 18.31 -30.04 -40.01
CA GLY A 329 17.21 -30.67 -39.30
C GLY A 329 15.85 -30.35 -39.89
N PRO A 330 14.84 -31.14 -39.54
CA PRO A 330 15.00 -32.35 -38.74
C PRO A 330 15.57 -33.49 -39.59
N ILE A 331 16.20 -34.48 -38.95
CA ILE A 331 16.80 -35.66 -39.62
C ILE A 331 15.99 -36.95 -39.39
N LYS A 332 15.93 -37.77 -40.42
CA LYS A 332 15.13 -39.01 -40.41
C LYS A 332 15.99 -40.16 -39.84
N TYR B 1 -1.08 -35.46 7.91
CA TYR B 1 -0.99 -33.98 7.76
C TYR B 1 -0.97 -33.19 9.06
N HIS B 2 0.06 -32.36 9.22
CA HIS B 2 0.11 -31.36 10.30
C HIS B 2 -1.17 -30.49 10.26
N GLY B 3 -1.88 -30.44 11.37
CA GLY B 3 -3.07 -29.60 11.50
C GLY B 3 -4.41 -30.14 11.00
N ALA B 4 -4.47 -31.44 10.74
CA ALA B 4 -5.72 -32.10 10.38
C ALA B 4 -6.48 -32.58 11.64
N LEU B 5 -7.81 -32.65 11.52
CA LEU B 5 -8.72 -33.28 12.52
C LEU B 5 -9.83 -34.12 11.81
N ALA B 6 -10.70 -34.76 12.59
CA ALA B 6 -11.69 -35.72 12.04
C ALA B 6 -12.58 -35.15 10.91
N GLN B 7 -12.66 -35.90 9.79
CA GLN B 7 -13.46 -35.52 8.58
C GLN B 7 -13.18 -34.10 8.09
N HIS B 8 -12.16 -33.94 7.27
CA HIS B 8 -11.91 -32.68 6.54
C HIS B 8 -12.16 -31.40 7.40
N LEU B 9 -11.64 -31.45 8.62
CA LEU B 9 -11.62 -30.33 9.53
C LEU B 9 -10.17 -30.04 9.90
N ASP B 10 -9.70 -28.83 9.61
CA ASP B 10 -8.35 -28.47 10.02
C ASP B 10 -8.43 -27.29 10.98
N ILE B 11 -7.30 -26.96 11.58
CA ILE B 11 -7.25 -25.99 12.65
C ILE B 11 -7.54 -24.61 12.09
N ALA B 12 -6.84 -24.24 11.02
CA ALA B 12 -7.04 -22.92 10.40
C ALA B 12 -8.54 -22.67 10.16
N GLN B 13 -9.26 -23.71 9.77
CA GLN B 13 -10.72 -23.63 9.63
C GLN B 13 -11.45 -23.19 10.91
N LEU B 14 -11.08 -23.74 12.07
CA LEU B 14 -11.73 -23.35 13.34
C LEU B 14 -11.37 -21.95 13.76
N VAL B 15 -10.07 -21.68 13.75
CA VAL B 15 -9.55 -20.35 14.01
C VAL B 15 -10.33 -19.30 13.18
N TRP B 16 -10.69 -19.62 11.93
CA TRP B 16 -11.53 -18.73 11.12
C TRP B 16 -12.83 -18.33 11.84
N TYR B 17 -13.53 -19.33 12.35
CA TYR B 17 -14.76 -19.09 13.11
C TYR B 17 -14.45 -18.29 14.40
N ALA B 18 -13.43 -18.73 15.10
CA ALA B 18 -13.00 -18.08 16.33
C ALA B 18 -12.80 -16.56 16.13
N GLN B 19 -12.09 -16.22 15.07
CA GLN B 19 -11.70 -14.85 14.78
C GLN B 19 -12.94 -14.02 14.63
N TRP B 20 -13.84 -14.52 13.79
CA TRP B 20 -15.08 -13.83 13.48
C TRP B 20 -15.92 -13.62 14.74
N LEU B 21 -15.96 -14.66 15.57
CA LEU B 21 -16.68 -14.59 16.83
C LEU B 21 -16.13 -13.42 17.66
N VAL B 22 -14.82 -13.44 17.86
CA VAL B 22 -14.13 -12.42 18.60
C VAL B 22 -14.49 -11.01 18.08
N ILE B 23 -14.43 -10.82 16.78
CA ILE B 23 -14.70 -9.52 16.21
C ILE B 23 -16.12 -9.03 16.62
N TRP B 24 -17.16 -9.81 16.27
CA TRP B 24 -18.57 -9.42 16.51
C TRP B 24 -18.86 -9.15 17.97
N THR B 25 -18.28 -10.00 18.82
CA THR B 25 -18.31 -9.86 20.27
C THR B 25 -17.85 -8.48 20.71
N VAL B 26 -16.61 -8.12 20.32
CA VAL B 26 -16.02 -6.82 20.64
C VAL B 26 -16.84 -5.69 20.04
N VAL B 27 -17.24 -5.87 18.78
CA VAL B 27 -17.95 -4.80 18.06
C VAL B 27 -19.32 -4.51 18.65
N LEU B 28 -20.12 -5.55 18.88
CA LEU B 28 -21.51 -5.37 19.34
C LEU B 28 -21.66 -5.23 20.84
N LEU B 29 -21.08 -6.16 21.57
CA LEU B 29 -21.26 -6.19 23.02
C LEU B 29 -20.39 -5.17 23.77
N TYR B 30 -19.36 -4.64 23.09
CA TYR B 30 -18.47 -3.66 23.70
C TYR B 30 -18.59 -2.29 23.00
N LEU B 31 -18.08 -2.22 21.77
CA LEU B 31 -17.88 -0.95 21.11
C LEU B 31 -19.17 -0.18 20.91
N ARG B 32 -20.21 -0.87 20.45
CA ARG B 32 -21.51 -0.23 20.22
C ARG B 32 -22.22 0.14 21.48
N ARG B 33 -21.87 -0.47 22.60
CA ARG B 33 -22.47 -0.03 23.86
C ARG B 33 -21.78 1.22 24.33
N GLU B 34 -20.45 1.17 24.34
CA GLU B 34 -19.61 2.35 24.55
C GLU B 34 -20.09 3.57 23.78
N ASP B 35 -20.58 3.35 22.54
CA ASP B 35 -21.16 4.41 21.68
C ASP B 35 -22.46 5.06 22.20
N ARG B 36 -23.06 4.44 23.20
CA ARG B 36 -24.32 4.92 23.78
C ARG B 36 -24.17 5.70 25.09
N ARG B 37 -22.93 6.00 25.50
CA ARG B 37 -22.70 6.69 26.77
C ARG B 37 -23.18 8.13 26.79
N GLU B 38 -23.34 8.74 25.62
CA GLU B 38 -24.04 10.04 25.53
C GLU B 38 -25.13 9.90 24.49
N GLY B 39 -26.24 10.59 24.77
CA GLY B 39 -27.35 10.72 23.87
C GLY B 39 -28.48 9.80 24.25
N TYR B 40 -28.20 8.84 25.13
CA TYR B 40 -29.13 7.76 25.45
C TYR B 40 -29.55 7.83 26.90
N PRO B 41 -30.78 7.41 27.21
CA PRO B 41 -31.67 6.71 26.28
C PRO B 41 -32.57 7.69 25.54
N LEU B 42 -33.07 7.21 24.40
CA LEU B 42 -33.59 8.05 23.31
C LEU B 42 -34.91 8.71 23.69
N VAL B 43 -35.55 9.43 22.76
CA VAL B 43 -36.76 10.20 23.09
C VAL B 43 -37.90 10.22 22.06
N GLU B 44 -39.11 10.61 22.53
CA GLU B 44 -40.35 10.76 21.72
C GLU B 44 -40.75 12.24 21.52
N PRO B 53 -40.22 0.67 33.22
CA PRO B 53 -38.97 0.43 32.43
C PRO B 53 -39.23 0.30 30.90
N GLU B 54 -38.26 -0.24 30.16
CA GLU B 54 -38.48 -0.77 28.77
C GLU B 54 -37.27 -1.58 28.27
N ASP B 55 -37.52 -2.82 27.85
CA ASP B 55 -36.47 -3.89 27.75
C ASP B 55 -35.20 -3.61 26.95
N GLY B 56 -35.38 -3.17 25.71
CA GLY B 56 -34.25 -2.88 24.82
C GLY B 56 -33.30 -1.78 25.30
N GLN B 57 -33.86 -0.80 25.99
CA GLN B 57 -33.14 0.41 26.45
C GLN B 57 -32.17 0.18 27.59
N VAL B 58 -32.39 -0.92 28.30
CA VAL B 58 -31.52 -1.38 29.36
C VAL B 58 -30.38 -2.20 28.77
N TYR B 59 -30.71 -3.03 27.78
CA TYR B 59 -29.72 -3.93 27.19
C TYR B 59 -28.67 -3.15 26.39
N GLU B 60 -29.12 -2.10 25.67
CA GLU B 60 -28.24 -1.34 24.76
C GLU B 60 -27.15 -0.53 25.50
N LEU B 61 -27.36 -0.20 26.78
CA LEU B 61 -26.42 0.61 27.58
C LEU B 61 -25.37 -0.20 28.32
N PRO B 62 -24.20 0.39 28.59
CA PRO B 62 -23.20 -0.24 29.42
C PRO B 62 -23.29 0.15 30.87
N TYR B 63 -22.64 -0.64 31.74
CA TYR B 63 -22.57 -0.34 33.18
C TYR B 63 -21.86 1.00 33.27
N PRO B 64 -22.42 1.95 34.04
CA PRO B 64 -21.81 3.27 34.04
C PRO B 64 -20.36 3.32 34.54
N LYS B 65 -19.67 4.38 34.12
CA LYS B 65 -18.28 4.68 34.52
C LYS B 65 -18.28 6.10 35.09
N THR B 66 -17.34 6.37 35.99
CA THR B 66 -17.19 7.70 36.61
C THR B 66 -15.79 8.28 36.45
N PHE B 67 -15.77 9.48 35.86
CA PHE B 67 -14.55 10.23 35.63
C PHE B 67 -14.22 10.97 36.89
N VAL B 68 -12.94 10.91 37.25
CA VAL B 68 -12.46 11.39 38.53
C VAL B 68 -11.75 12.71 38.25
N LEU B 69 -12.53 13.75 37.98
CA LEU B 69 -12.04 14.99 37.34
C LEU B 69 -10.81 15.61 38.00
N PRO B 70 -9.95 16.29 37.21
CA PRO B 70 -8.64 16.71 37.73
C PRO B 70 -8.68 17.76 38.83
N HIS B 71 -9.69 18.63 38.83
CA HIS B 71 -9.80 19.73 39.80
C HIS B 71 -11.02 19.59 40.68
N GLY B 72 -11.21 18.39 41.23
CA GLY B 72 -12.42 18.07 41.99
C GLY B 72 -13.65 17.93 41.11
N GLY B 73 -14.57 17.09 41.56
CA GLY B 73 -15.76 16.75 40.80
C GLY B 73 -15.63 15.33 40.28
N THR B 74 -16.79 14.76 39.93
CA THR B 74 -16.86 13.51 39.18
C THR B 74 -18.04 13.60 38.24
N VAL B 75 -17.86 13.02 37.06
CA VAL B 75 -18.90 12.93 36.06
C VAL B 75 -19.06 11.45 35.81
N THR B 76 -20.33 11.04 35.71
CA THR B 76 -20.71 9.65 35.51
C THR B 76 -21.47 9.55 34.23
N VAL B 77 -21.16 8.56 33.39
CA VAL B 77 -21.95 8.32 32.17
C VAL B 77 -22.24 6.84 31.88
N PRO B 78 -23.40 6.56 31.26
CA PRO B 78 -24.42 7.58 30.89
C PRO B 78 -25.17 8.16 32.10
N ARG B 79 -25.89 9.27 31.89
CA ARG B 79 -26.80 9.82 32.90
C ARG B 79 -28.04 10.47 32.27
N ARG B 80 -29.16 10.49 33.01
CA ARG B 80 -30.29 11.29 32.59
C ARG B 80 -29.84 12.77 32.69
N ARG B 81 -30.21 13.53 31.65
CA ARG B 81 -29.64 14.85 31.35
C ARG B 81 -30.30 15.30 30.05
N PRO B 82 -31.43 16.01 30.15
CA PRO B 82 -32.18 16.39 28.93
C PRO B 82 -32.25 17.92 28.75
N GLU B 83 -32.78 18.38 27.61
CA GLU B 83 -32.86 19.84 27.32
C GLU B 83 -33.93 20.49 28.21
N THR B 84 -33.52 21.19 29.27
CA THR B 84 -34.44 22.02 30.05
C THR B 84 -34.97 23.10 29.11
N ARG B 85 -34.05 23.87 28.53
CA ARG B 85 -34.36 25.05 27.70
C ARG B 85 -35.56 24.87 26.75
N GLU B 86 -36.42 25.88 26.70
CA GLU B 86 -37.54 25.89 25.78
C GLU B 86 -37.00 26.36 24.46
N LEU B 87 -37.03 25.44 23.50
CA LEU B 87 -36.51 25.70 22.16
C LEU B 87 -37.53 26.54 21.38
N LYS B 88 -37.07 27.61 20.72
CA LYS B 88 -37.96 28.46 19.89
C LYS B 88 -38.13 27.97 18.42
N LEU B 89 -38.73 26.77 18.26
CA LEU B 89 -39.13 26.16 16.94
C LEU B 89 -40.51 25.47 16.94
N ALA B 90 -41.07 25.27 15.74
CA ALA B 90 -42.35 24.53 15.54
C ALA B 90 -42.29 23.54 14.37
N GLN B 91 -43.30 22.67 14.26
CA GLN B 91 -43.31 21.56 13.25
C GLN B 91 -43.60 21.99 11.79
N THR B 92 -42.63 21.84 10.89
CA THR B 92 -42.88 21.95 9.42
C THR B 92 -44.09 21.07 8.94
N ASP B 93 -44.42 20.02 9.70
CA ASP B 93 -45.50 19.12 9.32
C ASP B 93 -45.95 18.23 10.49
N GLY B 94 -46.91 17.36 10.19
CA GLY B 94 -47.31 16.29 11.09
C GLY B 94 -46.24 15.23 11.18
N PHE B 95 -45.77 14.79 10.02
CA PHE B 95 -44.72 13.76 9.86
C PHE B 95 -43.69 13.78 11.02
N GLU B 96 -43.45 12.63 11.64
CA GLU B 96 -42.49 12.54 12.77
C GLU B 96 -41.03 12.91 12.45
N GLY B 97 -40.56 12.56 11.25
CA GLY B 97 -39.20 12.90 10.81
C GLY B 97 -39.06 14.22 10.05
N ALA B 98 -40.10 15.06 10.07
CA ALA B 98 -40.05 16.36 9.39
C ALA B 98 -39.23 17.34 10.20
N PRO B 99 -38.69 18.38 9.52
CA PRO B 99 -37.81 19.32 10.18
C PRO B 99 -38.54 20.30 11.07
N LEU B 100 -37.76 21.10 11.80
CA LEU B 100 -38.29 22.18 12.62
C LEU B 100 -37.96 23.56 12.05
N GLN B 101 -38.74 24.54 12.49
CA GLN B 101 -38.88 25.84 11.87
C GLN B 101 -38.68 26.89 12.97
N PRO B 102 -37.57 27.65 12.95
CA PRO B 102 -37.38 28.59 14.08
C PRO B 102 -38.50 29.62 14.08
N THR B 103 -39.07 29.90 15.26
CA THR B 103 -40.17 30.86 15.36
C THR B 103 -39.66 32.25 15.64
N GLY B 104 -38.64 32.37 16.49
CA GLY B 104 -38.04 33.69 16.77
C GLY B 104 -36.89 34.05 15.83
N ASN B 105 -35.93 34.80 16.34
CA ASN B 105 -34.68 35.01 15.62
C ASN B 105 -33.77 33.87 16.09
N PRO B 106 -33.32 33.01 15.16
CA PRO B 106 -32.60 31.79 15.52
C PRO B 106 -31.21 31.99 16.13
N LEU B 107 -30.51 33.06 15.72
CA LEU B 107 -29.17 33.38 16.26
C LEU B 107 -29.15 33.58 17.78
N VAL B 108 -30.19 34.21 18.33
CA VAL B 108 -30.32 34.54 19.76
C VAL B 108 -31.08 33.48 20.53
N ASP B 109 -32.20 33.05 19.94
CA ASP B 109 -32.96 31.88 20.40
C ASP B 109 -32.14 30.59 20.50
N ALA B 110 -31.00 30.54 19.80
CA ALA B 110 -29.96 29.52 19.96
C ALA B 110 -30.44 28.18 19.48
N VAL B 111 -30.79 28.13 18.19
CA VAL B 111 -31.35 26.92 17.56
C VAL B 111 -30.65 26.54 16.25
N GLY B 112 -30.92 25.31 15.82
CA GLY B 112 -30.31 24.74 14.62
C GLY B 112 -28.80 24.79 14.75
N PRO B 113 -28.11 25.30 13.72
CA PRO B 113 -26.66 25.46 13.85
C PRO B 113 -26.17 26.47 14.89
N ALA B 114 -27.07 27.29 15.46
CA ALA B 114 -26.71 28.23 16.54
C ALA B 114 -26.97 27.67 17.93
N SER B 115 -27.25 26.37 18.01
CA SER B 115 -27.48 25.71 19.30
C SER B 115 -26.17 25.51 20.04
N TYR B 116 -26.25 25.57 21.36
CA TYR B 116 -25.08 25.33 22.21
C TYR B 116 -25.41 24.22 23.19
N ALA B 117 -24.38 23.49 23.59
CA ALA B 117 -24.52 22.38 24.51
C ALA B 117 -24.58 22.99 25.89
N GLU B 118 -25.47 22.46 26.74
CA GLU B 118 -25.50 22.81 28.17
C GLU B 118 -24.23 22.23 28.91
N ARG B 119 -23.06 22.81 28.60
CA ARG B 119 -21.81 22.44 29.25
C ARG B 119 -21.80 23.08 30.63
N ALA B 120 -20.79 22.76 31.42
CA ALA B 120 -20.61 23.36 32.73
C ALA B 120 -20.45 24.90 32.63
N GLU B 121 -21.04 25.61 33.58
CA GLU B 121 -20.78 27.05 33.77
C GLU B 121 -19.50 27.15 34.63
N VAL B 122 -18.40 26.72 34.03
CA VAL B 122 -17.13 26.50 34.72
C VAL B 122 -15.99 26.92 33.82
N VAL B 123 -15.02 27.62 34.39
CA VAL B 123 -13.88 28.13 33.63
C VAL B 123 -12.94 26.93 33.39
N ASP B 124 -12.61 26.69 32.13
CA ASP B 124 -11.70 25.59 31.82
C ASP B 124 -10.34 25.94 32.40
N ALA B 125 -9.69 24.94 32.98
CA ALA B 125 -8.50 25.09 33.77
C ALA B 125 -7.24 24.43 33.19
N THR B 126 -6.12 24.95 33.63
CA THR B 126 -4.80 24.40 33.29
C THR B 126 -4.45 23.25 34.25
N VAL B 127 -3.31 22.61 34.01
CA VAL B 127 -2.82 21.53 34.90
C VAL B 127 -2.62 22.07 36.33
N ASP B 128 -1.91 23.19 36.45
CA ASP B 128 -1.57 23.76 37.75
C ASP B 128 -2.79 24.46 38.43
N GLY B 129 -3.82 24.79 37.67
CA GLY B 129 -5.12 25.19 38.26
C GLY B 129 -5.68 26.55 37.88
N LYS B 130 -4.98 27.25 37.01
CA LYS B 130 -5.34 28.60 36.59
C LYS B 130 -6.37 28.55 35.45
N ALA B 131 -6.87 29.68 34.98
CA ALA B 131 -7.80 29.71 33.83
C ALA B 131 -7.03 29.43 32.56
N LYS B 132 -7.54 28.52 31.73
CA LYS B 132 -6.86 28.11 30.49
C LYS B 132 -6.97 29.19 29.41
N ILE B 133 -8.19 29.57 29.13
CA ILE B 133 -8.45 30.53 28.08
C ILE B 133 -8.65 31.89 28.71
N VAL B 134 -7.73 32.80 28.36
CA VAL B 134 -7.63 34.16 28.88
C VAL B 134 -7.07 35.08 27.79
N PRO B 135 -7.34 36.39 27.87
CA PRO B 135 -6.74 37.36 26.94
C PRO B 135 -5.26 37.63 27.26
N LEU B 136 -4.58 38.35 26.36
CA LEU B 136 -3.15 38.65 26.53
C LEU B 136 -2.88 39.73 27.56
N ARG B 137 -3.82 40.67 27.71
CA ARG B 137 -3.75 41.66 28.81
C ARG B 137 -3.53 41.00 30.18
N VAL B 138 -4.02 39.76 30.32
CA VAL B 138 -3.80 38.94 31.51
C VAL B 138 -2.55 38.08 31.39
N ALA B 139 -2.47 37.29 30.33
CA ALA B 139 -1.33 36.39 30.11
C ALA B 139 -0.31 37.21 29.35
N THR B 140 0.46 37.97 30.10
CA THR B 140 1.39 38.95 29.56
C THR B 140 2.65 38.26 29.02
N ASP B 141 3.04 37.17 29.66
CA ASP B 141 4.20 36.37 29.27
C ASP B 141 4.06 35.51 27.98
N PHE B 142 2.86 35.43 27.43
CA PHE B 142 2.66 34.85 26.09
C PHE B 142 2.76 36.01 25.12
N SER B 143 3.58 35.90 24.09
CA SER B 143 3.59 36.88 22.99
C SER B 143 2.88 36.33 21.74
N ILE B 144 2.70 37.20 20.75
CA ILE B 144 2.54 36.75 19.37
C ILE B 144 3.93 36.40 18.85
N ALA B 145 3.99 35.45 17.92
CA ALA B 145 5.24 35.00 17.36
C ALA B 145 5.90 36.04 16.45
N GLU B 146 7.23 36.03 16.51
CA GLU B 146 8.08 36.79 15.62
C GLU B 146 7.81 36.31 14.19
N GLY B 147 6.99 37.08 13.47
CA GLY B 147 6.68 36.82 12.07
C GLY B 147 5.22 37.06 11.77
N ASP B 148 4.34 36.58 12.65
CA ASP B 148 2.91 36.60 12.34
C ASP B 148 2.31 37.96 12.67
N VAL B 149 1.17 38.27 12.03
CA VAL B 149 0.35 39.47 12.30
C VAL B 149 0.05 39.64 13.80
N ASP B 150 0.08 40.88 14.27
CA ASP B 150 -0.51 41.26 15.56
C ASP B 150 -1.82 41.96 15.15
N PRO B 151 -2.95 41.30 15.38
CA PRO B 151 -4.21 41.87 14.91
C PRO B 151 -4.76 43.03 15.74
N ARG B 152 -4.22 43.24 16.95
CA ARG B 152 -4.68 44.32 17.84
C ARG B 152 -4.46 45.63 17.14
N GLY B 153 -5.52 46.41 16.97
CA GLY B 153 -5.51 47.59 16.10
C GLY B 153 -6.34 47.41 14.84
N LEU B 154 -6.23 46.24 14.21
CA LEU B 154 -6.82 46.04 12.87
C LEU B 154 -8.37 46.08 12.92
N PRO B 155 -9.01 46.52 11.84
CA PRO B 155 -10.48 46.53 11.75
C PRO B 155 -11.09 45.16 11.41
N VAL B 156 -12.26 44.89 11.94
CA VAL B 156 -13.00 43.67 11.65
C VAL B 156 -14.10 44.00 10.65
N VAL B 157 -14.02 43.34 9.50
CA VAL B 157 -14.96 43.53 8.40
C VAL B 157 -15.92 42.34 8.37
N ALA B 158 -17.22 42.65 8.31
CA ALA B 158 -18.29 41.64 8.30
C ALA B 158 -18.71 41.27 6.87
N ALA B 159 -19.62 40.31 6.76
CA ALA B 159 -20.02 39.76 5.47
C ALA B 159 -20.62 40.78 4.52
N ASP B 160 -21.20 41.86 5.05
CA ASP B 160 -21.68 42.98 4.21
C ASP B 160 -20.61 44.05 3.92
N GLY B 161 -19.32 43.66 3.89
CA GLY B 161 -18.20 44.57 3.56
C GLY B 161 -18.02 45.80 4.46
N VAL B 162 -18.61 45.73 5.66
CA VAL B 162 -18.77 46.86 6.58
C VAL B 162 -17.82 46.69 7.76
N GLU B 163 -17.21 47.79 8.19
CA GLU B 163 -16.37 47.78 9.40
C GLU B 163 -17.33 47.57 10.57
N ALA B 164 -17.07 46.57 11.40
CA ALA B 164 -17.93 46.31 12.54
C ALA B 164 -17.26 46.58 13.88
N GLY B 165 -15.93 46.63 13.91
CA GLY B 165 -15.22 46.83 15.15
C GLY B 165 -13.72 46.88 15.00
N THR B 166 -13.03 46.99 16.13
CA THR B 166 -11.57 47.03 16.16
C THR B 166 -11.07 45.95 17.10
N VAL B 167 -10.06 45.21 16.66
CA VAL B 167 -9.48 44.15 17.47
C VAL B 167 -8.69 44.76 18.62
N THR B 168 -8.97 44.28 19.83
CA THR B 168 -8.34 44.80 21.04
C THR B 168 -7.48 43.77 21.77
N ASP B 169 -7.76 42.48 21.61
CA ASP B 169 -6.94 41.46 22.29
C ASP B 169 -7.16 40.08 21.68
N LEU B 170 -6.14 39.23 21.81
CA LEU B 170 -6.23 37.82 21.49
C LEU B 170 -6.40 37.10 22.79
N TRP B 171 -7.14 35.99 22.75
CA TRP B 171 -7.31 35.12 23.90
C TRP B 171 -6.57 33.81 23.72
N VAL B 172 -5.51 33.61 24.52
CA VAL B 172 -4.59 32.48 24.35
C VAL B 172 -5.08 31.28 25.14
N ASP B 173 -4.80 30.08 24.63
CA ASP B 173 -4.94 28.84 25.40
C ASP B 173 -3.57 28.59 26.04
N ARG B 174 -3.56 28.55 27.37
CA ARG B 174 -2.32 28.49 28.14
C ARG B 174 -1.79 27.09 28.31
N SER B 175 -2.69 26.11 28.17
CA SER B 175 -2.37 24.69 28.28
C SER B 175 -1.75 24.20 26.98
N GLU B 176 -2.21 24.76 25.85
CA GLU B 176 -1.80 24.36 24.51
C GLU B 176 -1.02 25.41 23.69
N HIS B 177 -0.79 26.62 24.21
CA HIS B 177 -0.07 27.67 23.45
C HIS B 177 -0.70 27.93 22.05
N TYR B 178 -1.98 28.25 22.02
CA TYR B 178 -2.72 28.37 20.76
C TYR B 178 -3.75 29.47 20.96
N PHE B 179 -3.82 30.45 20.06
CA PHE B 179 -4.87 31.47 20.20
C PHE B 179 -6.19 30.89 19.73
N ARG B 180 -7.24 31.09 20.53
CA ARG B 180 -8.61 30.60 20.25
C ARG B 180 -9.64 31.70 19.89
N TYR B 181 -9.44 32.92 20.40
CA TYR B 181 -10.37 34.03 20.13
C TYR B 181 -9.68 35.37 19.96
N LEU B 182 -10.30 36.19 19.09
CA LEU B 182 -10.05 37.60 19.01
C LEU B 182 -11.14 38.30 19.77
N GLU B 183 -10.75 39.31 20.56
CA GLU B 183 -11.68 40.25 21.23
C GLU B 183 -11.74 41.55 20.42
N LEU B 184 -12.95 42.09 20.26
CA LEU B 184 -13.15 43.27 19.44
C LEU B 184 -14.26 44.16 19.97
N SER B 185 -14.03 45.46 19.96
CA SER B 185 -15.02 46.43 20.37
C SER B 185 -15.96 46.64 19.21
N VAL B 186 -17.26 46.49 19.47
CA VAL B 186 -18.28 46.68 18.45
C VAL B 186 -18.52 48.17 18.26
N ALA B 187 -18.31 48.64 17.03
CA ALA B 187 -18.62 50.01 16.64
C ALA B 187 -20.00 50.47 17.12
N GLY B 188 -20.01 51.52 17.95
CA GLY B 188 -21.24 52.15 18.40
C GLY B 188 -22.15 51.26 19.23
N SER B 189 -21.56 50.52 20.16
CA SER B 189 -22.29 49.83 21.22
C SER B 189 -21.19 49.54 22.20
N ALA B 190 -20.99 50.39 23.21
CA ALA B 190 -19.75 50.33 24.02
C ALA B 190 -19.65 48.98 24.77
N ARG B 191 -19.23 47.96 24.01
CA ARG B 191 -19.20 46.54 24.44
C ARG B 191 -18.16 45.77 23.61
N THR B 192 -17.74 44.63 24.16
CA THR B 192 -16.60 43.94 23.63
C THR B 192 -16.96 42.47 23.40
N ALA B 193 -16.94 42.03 22.12
CA ALA B 193 -17.31 40.64 21.70
C ALA B 193 -16.09 39.72 21.48
N LEU B 194 -16.25 38.43 21.74
CA LEU B 194 -15.24 37.42 21.36
C LEU B 194 -15.68 36.79 20.05
N ILE B 195 -14.68 36.37 19.26
CA ILE B 195 -14.93 35.66 18.02
C ILE B 195 -13.85 34.61 17.88
N PRO B 196 -14.23 33.34 17.60
CA PRO B 196 -13.17 32.34 17.45
C PRO B 196 -12.42 32.53 16.14
N LEU B 197 -11.11 32.29 16.18
CA LEU B 197 -10.26 32.37 14.99
C LEU B 197 -10.66 31.44 13.83
N GLY B 198 -11.52 30.46 14.10
CA GLY B 198 -12.18 29.71 13.04
C GLY B 198 -12.78 30.64 12.01
N PHE B 199 -13.65 31.55 12.46
CA PHE B 199 -14.42 32.45 11.56
C PHE B 199 -13.64 33.68 11.08
N CYS B 200 -12.38 33.77 11.49
CA CYS B 200 -11.49 34.88 11.20
C CYS B 200 -10.52 34.56 10.08
N ASP B 201 -10.62 35.38 9.02
CA ASP B 201 -9.61 35.49 7.99
C ASP B 201 -8.63 36.63 8.34
N VAL B 202 -7.43 36.26 8.81
CA VAL B 202 -6.41 37.23 9.27
C VAL B 202 -5.53 37.69 8.12
N LYS B 203 -5.83 38.88 7.62
CA LYS B 203 -5.00 39.58 6.63
C LYS B 203 -4.10 40.57 7.39
N LYS B 204 -3.30 41.36 6.67
CA LYS B 204 -2.33 42.23 7.34
C LYS B 204 -2.91 43.58 7.74
N ASP B 205 -3.88 44.07 6.96
CA ASP B 205 -4.54 45.35 7.25
C ASP B 205 -5.94 45.21 7.86
N LYS B 206 -6.48 44.00 7.88
CA LYS B 206 -7.81 43.74 8.45
C LYS B 206 -8.06 42.25 8.80
N ILE B 207 -9.11 42.05 9.58
CA ILE B 207 -9.70 40.72 9.87
C ILE B 207 -11.03 40.63 9.12
N VAL B 208 -11.22 39.58 8.32
CA VAL B 208 -12.52 39.39 7.59
C VAL B 208 -13.32 38.22 8.14
N VAL B 209 -14.62 38.47 8.26
CA VAL B 209 -15.53 37.55 8.92
C VAL B 209 -16.75 37.48 8.02
N THR B 210 -16.84 36.44 7.20
CA THR B 210 -18.01 36.25 6.33
C THR B 210 -19.18 35.48 7.00
N SER B 211 -18.96 34.96 8.21
CA SER B 211 -20.02 34.23 8.92
C SER B 211 -21.28 35.06 9.29
N ILE B 212 -21.10 36.25 9.84
CA ILE B 212 -22.26 37.14 10.14
C ILE B 212 -22.14 38.51 9.50
N LEU B 213 -23.28 39.20 9.43
CA LEU B 213 -23.32 40.60 9.04
C LEU B 213 -22.80 41.53 10.15
N SER B 214 -22.51 42.78 9.74
CA SER B 214 -22.04 43.83 10.64
C SER B 214 -23.01 44.03 11.80
N GLU B 215 -24.27 44.25 11.43
CA GLU B 215 -25.37 44.53 12.38
C GLU B 215 -25.61 43.42 13.42
N GLN B 216 -25.36 42.17 13.06
CA GLN B 216 -25.48 41.04 14.00
C GLN B 216 -24.41 40.95 15.10
N PHE B 217 -23.27 41.64 14.96
CA PHE B 217 -22.26 41.68 16.05
C PHE B 217 -22.80 42.25 17.37
N ALA B 218 -23.86 43.05 17.27
CA ALA B 218 -24.70 43.48 18.38
C ALA B 218 -24.95 42.41 19.46
N ASN B 219 -25.53 41.29 19.01
CA ASN B 219 -26.11 40.29 19.88
C ASN B 219 -25.26 39.04 20.07
N VAL B 220 -23.94 39.17 19.86
CA VAL B 220 -22.97 38.12 20.20
C VAL B 220 -23.04 38.00 21.71
N PRO B 221 -23.16 36.77 22.23
CA PRO B 221 -23.26 36.54 23.67
C PRO B 221 -22.23 37.27 24.55
N ARG B 222 -22.72 37.92 25.62
CA ARG B 222 -21.88 38.61 26.58
C ARG B 222 -21.35 37.58 27.58
N LEU B 223 -20.19 37.81 28.18
CA LEU B 223 -19.67 36.86 29.19
C LEU B 223 -19.78 37.32 30.66
N GLN B 224 -19.45 36.42 31.59
CA GLN B 224 -19.60 36.63 33.03
C GLN B 224 -18.59 37.66 33.55
N SER B 225 -17.30 37.32 33.60
CA SER B 225 -16.26 38.34 33.67
C SER B 225 -15.91 38.73 32.23
N ARG B 226 -15.10 39.77 32.04
CA ARG B 226 -14.54 40.09 30.71
C ARG B 226 -13.08 39.62 30.63
N ASP B 227 -12.61 38.92 31.66
CA ASP B 227 -11.22 38.40 31.79
C ASP B 227 -11.04 36.87 31.91
N GLN B 228 -12.15 36.13 31.81
CA GLN B 228 -12.16 34.66 31.70
C GLN B 228 -13.43 34.23 30.97
N ILE B 229 -13.49 32.95 30.64
CA ILE B 229 -14.66 32.41 29.93
C ILE B 229 -14.98 31.00 30.44
N THR B 230 -16.27 30.71 30.60
CA THR B 230 -16.73 29.38 31.00
C THR B 230 -16.94 28.51 29.77
N LEU B 231 -16.72 27.19 29.97
CA LEU B 231 -16.92 26.18 28.94
C LEU B 231 -18.21 26.39 28.17
N ARG B 232 -19.28 26.71 28.90
CA ARG B 232 -20.56 26.99 28.25
C ARG B 232 -20.50 28.26 27.43
N GLU B 233 -19.96 29.32 28.02
CA GLU B 233 -19.85 30.60 27.32
C GLU B 233 -19.19 30.39 25.96
N GLU B 234 -18.08 29.65 25.97
CA GLU B 234 -17.40 29.24 24.73
C GLU B 234 -18.35 28.63 23.72
N ASP B 235 -19.18 27.66 24.16
CA ASP B 235 -20.23 27.10 23.29
C ASP B 235 -21.19 28.19 22.78
N LYS B 236 -21.71 29.00 23.68
CA LYS B 236 -22.71 30.02 23.32
C LYS B 236 -22.20 30.95 22.22
N VAL B 237 -20.95 31.38 22.39
CA VAL B 237 -20.22 32.30 21.50
C VAL B 237 -20.03 31.69 20.10
N SER B 238 -19.34 30.54 20.06
CA SER B 238 -19.04 29.85 18.80
C SER B 238 -20.31 29.53 18.02
N ALA B 239 -21.28 28.93 18.73
CA ALA B 239 -22.59 28.60 18.17
C ALA B 239 -23.19 29.75 17.41
N TYR B 240 -23.11 30.94 18.02
CA TYR B 240 -23.64 32.15 17.43
C TYR B 240 -23.20 32.31 15.98
N TYR B 241 -21.89 32.42 15.78
CA TYR B 241 -21.34 32.74 14.44
C TYR B 241 -21.63 31.65 13.39
N ALA B 242 -21.56 30.38 13.83
CA ALA B 242 -21.91 29.22 13.01
C ALA B 242 -23.36 29.25 12.59
N GLY B 243 -24.25 29.57 13.53
CA GLY B 243 -25.66 29.85 13.19
C GLY B 243 -25.83 30.85 12.07
N GLY B 244 -24.90 31.80 12.01
CA GLY B 244 -24.76 32.74 10.91
C GLY B 244 -24.64 32.10 9.54
N LEU B 245 -23.96 30.96 9.48
CA LEU B 245 -23.71 30.27 8.21
C LEU B 245 -25.00 29.91 7.45
N LEU B 246 -26.07 29.63 8.20
CA LEU B 246 -27.34 29.25 7.62
C LEU B 246 -28.39 30.36 7.65
N TYR B 247 -28.17 31.36 8.52
CA TYR B 247 -29.20 32.32 8.91
C TYR B 247 -28.89 33.82 8.66
N ALA B 248 -27.63 34.24 8.83
CA ALA B 248 -27.20 35.67 8.68
C ALA B 248 -27.90 36.50 7.59
N THR B 249 -28.19 35.88 6.47
CA THR B 249 -29.05 36.45 5.44
C THR B 249 -30.06 35.35 5.07
N PRO B 250 -31.35 35.70 4.86
CA PRO B 250 -32.36 34.76 4.34
C PRO B 250 -31.96 33.79 3.20
N GLU B 251 -31.08 34.21 2.29
CA GLU B 251 -30.65 33.38 1.12
C GLU B 251 -29.76 32.17 1.43
N ARG B 252 -29.26 32.06 2.67
CA ARG B 252 -28.36 30.96 3.05
C ARG B 252 -29.05 29.65 3.44
N ALA B 253 -30.26 29.74 4.02
CA ALA B 253 -31.15 28.57 4.14
C ALA B 253 -31.46 27.97 2.75
N GLU B 254 -31.91 28.82 1.81
CA GLU B 254 -32.31 28.40 0.45
C GLU B 254 -31.21 27.66 -0.31
N SER B 255 -31.65 26.76 -1.18
CA SER B 255 -30.77 25.81 -1.84
C SER B 255 -29.91 26.48 -2.95
N LEU B 256 -28.60 26.32 -2.84
CA LEU B 256 -27.61 27.03 -3.67
C LEU B 256 -27.80 26.88 -5.18
N LEU B 257 -28.31 25.73 -5.61
CA LEU B 257 -28.59 25.48 -7.01
C LEU B 257 -30.12 25.34 -7.21
N ALA C 1 -36.73 7.83 18.29
CA ALA C 1 -35.98 8.23 17.07
C ALA C 1 -34.78 9.04 17.47
N LEU C 2 -34.93 9.87 18.50
CA LEU C 2 -34.03 10.99 18.74
C LEU C 2 -33.13 10.81 19.94
N LEU C 3 -31.87 11.23 19.77
CA LEU C 3 -30.93 11.31 20.87
C LEU C 3 -31.35 12.45 21.79
N SER C 4 -30.92 12.36 23.05
CA SER C 4 -31.30 13.35 24.07
C SER C 4 -31.05 14.81 23.68
N PHE C 5 -30.11 15.07 22.77
CA PHE C 5 -29.74 16.43 22.34
C PHE C 5 -30.01 16.72 20.86
N GLU C 6 -30.59 15.75 20.17
CA GLU C 6 -30.69 15.84 18.71
C GLU C 6 -31.72 16.89 18.25
N ARG C 7 -32.82 17.06 19.00
CA ARG C 7 -33.99 17.72 18.43
C ARG C 7 -33.73 19.15 18.02
N LYS C 8 -32.98 19.86 18.85
CA LYS C 8 -32.60 21.24 18.60
C LYS C 8 -31.85 21.50 17.30
N TYR C 9 -31.05 20.53 16.82
CA TYR C 9 -30.27 20.70 15.56
C TYR C 9 -31.03 20.40 14.26
N ARG C 10 -32.20 19.77 14.42
CA ARG C 10 -33.03 19.26 13.32
C ARG C 10 -33.93 20.31 12.74
N VAL C 11 -33.32 21.33 12.13
CA VAL C 11 -34.06 22.42 11.51
C VAL C 11 -34.04 22.20 10.02
N ARG C 12 -34.99 22.79 9.29
CA ARG C 12 -34.91 22.76 7.84
C ARG C 12 -33.81 23.71 7.43
N GLY C 13 -33.17 23.37 6.32
CA GLY C 13 -32.17 24.23 5.68
C GLY C 13 -30.90 23.54 5.26
N GLY C 14 -30.15 24.21 4.40
CA GLY C 14 -28.80 23.79 4.02
C GLY C 14 -28.75 22.80 2.88
N THR C 15 -29.87 22.64 2.15
CA THR C 15 -29.89 21.78 0.97
C THR C 15 -29.11 22.41 -0.18
N LEU C 16 -28.71 21.57 -1.13
CA LEU C 16 -28.05 22.01 -2.35
C LEU C 16 -29.04 22.09 -3.48
N ILE C 17 -29.98 21.15 -3.52
CA ILE C 17 -30.98 21.06 -4.56
C ILE C 17 -32.35 20.77 -3.91
N GLY C 18 -33.36 21.51 -4.34
CA GLY C 18 -34.75 21.12 -4.14
C GLY C 18 -35.39 21.55 -2.84
N GLY C 19 -34.90 22.64 -2.27
CA GLY C 19 -35.50 23.26 -1.10
C GLY C 19 -35.96 22.26 -0.05
N ASP C 20 -37.07 22.57 0.61
CA ASP C 20 -37.59 21.69 1.66
C ASP C 20 -38.59 20.62 1.18
N LEU C 21 -38.47 20.23 -0.09
CA LEU C 21 -39.21 19.09 -0.66
C LEU C 21 -38.55 17.73 -0.29
N PHE C 22 -37.23 17.69 -0.24
CA PHE C 22 -36.51 16.51 0.27
C PHE C 22 -35.76 16.80 1.57
N ASP C 23 -36.15 17.85 2.29
CA ASP C 23 -35.47 18.27 3.52
C ASP C 23 -36.22 17.69 4.73
N PHE C 24 -35.91 16.42 5.01
CA PHE C 24 -36.51 15.66 6.13
C PHE C 24 -35.74 14.38 6.44
N TRP C 25 -36.11 13.76 7.55
CA TRP C 25 -35.52 12.50 7.97
C TRP C 25 -36.44 11.29 7.86
N VAL C 26 -35.81 10.14 7.91
CA VAL C 26 -36.45 8.83 7.95
C VAL C 26 -35.68 8.08 9.05
N GLY C 27 -36.21 8.12 10.25
CA GLY C 27 -35.55 7.48 11.39
C GLY C 27 -34.37 8.33 11.73
N PRO C 28 -33.15 7.77 11.65
CA PRO C 28 -31.96 8.55 11.89
C PRO C 28 -31.40 9.18 10.61
N TYR C 29 -31.83 8.71 9.45
CA TYR C 29 -31.19 9.05 8.19
C TYR C 29 -31.75 10.34 7.63
N PHE C 30 -30.89 11.33 7.42
CA PHE C 30 -31.28 12.47 6.60
C PHE C 30 -31.43 12.00 5.16
N VAL C 31 -32.56 12.36 4.58
CA VAL C 31 -32.84 12.01 3.20
C VAL C 31 -32.71 13.25 2.40
N GLY C 32 -31.59 13.48 1.73
CA GLY C 32 -31.49 14.70 0.95
C GLY C 32 -32.13 14.48 -0.39
N PHE C 33 -31.89 15.39 -1.33
CA PHE C 33 -32.17 15.08 -2.74
C PHE C 33 -31.28 13.90 -3.15
N PHE C 34 -30.00 13.98 -2.70
CA PHE C 34 -29.02 12.91 -2.95
C PHE C 34 -29.33 11.67 -2.18
N GLY C 35 -29.64 11.80 -0.89
CA GLY C 35 -30.34 10.65 -0.25
C GLY C 35 -31.22 9.78 -1.24
N VAL C 36 -32.13 10.46 -1.96
CA VAL C 36 -32.99 9.88 -3.04
C VAL C 36 -32.16 9.31 -4.22
N SER C 37 -31.33 10.12 -4.91
CA SER C 37 -30.50 9.68 -6.05
C SER C 37 -29.50 8.56 -5.69
N ALA C 38 -28.97 8.57 -4.46
CA ALA C 38 -28.15 7.47 -3.89
C ALA C 38 -28.93 6.14 -3.88
N ILE C 39 -30.06 6.14 -3.19
CA ILE C 39 -30.94 4.98 -3.11
C ILE C 39 -31.34 4.51 -4.51
N PHE C 40 -31.66 5.44 -5.41
CA PHE C 40 -31.98 5.09 -6.79
C PHE C 40 -30.85 4.25 -7.41
N PHE C 41 -29.63 4.77 -7.38
CA PHE C 41 -28.48 4.06 -7.94
C PHE C 41 -28.13 2.76 -7.24
N ILE C 42 -28.28 2.75 -5.91
CA ILE C 42 -27.99 1.55 -5.14
C ILE C 42 -28.94 0.46 -5.59
N PHE C 43 -30.21 0.83 -5.76
CA PHE C 43 -31.24 -0.14 -6.09
C PHE C 43 -30.92 -0.80 -7.42
N LEU C 44 -30.89 0.02 -8.47
CA LEU C 44 -30.33 -0.36 -9.79
C LEU C 44 -29.06 -1.24 -9.78
N GLY C 45 -28.05 -0.79 -9.05
CA GLY C 45 -26.78 -1.49 -8.96
C GLY C 45 -26.94 -2.87 -8.36
N VAL C 46 -27.53 -2.91 -7.18
CA VAL C 46 -27.73 -4.17 -6.47
C VAL C 46 -28.62 -5.09 -7.30
N SER C 47 -29.64 -4.56 -7.98
CA SER C 47 -30.41 -5.33 -8.96
C SER C 47 -29.52 -5.89 -10.06
N LEU C 48 -28.90 -5.00 -10.84
CA LEU C 48 -27.97 -5.43 -11.89
C LEU C 48 -27.03 -6.54 -11.45
N ILE C 49 -26.49 -6.43 -10.24
CA ILE C 49 -25.54 -7.42 -9.72
C ILE C 49 -26.19 -8.78 -9.57
N GLY C 50 -27.35 -8.83 -8.93
CA GLY C 50 -28.09 -10.09 -8.74
C GLY C 50 -28.57 -10.73 -10.03
N TYR C 51 -28.99 -9.89 -10.98
CA TYR C 51 -29.43 -10.34 -12.31
C TYR C 51 -28.27 -10.95 -13.10
N ALA C 52 -27.13 -10.27 -13.10
CA ALA C 52 -25.88 -10.80 -13.67
C ALA C 52 -25.32 -12.04 -12.94
N ALA C 53 -25.55 -12.12 -11.64
CA ALA C 53 -25.00 -13.21 -10.81
C ALA C 53 -25.71 -14.52 -11.09
N SER C 54 -27.01 -14.40 -11.37
CA SER C 54 -27.90 -15.51 -11.70
C SER C 54 -27.59 -16.07 -13.09
N GLN C 55 -27.29 -15.18 -14.03
CA GLN C 55 -26.84 -15.61 -15.36
C GLN C 55 -25.45 -16.29 -15.35
N GLY C 56 -24.69 -16.16 -14.26
CA GLY C 56 -23.40 -16.85 -14.05
C GLY C 56 -23.53 -18.20 -13.36
N PRO C 57 -22.40 -18.85 -13.01
CA PRO C 57 -22.37 -20.25 -12.51
C PRO C 57 -22.78 -20.48 -11.06
N THR C 58 -21.95 -20.09 -10.10
CA THR C 58 -22.23 -20.36 -8.70
C THR C 58 -23.02 -19.22 -8.04
N TRP C 59 -23.39 -19.51 -6.79
CA TRP C 59 -23.97 -18.56 -5.84
C TRP C 59 -23.17 -18.35 -4.54
N ASP C 60 -22.06 -19.09 -4.32
CA ASP C 60 -21.13 -18.83 -3.19
C ASP C 60 -20.60 -17.40 -3.37
N PRO C 61 -20.90 -16.50 -2.40
CA PRO C 61 -20.56 -15.09 -2.58
C PRO C 61 -19.06 -14.82 -2.79
N PHE C 62 -18.22 -15.71 -2.26
CA PHE C 62 -16.77 -15.72 -2.48
C PHE C 62 -16.37 -15.92 -3.96
N ALA C 63 -17.04 -16.83 -4.64
CA ALA C 63 -16.71 -17.17 -6.03
C ALA C 63 -17.53 -16.41 -7.11
N ILE C 64 -18.44 -15.52 -6.72
CA ILE C 64 -19.17 -14.69 -7.71
C ILE C 64 -18.24 -13.62 -8.24
N SER C 65 -18.29 -13.43 -9.56
CA SER C 65 -17.55 -12.38 -10.22
C SER C 65 -18.41 -11.83 -11.36
N ILE C 66 -18.52 -10.50 -11.42
CA ILE C 66 -19.00 -9.80 -12.60
C ILE C 66 -17.74 -9.23 -13.23
N ASN C 67 -17.29 -9.77 -14.36
CA ASN C 67 -16.07 -9.23 -14.99
C ASN C 67 -16.39 -8.23 -16.14
N PRO C 68 -15.43 -7.31 -16.43
CA PRO C 68 -15.52 -6.41 -17.60
C PRO C 68 -15.25 -7.16 -18.88
N PRO C 69 -15.33 -6.48 -20.04
CA PRO C 69 -15.27 -7.22 -21.32
C PRO C 69 -13.87 -7.67 -21.70
N ASP C 70 -13.76 -8.51 -22.73
CA ASP C 70 -12.44 -8.73 -23.34
C ASP C 70 -11.85 -7.37 -23.77
N LEU C 71 -10.55 -7.33 -24.08
CA LEU C 71 -9.93 -6.06 -24.52
C LEU C 71 -10.39 -5.62 -25.92
N LYS C 72 -10.74 -6.59 -26.77
CA LYS C 72 -11.14 -6.30 -28.15
C LYS C 72 -12.29 -5.29 -28.26
N TYR C 73 -13.22 -5.28 -27.31
CA TYR C 73 -14.36 -4.34 -27.35
C TYR C 73 -13.96 -2.88 -27.10
N GLY C 74 -12.69 -2.63 -26.77
CA GLY C 74 -12.13 -1.28 -26.73
C GLY C 74 -12.82 -0.42 -25.70
N LEU C 75 -13.23 0.78 -26.10
CA LEU C 75 -13.97 1.69 -25.22
C LEU C 75 -15.48 1.75 -25.54
N GLY C 76 -16.00 0.68 -26.15
CA GLY C 76 -17.40 0.60 -26.54
C GLY C 76 -18.21 -0.12 -25.49
N ALA C 77 -19.52 -0.14 -25.68
CA ALA C 77 -20.37 -1.04 -24.89
C ALA C 77 -20.13 -2.47 -25.35
N ALA C 78 -20.57 -3.40 -24.51
CA ALA C 78 -20.34 -4.81 -24.71
C ALA C 78 -21.63 -5.54 -24.36
N PRO C 79 -21.74 -6.82 -24.77
CA PRO C 79 -22.95 -7.58 -24.44
C PRO C 79 -23.13 -7.71 -22.94
N LEU C 80 -24.36 -7.73 -22.47
CA LEU C 80 -24.63 -7.69 -21.03
C LEU C 80 -23.99 -8.85 -20.28
N LEU C 81 -23.99 -10.04 -20.89
CA LEU C 81 -23.35 -11.20 -20.29
C LEU C 81 -21.84 -11.03 -20.34
N GLU C 82 -21.29 -10.73 -21.51
CA GLU C 82 -19.82 -10.65 -21.67
C GLU C 82 -19.18 -9.27 -21.42
N GLY C 83 -19.66 -8.59 -20.35
CA GLY C 83 -19.02 -7.40 -19.79
C GLY C 83 -19.87 -6.16 -19.64
N GLY C 84 -21.02 -6.13 -20.28
CA GLY C 84 -21.92 -5.00 -20.18
C GLY C 84 -22.46 -4.76 -18.78
N PHE C 85 -22.92 -5.83 -18.12
CA PHE C 85 -23.42 -5.75 -16.74
C PHE C 85 -22.43 -5.04 -15.83
N TRP C 86 -21.15 -5.39 -15.99
CA TRP C 86 -20.06 -4.67 -15.32
C TRP C 86 -20.10 -3.17 -15.62
N GLN C 87 -20.19 -2.81 -16.90
CA GLN C 87 -20.24 -1.39 -17.32
C GLN C 87 -21.38 -0.63 -16.66
N ALA C 88 -22.57 -1.24 -16.68
CA ALA C 88 -23.75 -0.74 -15.98
C ALA C 88 -23.52 -0.53 -14.49
N ILE C 89 -23.06 -1.58 -13.83
CA ILE C 89 -22.78 -1.53 -12.40
C ILE C 89 -21.78 -0.40 -12.09
N THR C 90 -20.71 -0.31 -12.87
CA THR C 90 -19.68 0.71 -12.69
C THR C 90 -20.28 2.12 -12.61
N VAL C 91 -21.25 2.37 -13.48
CA VAL C 91 -21.96 3.65 -13.55
C VAL C 91 -22.84 3.86 -12.32
N CYS C 92 -23.64 2.86 -11.99
CA CYS C 92 -24.46 2.88 -10.78
C CYS C 92 -23.62 3.16 -9.52
N ALA C 93 -22.42 2.59 -9.47
CA ALA C 93 -21.52 2.79 -8.34
C ALA C 93 -21.09 4.26 -8.25
N LEU C 94 -20.61 4.79 -9.37
CA LEU C 94 -20.24 6.20 -9.42
C LEU C 94 -21.41 7.11 -9.08
N GLY C 95 -22.60 6.75 -9.57
CA GLY C 95 -23.85 7.43 -9.18
C GLY C 95 -23.96 7.50 -7.67
N ALA C 96 -23.96 6.32 -7.05
CA ALA C 96 -24.09 6.14 -5.60
C ALA C 96 -23.02 6.87 -4.77
N PHE C 97 -21.76 6.78 -5.18
CA PHE C 97 -20.65 7.36 -4.41
C PHE C 97 -20.70 8.88 -4.41
N ILE C 98 -20.93 9.45 -5.59
CA ILE C 98 -21.03 10.90 -5.72
C ILE C 98 -22.25 11.38 -4.94
N SER C 99 -23.38 10.67 -5.09
CA SER C 99 -24.60 11.00 -4.32
C SER C 99 -24.30 11.00 -2.82
N TRP C 100 -23.62 9.96 -2.36
CA TRP C 100 -23.26 9.82 -0.95
C TRP C 100 -22.46 11.02 -0.48
N MET C 101 -21.45 11.39 -1.26
CA MET C 101 -20.58 12.50 -0.92
C MET C 101 -21.33 13.82 -0.81
N LEU C 102 -22.18 14.12 -1.80
CA LEU C 102 -22.98 15.37 -1.80
C LEU C 102 -24.05 15.43 -0.72
N ARG C 103 -24.60 14.27 -0.34
CA ARG C 103 -25.51 14.20 0.80
C ARG C 103 -24.78 14.63 2.07
N GLU C 104 -23.51 14.25 2.21
CA GLU C 104 -22.72 14.63 3.38
C GLU C 104 -22.54 16.14 3.43
N VAL C 105 -22.43 16.74 2.24
CA VAL C 105 -22.32 18.19 2.13
C VAL C 105 -23.59 18.84 2.72
N GLU C 106 -24.76 18.45 2.19
CA GLU C 106 -26.06 18.95 2.69
C GLU C 106 -26.17 18.89 4.24
N ILE C 107 -25.82 17.73 4.83
CA ILE C 107 -25.80 17.51 6.30
C ILE C 107 -24.81 18.47 6.98
N SER C 108 -23.60 18.54 6.44
CA SER C 108 -22.57 19.44 6.95
C SER C 108 -23.09 20.90 7.04
N ARG C 109 -23.85 21.37 6.05
CA ARG C 109 -24.38 22.74 6.05
C ARG C 109 -25.44 22.96 7.15
N LYS C 110 -26.36 22.01 7.29
CA LYS C 110 -27.42 22.08 8.30
C LYS C 110 -26.93 22.10 9.77
N LEU C 111 -25.69 21.66 9.99
CA LEU C 111 -25.10 21.70 11.32
C LEU C 111 -24.14 22.87 11.52
N GLY C 112 -23.79 23.56 10.44
CA GLY C 112 -22.85 24.70 10.52
C GLY C 112 -21.39 24.27 10.73
N ILE C 113 -21.09 23.09 10.22
CA ILE C 113 -19.78 22.51 10.35
C ILE C 113 -19.06 22.58 8.99
N GLY C 114 -17.79 22.18 9.04
CA GLY C 114 -16.95 22.08 7.88
C GLY C 114 -17.30 20.93 6.98
N TRP C 115 -16.95 21.13 5.71
CA TRP C 115 -17.21 20.14 4.69
C TRP C 115 -16.02 19.19 4.56
N HIS C 116 -15.27 19.03 5.64
CA HIS C 116 -14.02 18.30 5.62
C HIS C 116 -14.27 16.82 5.34
N VAL C 117 -15.40 16.31 5.80
CA VAL C 117 -15.65 14.87 5.64
C VAL C 117 -15.98 14.54 4.16
N PRO C 118 -16.99 15.19 3.54
CA PRO C 118 -17.21 14.97 2.08
C PRO C 118 -15.95 15.13 1.21
N LEU C 119 -15.14 16.15 1.54
CA LEU C 119 -13.83 16.39 0.93
C LEU C 119 -13.00 15.17 1.00
N ALA C 120 -12.72 14.72 2.22
CA ALA C 120 -11.86 13.56 2.45
C ALA C 120 -12.36 12.32 1.65
N PHE C 121 -13.68 12.16 1.62
CA PHE C 121 -14.35 11.07 0.89
C PHE C 121 -14.23 11.19 -0.65
N CYS C 122 -13.83 12.36 -1.16
CA CYS C 122 -13.46 12.47 -2.59
C CYS C 122 -12.19 11.67 -2.92
N VAL C 123 -11.28 11.57 -1.95
CA VAL C 123 -10.05 10.80 -2.14
C VAL C 123 -10.31 9.34 -2.58
N PRO C 124 -11.09 8.55 -1.83
CA PRO C 124 -11.36 7.20 -2.33
C PRO C 124 -12.21 7.15 -3.61
N ILE C 125 -13.18 8.06 -3.78
CA ILE C 125 -13.98 8.11 -5.04
C ILE C 125 -13.07 8.38 -6.23
N PHE C 126 -12.09 9.24 -6.01
CA PHE C 126 -11.08 9.56 -7.04
C PHE C 126 -10.33 8.29 -7.45
N MET C 127 -9.68 7.64 -6.49
CA MET C 127 -8.90 6.42 -6.72
C MET C 127 -9.68 5.36 -7.48
N PHE C 128 -10.99 5.23 -7.18
CA PHE C 128 -11.88 4.30 -7.88
C PHE C 128 -11.90 4.59 -9.37
N CYS C 129 -12.01 5.87 -9.71
CA CYS C 129 -11.95 6.34 -11.10
C CYS C 129 -10.59 6.10 -11.77
N VAL C 130 -9.52 6.18 -10.98
CA VAL C 130 -8.18 5.94 -11.50
C VAL C 130 -8.11 4.49 -11.98
N LEU C 131 -8.65 3.57 -11.19
CA LEU C 131 -8.58 2.15 -11.49
C LEU C 131 -9.54 1.78 -12.61
N GLN C 132 -10.79 2.20 -12.44
CA GLN C 132 -11.88 1.78 -13.31
C GLN C 132 -12.14 2.66 -14.52
N VAL C 133 -11.52 3.83 -14.62
CA VAL C 133 -11.88 4.76 -15.70
C VAL C 133 -10.73 5.43 -16.41
N PHE C 134 -9.94 6.19 -15.65
CA PHE C 134 -8.84 6.96 -16.21
C PHE C 134 -7.78 6.04 -16.81
N ARG C 135 -7.26 5.13 -16.02
CA ARG C 135 -6.26 4.22 -16.54
C ARG C 135 -6.78 3.40 -17.72
N PRO C 136 -8.00 2.83 -17.62
CA PRO C 136 -8.61 2.19 -18.78
C PRO C 136 -8.72 3.06 -20.03
N LEU C 137 -9.09 4.33 -19.88
CA LEU C 137 -9.13 5.23 -21.05
C LEU C 137 -7.76 5.34 -21.68
N LEU C 138 -6.75 5.57 -20.85
CA LEU C 138 -5.37 5.64 -21.32
C LEU C 138 -4.83 4.40 -22.02
N LEU C 139 -5.34 3.22 -21.69
CA LEU C 139 -4.93 2.01 -22.42
C LEU C 139 -5.98 1.58 -23.46
N GLY C 140 -7.02 2.39 -23.60
CA GLY C 140 -8.02 2.24 -24.66
C GLY C 140 -9.01 1.10 -24.51
N SER C 141 -9.12 0.53 -23.31
CA SER C 141 -9.96 -0.63 -23.09
C SER C 141 -10.55 -0.63 -21.68
N TRP C 142 -11.84 -0.90 -21.60
CA TRP C 142 -12.46 -1.14 -20.29
C TRP C 142 -11.93 -2.44 -19.64
N GLY C 143 -11.50 -3.42 -20.44
CA GLY C 143 -11.06 -4.74 -19.94
C GLY C 143 -9.87 -4.66 -19.01
N HIS C 144 -9.10 -3.57 -19.14
CA HIS C 144 -8.02 -3.22 -18.19
C HIS C 144 -8.45 -2.93 -16.71
N ALA C 145 -9.76 -2.69 -16.50
CA ALA C 145 -10.35 -2.45 -15.18
C ALA C 145 -10.52 -3.76 -14.45
N PHE C 146 -11.06 -3.64 -13.22
CA PHE C 146 -11.03 -4.69 -12.21
C PHE C 146 -12.41 -5.30 -12.03
N PRO C 147 -12.48 -6.65 -11.83
CA PRO C 147 -13.78 -7.32 -11.75
C PRO C 147 -14.41 -7.11 -10.38
N TYR C 148 -15.74 -7.08 -10.36
CA TYR C 148 -16.48 -6.96 -9.11
C TYR C 148 -16.76 -8.38 -8.59
N GLY C 149 -15.99 -8.79 -7.60
CA GLY C 149 -16.24 -10.03 -6.87
C GLY C 149 -15.33 -10.04 -5.68
N ILE C 150 -15.70 -10.80 -4.65
CA ILE C 150 -15.02 -10.71 -3.37
C ILE C 150 -13.58 -11.17 -3.50
N LEU C 151 -13.38 -12.39 -3.97
CA LEU C 151 -12.04 -12.93 -4.21
C LEU C 151 -11.53 -12.70 -5.61
N SER C 152 -12.44 -12.51 -6.56
CA SER C 152 -12.03 -12.35 -7.95
C SER C 152 -11.16 -11.10 -8.13
N HIS C 153 -11.52 -10.02 -7.43
CA HIS C 153 -10.77 -8.75 -7.54
C HIS C 153 -9.34 -8.86 -7.01
N LEU C 154 -9.09 -9.78 -6.09
CA LEU C 154 -7.74 -10.00 -5.57
C LEU C 154 -6.82 -10.64 -6.59
N ASP C 155 -7.39 -11.39 -7.52
CA ASP C 155 -6.59 -12.00 -8.58
C ASP C 155 -6.26 -11.01 -9.68
N TRP C 156 -7.14 -10.05 -9.90
CA TRP C 156 -6.83 -8.92 -10.76
C TRP C 156 -5.65 -8.11 -10.18
N VAL C 157 -5.69 -7.80 -8.87
CA VAL C 157 -4.61 -7.04 -8.20
C VAL C 157 -3.31 -7.84 -8.31
N ASN C 158 -3.43 -9.13 -7.99
CA ASN C 158 -2.33 -10.10 -8.08
C ASN C 158 -1.58 -10.07 -9.41
N ASN C 159 -2.31 -10.30 -10.51
CA ASN C 159 -1.72 -10.36 -11.86
C ASN C 159 -1.27 -8.98 -12.35
N PHE C 160 -2.08 -7.95 -12.08
CA PHE C 160 -1.72 -6.57 -12.47
C PHE C 160 -0.32 -6.29 -11.92
N GLY C 161 -0.08 -6.54 -10.63
CA GLY C 161 1.26 -6.42 -10.04
C GLY C 161 2.34 -7.18 -10.80
N TYR C 162 2.09 -8.46 -11.01
CA TYR C 162 3.07 -9.36 -11.64
C TYR C 162 3.26 -9.08 -13.14
N GLN C 163 2.35 -8.33 -13.76
CA GLN C 163 2.58 -7.83 -15.12
C GLN C 163 3.83 -6.96 -15.16
N TYR C 164 4.14 -6.25 -14.06
CA TYR C 164 5.34 -5.38 -13.98
C TYR C 164 6.42 -6.03 -13.07
N LEU C 165 6.45 -7.35 -13.11
CA LEU C 165 7.48 -8.21 -12.51
C LEU C 165 7.59 -8.24 -10.98
N ASN C 166 7.92 -7.12 -10.35
CA ASN C 166 7.86 -7.03 -8.90
C ASN C 166 7.33 -5.67 -8.57
N TRP C 167 6.01 -5.61 -8.41
CA TRP C 167 5.29 -4.36 -8.12
C TRP C 167 5.73 -3.67 -6.82
N HIS C 168 6.35 -4.41 -5.91
CA HIS C 168 6.90 -3.74 -4.74
C HIS C 168 7.90 -2.61 -5.04
N TYR C 169 8.55 -2.68 -6.19
CA TYR C 169 9.55 -1.68 -6.59
C TYR C 169 8.94 -0.47 -7.33
N ASN C 170 7.64 -0.50 -7.61
CA ASN C 170 6.94 0.69 -8.10
C ASN C 170 7.10 1.83 -7.05
N PRO C 171 7.68 2.96 -7.47
CA PRO C 171 7.99 4.02 -6.51
C PRO C 171 6.73 4.68 -5.91
N GLY C 172 5.67 4.72 -6.71
CA GLY C 172 4.38 5.26 -6.26
C GLY C 172 3.71 4.34 -5.27
N HIS C 173 3.96 3.04 -5.43
CA HIS C 173 3.54 2.02 -4.49
C HIS C 173 4.25 2.13 -3.17
N MET C 174 5.56 2.28 -3.24
CA MET C 174 6.39 2.45 -2.04
C MET C 174 5.93 3.62 -1.20
N SER C 175 5.58 4.70 -1.87
CA SER C 175 5.00 5.84 -1.19
C SER C 175 3.69 5.44 -0.52
N SER C 176 2.80 4.84 -1.31
CA SER C 176 1.44 4.49 -0.88
C SER C 176 1.43 3.58 0.33
N VAL C 177 2.23 2.52 0.26
CA VAL C 177 2.41 1.57 1.36
C VAL C 177 2.91 2.29 2.58
N SER C 178 3.94 3.09 2.39
CA SER C 178 4.55 3.83 3.48
C SER C 178 3.50 4.66 4.21
N PHE C 179 2.63 5.32 3.47
CA PHE C 179 1.50 6.04 4.07
C PHE C 179 0.44 5.17 4.77
N LEU C 180 0.10 4.03 4.18
CA LEU C 180 -0.83 3.10 4.81
C LEU C 180 -0.33 2.75 6.19
N PHE C 181 0.88 2.22 6.22
CA PHE C 181 1.53 1.79 7.44
C PHE C 181 1.62 2.90 8.51
N VAL C 182 2.13 4.06 8.15
CA VAL C 182 2.28 5.13 9.14
C VAL C 182 0.91 5.62 9.66
N ASN C 183 -0.12 5.53 8.83
CA ASN C 183 -1.43 6.03 9.21
C ASN C 183 -2.07 5.13 10.27
N ALA C 184 -1.90 3.84 10.10
CA ALA C 184 -2.29 2.87 11.10
C ALA C 184 -1.53 3.04 12.43
N MET C 185 -0.23 3.30 12.38
CA MET C 185 0.56 3.57 13.60
C MET C 185 -0.02 4.79 14.33
N ALA C 186 -0.08 5.90 13.61
CA ALA C 186 -0.67 7.13 14.10
C ALA C 186 -2.03 6.96 14.76
N LEU C 187 -2.91 6.15 14.16
CA LEU C 187 -4.26 5.99 14.69
C LEU C 187 -4.28 5.31 16.04
N GLY C 188 -3.40 4.33 16.21
CA GLY C 188 -3.20 3.65 17.49
C GLY C 188 -2.62 4.60 18.49
N LEU C 189 -1.54 5.28 18.09
CA LEU C 189 -0.88 6.29 18.95
C LEU C 189 -1.87 7.31 19.44
N HIS C 190 -2.72 7.79 18.52
CA HIS C 190 -3.69 8.81 18.87
C HIS C 190 -4.75 8.31 19.79
N GLY C 191 -5.45 7.26 19.34
CA GLY C 191 -6.60 6.71 20.06
C GLY C 191 -6.13 6.25 21.41
N GLY C 192 -5.03 5.51 21.41
CA GLY C 192 -4.27 5.21 22.62
C GLY C 192 -4.16 6.43 23.52
N LEU C 193 -3.52 7.49 23.05
CA LEU C 193 -3.29 8.66 23.89
C LEU C 193 -4.55 9.20 24.54
N ILE C 194 -5.53 9.59 23.73
CA ILE C 194 -6.77 10.20 24.24
C ILE C 194 -7.41 9.33 25.33
N LEU C 195 -7.43 8.02 25.12
CA LEU C 195 -7.89 7.07 26.13
C LEU C 195 -6.96 7.05 27.34
N SER C 196 -5.65 7.10 27.10
CA SER C 196 -4.65 7.01 28.19
C SER C 196 -4.86 8.18 29.14
N VAL C 197 -5.30 9.32 28.60
CA VAL C 197 -5.65 10.49 29.41
C VAL C 197 -6.99 10.36 30.16
N ALA C 198 -8.08 10.04 29.46
CA ALA C 198 -9.39 9.89 30.12
C ALA C 198 -9.53 8.61 31.03
N ASN C 199 -8.74 7.57 30.75
CA ASN C 199 -8.89 6.28 31.43
C ASN C 199 -7.61 5.72 32.06
N PRO C 200 -7.01 6.47 33.01
CA PRO C 200 -5.86 5.92 33.74
C PRO C 200 -6.26 4.87 34.77
N GLY C 201 -7.54 4.82 35.13
CA GLY C 201 -8.09 3.76 36.00
C GLY C 201 -7.53 3.78 37.41
N ASP C 202 -7.91 2.80 38.22
CA ASP C 202 -7.68 2.82 39.68
C ASP C 202 -8.27 4.06 40.31
N GLY C 203 -9.44 4.50 39.80
CA GLY C 203 -10.00 5.82 40.13
C GLY C 203 -9.00 6.95 40.37
N ASP C 204 -7.87 6.89 39.64
CA ASP C 204 -6.85 7.92 39.67
C ASP C 204 -7.44 9.08 38.82
N LYS C 205 -6.94 10.30 39.03
CA LYS C 205 -7.56 11.48 38.40
C LYS C 205 -7.44 11.49 36.84
N VAL C 206 -8.46 12.03 36.18
CA VAL C 206 -8.42 12.29 34.72
C VAL C 206 -7.36 13.36 34.42
N LYS C 207 -6.53 13.15 33.41
CA LYS C 207 -5.41 14.05 33.11
C LYS C 207 -5.75 15.18 32.12
N THR C 208 -4.73 15.91 31.66
CA THR C 208 -4.88 17.17 30.89
C THR C 208 -4.20 17.14 29.54
N ALA C 209 -4.43 18.19 28.76
CA ALA C 209 -3.68 18.42 27.50
C ALA C 209 -2.19 18.47 27.77
N GLU C 210 -1.79 19.27 28.75
CA GLU C 210 -0.40 19.33 29.18
C GLU C 210 0.21 17.93 29.30
N HIS C 211 -0.55 17.01 29.88
CA HIS C 211 -0.11 15.64 30.03
C HIS C 211 0.13 14.95 28.69
N GLU C 212 -0.86 15.06 27.78
CA GLU C 212 -0.80 14.51 26.40
C GLU C 212 0.55 14.89 25.82
N ASN C 213 0.76 16.20 25.73
CA ASN C 213 1.93 16.77 25.10
C ASN C 213 3.22 16.41 25.86
N GLN C 214 3.13 16.26 27.18
CA GLN C 214 4.28 15.82 27.97
C GLN C 214 4.68 14.40 27.60
N TYR C 215 3.68 13.51 27.42
CA TYR C 215 3.95 12.11 27.09
C TYR C 215 4.85 11.97 25.87
N PHE C 216 4.53 12.69 24.81
CA PHE C 216 5.25 12.52 23.55
C PHE C 216 6.63 13.20 23.54
N ARG C 217 6.72 14.40 24.10
CA ARG C 217 8.01 15.02 24.38
C ARG C 217 8.95 14.13 25.13
N ASP C 218 8.44 13.47 26.17
CA ASP C 218 9.25 12.51 26.88
C ASP C 218 9.76 11.41 25.94
N VAL C 219 8.85 10.76 25.21
CA VAL C 219 9.21 9.54 24.51
C VAL C 219 10.05 9.76 23.25
N VAL C 220 9.58 10.65 22.39
CA VAL C 220 10.21 10.91 21.08
C VAL C 220 10.67 12.35 20.88
N GLY C 221 10.61 13.17 21.92
CA GLY C 221 11.14 14.54 21.83
C GLY C 221 10.32 15.61 21.13
N TYR C 222 9.20 15.23 20.55
CA TYR C 222 8.31 16.22 19.97
C TYR C 222 6.89 15.79 20.23
N SER C 223 5.99 16.79 20.32
CA SER C 223 4.56 16.52 20.35
C SER C 223 3.88 17.53 19.46
N ILE C 224 3.12 17.04 18.47
CA ILE C 224 2.47 17.88 17.46
C ILE C 224 1.20 18.61 17.94
N GLY C 225 0.64 18.24 19.08
CA GLY C 225 -0.58 18.89 19.62
C GLY C 225 -1.87 18.24 19.14
N ALA C 226 -2.98 18.67 19.74
CA ALA C 226 -4.26 18.01 19.51
C ALA C 226 -4.85 18.32 18.14
N LEU C 227 -5.10 19.58 17.79
CA LEU C 227 -5.72 19.88 16.48
C LEU C 227 -4.87 19.33 15.32
N SER C 228 -3.56 19.44 15.48
CA SER C 228 -2.60 19.10 14.42
C SER C 228 -2.59 17.62 14.04
N ILE C 229 -2.78 16.75 15.04
CA ILE C 229 -2.84 15.30 14.81
C ILE C 229 -4.05 14.91 13.92
N HIS C 230 -5.12 15.69 13.96
CA HIS C 230 -6.29 15.45 13.13
C HIS C 230 -6.06 15.89 11.71
N ARG C 231 -5.46 17.07 11.57
CA ARG C 231 -4.95 17.54 10.30
C ARG C 231 -3.94 16.52 9.71
N LEU C 232 -3.00 16.08 10.54
CA LEU C 232 -1.98 15.12 10.13
C LEU C 232 -2.58 13.76 9.73
N GLY C 233 -3.57 13.32 10.52
CA GLY C 233 -4.26 12.06 10.26
C GLY C 233 -4.89 12.09 8.89
N LEU C 234 -5.69 13.13 8.66
CA LEU C 234 -6.36 13.32 7.37
C LEU C 234 -5.34 13.34 6.23
N PHE C 235 -4.25 14.08 6.46
CA PHE C 235 -3.16 14.16 5.50
C PHE C 235 -2.57 12.79 5.18
N LEU C 236 -2.18 12.07 6.22
CA LEU C 236 -1.56 10.76 6.05
C LEU C 236 -2.44 9.78 5.30
N ALA C 237 -3.65 9.61 5.80
CA ALA C 237 -4.63 8.69 5.19
C ALA C 237 -4.89 9.06 3.74
N SER C 238 -5.22 10.33 3.50
CA SER C 238 -5.51 10.82 2.15
C SER C 238 -4.36 10.59 1.16
N ASN C 239 -3.12 10.65 1.63
CA ASN C 239 -1.98 10.40 0.72
C ASN C 239 -1.74 8.95 0.37
N ILE C 240 -2.43 8.02 1.01
CA ILE C 240 -2.32 6.60 0.63
C ILE C 240 -2.69 6.51 -0.86
N PHE C 241 -3.82 7.11 -1.20
CA PHE C 241 -4.34 7.07 -2.56
C PHE C 241 -3.82 8.19 -3.44
N LEU C 242 -3.59 9.37 -2.88
CA LEU C 242 -3.10 10.50 -3.68
C LEU C 242 -1.73 10.20 -4.27
N THR C 243 -0.86 9.59 -3.49
CA THR C 243 0.46 9.17 -4.02
C THR C 243 0.34 7.90 -4.89
N GLY C 244 -0.41 6.91 -4.39
CA GLY C 244 -0.57 5.60 -5.06
C GLY C 244 -1.17 5.70 -6.46
N ALA C 245 -2.01 6.72 -6.66
CA ALA C 245 -2.60 7.01 -7.96
C ALA C 245 -1.54 7.21 -9.03
N PHE C 246 -0.49 7.97 -8.71
CA PHE C 246 0.61 8.17 -9.65
C PHE C 246 1.24 6.83 -10.00
N GLY C 247 1.45 6.00 -8.98
CA GLY C 247 1.98 4.64 -9.14
C GLY C 247 1.18 3.73 -10.07
N THR C 248 -0.15 3.77 -9.89
CA THR C 248 -1.10 3.00 -10.71
C THR C 248 -1.15 3.51 -12.17
N ILE C 249 -1.35 4.81 -12.32
CA ILE C 249 -1.47 5.43 -13.64
C ILE C 249 -0.22 5.23 -14.50
N ALA C 250 0.95 5.29 -13.88
CA ALA C 250 2.22 5.06 -14.56
C ALA C 250 2.27 3.72 -15.28
N SER C 251 1.75 2.69 -14.61
CA SER C 251 1.92 1.31 -15.06
C SER C 251 1.06 0.99 -16.28
N GLY C 252 1.74 0.84 -17.41
CA GLY C 252 1.10 0.69 -18.70
C GLY C 252 1.34 1.93 -19.56
N PRO C 253 0.56 2.99 -19.30
CA PRO C 253 0.73 4.20 -20.12
C PRO C 253 2.15 4.77 -20.15
N PHE C 254 2.68 5.11 -18.98
CA PHE C 254 4.02 5.72 -18.90
C PHE C 254 5.15 4.77 -18.48
N TRP C 255 4.91 3.46 -18.50
CA TRP C 255 5.94 2.48 -18.11
C TRP C 255 5.51 1.05 -18.42
N THR C 256 6.30 0.37 -19.25
CA THR C 256 5.97 -0.98 -19.68
C THR C 256 6.92 -2.06 -19.22
N ARG C 257 8.02 -1.68 -18.56
CA ARG C 257 9.02 -2.64 -18.14
C ARG C 257 8.76 -3.09 -16.71
N GLY C 258 9.70 -3.85 -16.15
CA GLY C 258 9.61 -4.24 -14.75
C GLY C 258 9.86 -3.02 -13.89
N TRP C 259 9.12 -2.90 -12.80
CA TRP C 259 9.35 -1.77 -11.90
C TRP C 259 10.75 -1.75 -11.28
N PRO C 260 11.35 -2.93 -10.99
CA PRO C 260 12.71 -2.87 -10.47
C PRO C 260 13.66 -2.19 -11.42
N GLU C 261 13.48 -2.47 -12.71
CA GLU C 261 14.32 -1.88 -13.75
C GLU C 261 14.24 -0.35 -13.88
N TRP C 262 13.11 0.21 -13.49
CA TRP C 262 12.95 1.66 -13.51
C TRP C 262 14.01 2.36 -12.67
N TRP C 263 14.44 1.69 -11.59
CA TRP C 263 15.53 2.19 -10.73
C TRP C 263 16.90 2.16 -11.40
N GLY C 264 16.96 1.84 -12.68
CA GLY C 264 18.13 2.14 -13.50
C GLY C 264 18.58 3.60 -13.53
N TRP C 265 17.63 4.53 -13.48
CA TRP C 265 17.99 5.95 -13.48
C TRP C 265 19.07 6.25 -12.44
N TRP C 266 18.98 5.61 -11.28
CA TRP C 266 19.97 5.72 -10.21
C TRP C 266 21.16 4.78 -10.39
N LEU C 267 20.87 3.51 -10.59
CA LEU C 267 21.91 2.52 -10.59
C LEU C 267 22.94 2.77 -11.71
N ASP C 268 22.43 3.19 -12.88
CA ASP C 268 23.23 3.25 -14.12
C ASP C 268 23.69 4.64 -14.55
N ILE C 269 23.70 5.59 -13.61
CA ILE C 269 24.43 6.83 -13.83
C ILE C 269 25.88 6.45 -14.15
N PRO C 270 26.48 7.04 -15.22
CA PRO C 270 27.89 6.82 -15.57
C PRO C 270 28.89 7.09 -14.44
N PHE C 271 28.83 8.28 -13.85
CA PHE C 271 29.64 8.64 -12.66
C PHE C 271 30.01 7.46 -11.67
N TRP C 272 29.13 6.46 -11.48
CA TRP C 272 29.45 5.20 -10.71
C TRP C 272 29.18 3.85 -11.42
N SER C 273 28.84 3.86 -12.70
CA SER C 273 28.61 2.62 -13.47
C SER C 273 29.88 1.74 -13.52
N ALA D 1 -14.71 28.41 5.24
CA ALA D 1 -13.25 28.43 5.12
C ALA D 1 -12.66 28.69 6.51
N ASP D 2 -12.56 27.62 7.30
CA ASP D 2 -11.81 27.74 8.54
C ASP D 2 -10.38 27.47 8.16
N TYR D 3 -9.57 28.53 8.15
CA TYR D 3 -8.17 28.40 7.77
C TYR D 3 -7.34 27.78 8.88
N GLN D 4 -7.80 27.90 10.13
CA GLN D 4 -7.05 27.36 11.27
C GLN D 4 -6.86 25.84 11.15
N THR D 5 -7.79 25.19 10.43
CA THR D 5 -7.73 23.76 10.09
C THR D 5 -6.61 23.41 9.13
N ILE D 6 -6.21 24.38 8.33
CA ILE D 6 -5.13 24.24 7.36
C ILE D 6 -3.75 24.59 7.94
N TYR D 7 -3.68 25.72 8.62
CA TYR D 7 -2.42 26.17 9.26
C TYR D 7 -2.74 27.21 10.35
N THR D 8 -1.88 27.31 11.36
CA THR D 8 -2.01 28.31 12.41
C THR D 8 -1.65 29.70 11.88
N GLN D 9 -2.66 30.56 11.71
CA GLN D 9 -2.51 31.94 11.22
C GLN D 9 -1.61 32.81 12.11
N ILE D 10 -2.07 33.05 13.32
CA ILE D 10 -1.30 33.79 14.32
C ILE D 10 -0.81 32.76 15.33
N GLN D 11 0.49 32.53 15.33
CA GLN D 11 1.09 31.61 16.30
C GLN D 11 1.22 32.35 17.62
N ALA D 12 1.53 31.64 18.69
CA ALA D 12 1.64 32.25 20.02
C ALA D 12 2.78 31.63 20.74
N ARG D 13 3.88 32.35 20.92
CA ARG D 13 4.97 31.84 21.77
C ARG D 13 4.64 32.07 23.26
N GLY D 14 5.17 31.20 24.10
CA GLY D 14 4.94 31.29 25.52
C GLY D 14 5.87 30.32 26.25
N PRO D 15 5.98 30.49 27.59
CA PRO D 15 6.95 29.77 28.45
C PRO D 15 6.66 28.28 28.66
N HIS D 16 7.71 27.47 28.70
CA HIS D 16 7.57 26.04 28.44
C HIS D 16 7.02 25.23 29.62
N ILE D 17 5.77 24.76 29.48
CA ILE D 17 5.11 24.02 30.56
C ILE D 17 5.81 22.70 30.70
N THR D 18 6.09 22.27 31.92
CA THR D 18 6.66 20.93 32.19
C THR D 18 5.80 20.17 33.19
N VAL D 19 5.21 19.05 32.77
CA VAL D 19 4.39 18.23 33.66
C VAL D 19 5.31 17.21 34.28
N SER D 20 5.07 16.97 35.56
CA SER D 20 6.06 16.35 36.41
C SER D 20 5.86 14.86 36.52
N GLY D 21 6.90 14.12 36.16
CA GLY D 21 6.92 12.67 36.31
C GLY D 21 6.99 12.26 37.77
N GLU D 22 6.33 11.15 38.09
CA GLU D 22 6.59 10.41 39.32
C GLU D 22 8.09 10.19 39.51
N TRP D 23 8.78 9.84 38.44
CA TRP D 23 10.24 9.77 38.46
C TRP D 23 10.89 10.42 37.24
N GLY D 24 12.21 10.52 37.32
CA GLY D 24 13.07 10.87 36.21
C GLY D 24 12.87 12.23 35.57
N ASP D 25 12.45 13.22 36.33
CA ASP D 25 12.36 14.59 35.80
C ASP D 25 13.76 15.19 35.55
N ASN D 26 14.76 14.63 36.22
CA ASN D 26 16.16 15.02 36.06
C ASN D 26 16.74 14.45 34.77
N ASP D 27 16.27 13.27 34.36
CA ASP D 27 16.71 12.67 33.09
C ASP D 27 16.15 13.34 31.82
N ARG D 28 15.26 14.33 31.94
CA ARG D 28 14.91 15.23 30.80
C ARG D 28 16.10 16.12 30.41
N VAL D 29 16.38 16.25 29.12
CA VAL D 29 17.62 16.89 28.63
C VAL D 29 17.36 17.73 27.39
N GLY D 30 18.21 18.72 27.20
CA GLY D 30 18.11 19.61 26.06
C GLY D 30 17.28 20.81 26.40
N LYS D 31 17.45 21.84 25.58
CA LYS D 31 16.77 23.09 25.76
C LYS D 31 15.65 23.05 24.74
N PRO D 32 14.44 23.44 25.15
CA PRO D 32 13.36 23.62 24.17
C PRO D 32 13.76 24.58 23.11
N PHE D 33 13.37 24.37 21.87
CA PHE D 33 13.51 25.42 20.90
C PHE D 33 12.35 25.43 19.93
N TYR D 34 11.87 26.62 19.69
CA TYR D 34 10.63 26.83 19.01
C TYR D 34 11.04 26.91 17.55
N SER D 35 10.06 26.92 16.67
CA SER D 35 10.31 26.76 15.24
C SER D 35 9.08 27.19 14.41
N TYR D 36 9.28 28.22 13.61
CA TYR D 36 8.18 28.96 13.03
C TYR D 36 7.46 28.18 11.94
N TRP D 37 8.20 27.55 11.03
CA TRP D 37 7.55 26.82 9.93
C TRP D 37 6.82 25.60 10.47
N LEU D 38 7.49 24.84 11.33
CA LEU D 38 6.85 23.70 12.03
C LEU D 38 5.57 24.07 12.81
N GLY D 39 5.65 25.18 13.53
CA GLY D 39 4.55 25.76 14.28
C GLY D 39 3.35 26.21 13.46
N LYS D 40 3.51 26.32 12.14
CA LYS D 40 2.40 26.61 11.23
C LYS D 40 1.41 25.42 11.04
N ILE D 41 1.85 24.18 11.27
CA ILE D 41 1.01 22.96 11.12
C ILE D 41 0.94 22.09 12.38
N GLY D 42 1.57 22.57 13.42
CA GLY D 42 1.87 21.75 14.57
C GLY D 42 2.28 22.63 15.72
N ASP D 43 2.77 21.98 16.77
CA ASP D 43 3.30 22.71 17.89
C ASP D 43 4.69 23.14 17.47
N ALA D 44 5.02 24.39 17.73
CA ALA D 44 6.33 24.91 17.43
C ALA D 44 7.46 24.27 18.30
N GLN D 45 7.13 23.87 19.53
CA GLN D 45 8.14 23.46 20.50
C GLN D 45 8.72 22.04 20.38
N ILE D 46 10.04 22.01 20.13
CA ILE D 46 10.83 20.79 19.94
C ILE D 46 11.77 20.63 21.13
N GLY D 47 11.80 19.44 21.72
CA GLY D 47 12.56 19.18 22.93
C GLY D 47 11.75 19.66 24.14
N PRO D 48 12.20 19.38 25.37
CA PRO D 48 13.35 18.53 25.67
C PRO D 48 13.02 17.05 25.44
N ILE D 49 13.90 16.14 25.84
CA ILE D 49 13.65 14.71 25.67
C ILE D 49 14.12 13.90 26.89
N TYR D 50 13.18 13.20 27.53
CA TYR D 50 13.49 12.19 28.56
C TYR D 50 14.41 11.13 27.99
N LEU D 51 15.21 10.52 28.83
CA LEU D 51 16.34 9.78 28.36
C LEU D 51 16.67 8.79 29.46
N GLY D 52 15.83 7.78 29.58
CA GLY D 52 15.90 6.89 30.73
C GLY D 52 16.95 5.80 30.63
N ALA D 53 16.77 4.76 31.41
CA ALA D 53 17.56 3.55 31.30
C ALA D 53 17.10 2.78 30.08
N SER D 54 15.81 2.45 30.06
CA SER D 54 15.15 1.86 28.90
C SER D 54 15.53 2.54 27.58
N GLY D 55 15.34 3.88 27.51
CA GLY D 55 15.69 4.67 26.32
C GLY D 55 17.14 4.56 25.81
N ILE D 56 18.07 4.48 26.76
CA ILE D 56 19.50 4.39 26.47
C ILE D 56 19.85 2.95 26.13
N ALA D 57 19.29 2.01 26.89
CA ALA D 57 19.41 0.58 26.60
C ALA D 57 19.01 0.28 25.15
N ALA D 58 17.93 0.93 24.70
CA ALA D 58 17.46 0.83 23.31
C ALA D 58 18.52 1.33 22.31
N PHE D 59 18.92 2.60 22.43
CA PHE D 59 19.97 3.16 21.55
C PHE D 59 21.23 2.28 21.51
N ALA D 60 21.55 1.62 22.63
CA ALA D 60 22.70 0.72 22.68
C ALA D 60 22.53 -0.46 21.70
N PHE D 61 21.55 -1.31 22.00
CA PHE D 61 21.29 -2.54 21.25
C PHE D 61 20.93 -2.23 19.78
N GLY D 62 20.14 -1.16 19.59
CA GLY D 62 19.75 -0.66 18.26
C GLY D 62 20.93 -0.41 17.34
N SER D 63 21.92 0.29 17.88
CA SER D 63 23.16 0.53 17.17
C SER D 63 23.99 -0.71 16.95
N THR D 64 24.12 -1.54 17.96
CA THR D 64 24.90 -2.77 17.77
C THR D 64 24.26 -3.57 16.61
N ALA D 65 22.93 -3.58 16.54
CA ALA D 65 22.23 -4.24 15.43
C ALA D 65 22.58 -3.55 14.11
N ILE D 66 22.35 -2.23 14.06
CA ILE D 66 22.64 -1.45 12.85
C ILE D 66 24.07 -1.62 12.35
N LEU D 67 25.02 -1.63 13.29
CA LEU D 67 26.44 -1.80 12.94
C LEU D 67 26.67 -3.15 12.35
N ILE D 68 26.10 -4.20 12.94
CA ILE D 68 26.25 -5.55 12.38
C ILE D 68 25.74 -5.52 10.93
N ILE D 69 24.53 -4.98 10.74
CA ILE D 69 23.88 -4.95 9.43
C ILE D 69 24.73 -4.23 8.41
N LEU D 70 25.16 -3.01 8.78
CA LEU D 70 25.98 -2.17 7.91
C LEU D 70 27.36 -2.75 7.56
N PHE D 71 28.05 -3.39 8.53
CA PHE D 71 29.37 -4.01 8.24
C PHE D 71 29.22 -5.13 7.23
N ASN D 72 28.13 -5.88 7.35
CA ASN D 72 27.82 -6.92 6.39
C ASN D 72 27.51 -6.31 5.03
N MET D 73 26.74 -5.23 5.03
CA MET D 73 26.40 -4.51 3.79
C MET D 73 27.62 -3.97 3.04
N ALA D 74 28.58 -3.41 3.79
CA ALA D 74 29.88 -3.05 3.21
C ALA D 74 30.56 -4.25 2.57
N ALA D 75 30.73 -5.33 3.34
CA ALA D 75 31.38 -6.53 2.82
C ALA D 75 30.83 -7.03 1.45
N GLU D 76 29.52 -6.89 1.25
CA GLU D 76 28.83 -7.20 -0.04
C GLU D 76 29.33 -6.42 -1.26
N VAL D 77 29.84 -5.21 -1.02
CA VAL D 77 30.52 -4.39 -2.03
C VAL D 77 32.04 -4.34 -1.80
N HIS D 78 32.60 -5.43 -1.25
CA HIS D 78 34.02 -5.55 -0.83
C HIS D 78 34.65 -4.21 -0.39
N PHE D 79 33.87 -3.49 0.42
CA PHE D 79 34.20 -2.21 1.05
C PHE D 79 34.43 -0.97 0.20
N ASP D 80 34.29 -1.03 -1.13
CA ASP D 80 34.44 0.18 -1.96
C ASP D 80 33.21 1.06 -1.68
N PRO D 81 33.42 2.20 -1.01
CA PRO D 81 32.35 3.07 -0.52
C PRO D 81 31.56 3.88 -1.55
N LEU D 82 32.05 3.96 -2.79
CA LEU D 82 31.26 4.56 -3.85
C LEU D 82 30.13 3.62 -4.20
N GLN D 83 30.48 2.34 -4.42
CA GLN D 83 29.49 1.30 -4.72
C GLN D 83 28.53 1.02 -3.53
N PHE D 84 29.01 1.19 -2.32
CA PHE D 84 28.14 1.19 -1.16
C PHE D 84 26.98 2.17 -1.34
N PHE D 85 27.25 3.42 -1.70
CA PHE D 85 26.16 4.42 -1.91
C PHE D 85 25.32 4.10 -3.14
N ARG D 86 25.95 3.80 -4.26
CA ARG D 86 25.20 3.40 -5.47
C ARG D 86 24.21 2.27 -5.13
N GLN D 87 24.78 1.18 -4.62
CA GLN D 87 24.08 -0.10 -4.49
C GLN D 87 23.30 -0.27 -3.17
N PHE D 88 23.11 0.78 -2.37
CA PHE D 88 22.66 0.60 -0.96
C PHE D 88 21.40 -0.22 -0.87
N PHE D 89 20.38 0.22 -1.62
CA PHE D 89 19.05 -0.38 -1.59
C PHE D 89 19.10 -1.91 -1.82
N TRP D 90 20.01 -2.34 -2.70
CA TRP D 90 20.18 -3.74 -3.13
C TRP D 90 20.97 -4.63 -2.13
N LEU D 91 21.60 -4.01 -1.14
CA LEU D 91 22.47 -4.75 -0.22
C LEU D 91 21.65 -5.28 0.92
N GLY D 92 22.17 -6.33 1.54
CA GLY D 92 21.53 -6.85 2.70
C GLY D 92 22.31 -7.86 3.49
N LEU D 93 21.73 -8.16 4.65
CA LEU D 93 22.18 -9.20 5.56
C LEU D 93 21.15 -10.34 5.56
N TYR D 94 21.47 -11.44 4.88
CA TYR D 94 20.49 -12.51 4.69
C TYR D 94 20.60 -13.53 5.82
N PRO D 95 19.47 -14.16 6.18
CA PRO D 95 19.51 -15.39 6.99
C PRO D 95 20.14 -16.54 6.20
N PRO D 96 20.16 -17.76 6.78
CA PRO D 96 20.75 -18.91 6.06
C PRO D 96 20.13 -19.14 4.69
N LYS D 97 20.98 -19.42 3.72
CA LYS D 97 20.53 -19.91 2.42
C LYS D 97 20.36 -21.41 2.50
N ALA D 98 21.28 -22.07 3.20
CA ALA D 98 21.25 -23.50 3.39
C ALA D 98 20.37 -23.87 4.57
N GLN D 99 19.88 -25.11 4.51
CA GLN D 99 19.00 -25.64 5.54
C GLN D 99 19.81 -26.22 6.68
N TYR D 100 19.92 -25.48 7.77
CA TYR D 100 20.56 -25.96 8.99
C TYR D 100 19.54 -26.39 10.04
N GLY D 101 18.25 -26.44 9.70
CA GLY D 101 17.19 -26.62 10.68
C GLY D 101 17.22 -25.50 11.72
N MET D 102 16.94 -25.84 12.98
CA MET D 102 17.10 -24.87 14.07
C MET D 102 18.55 -24.67 14.53
N GLY D 103 19.48 -25.47 14.02
CA GLY D 103 20.91 -25.26 14.26
C GLY D 103 21.38 -23.82 14.02
N ILE D 104 22.22 -23.32 14.92
CA ILE D 104 22.78 -21.97 14.83
C ILE D 104 23.68 -21.96 13.61
N PRO D 105 23.35 -21.09 12.62
CA PRO D 105 24.05 -21.19 11.36
C PRO D 105 25.42 -20.56 11.49
N PRO D 106 26.34 -20.90 10.59
CA PRO D 106 27.64 -20.20 10.63
C PRO D 106 27.49 -18.71 10.30
N LEU D 107 28.41 -17.87 10.78
CA LEU D 107 28.36 -16.39 10.53
C LEU D 107 28.33 -15.98 9.04
N HIS D 108 29.12 -16.68 8.21
CA HIS D 108 29.16 -16.50 6.74
C HIS D 108 27.85 -16.89 6.03
N ASP D 109 26.96 -17.62 6.71
CA ASP D 109 25.58 -17.95 6.26
C ASP D 109 24.47 -17.63 7.30
N GLY D 110 24.34 -16.34 7.61
CA GLY D 110 23.21 -15.79 8.39
C GLY D 110 23.27 -16.01 9.88
N GLY D 111 24.47 -16.20 10.40
CA GLY D 111 24.70 -16.17 11.83
C GLY D 111 24.71 -14.71 12.21
N TRP D 112 25.42 -13.91 11.42
CA TRP D 112 25.41 -12.47 11.60
C TRP D 112 23.99 -11.90 11.54
N TRP D 113 23.16 -12.50 10.68
CA TRP D 113 21.73 -12.18 10.62
C TRP D 113 21.11 -12.40 12.00
N LEU D 114 21.26 -13.63 12.50
CA LEU D 114 20.68 -14.07 13.77
C LEU D 114 21.04 -13.11 14.88
N MET D 115 22.34 -12.80 14.91
CA MET D 115 22.95 -11.82 15.81
C MET D 115 22.24 -10.48 15.81
N ALA D 116 22.10 -9.89 14.64
CA ALA D 116 21.49 -8.57 14.51
C ALA D 116 20.03 -8.60 15.00
N GLY D 117 19.37 -9.71 14.72
CA GLY D 117 17.99 -9.89 15.15
C GLY D 117 17.83 -9.91 16.66
N LEU D 118 18.72 -10.61 17.35
CA LEU D 118 18.77 -10.62 18.80
C LEU D 118 18.79 -9.18 19.32
N PHE D 119 19.80 -8.43 18.90
CA PHE D 119 19.93 -7.05 19.30
C PHE D 119 18.77 -6.15 18.88
N MET D 120 18.24 -6.33 17.68
CA MET D 120 17.05 -5.58 17.31
C MET D 120 15.91 -5.89 18.28
N THR D 121 15.78 -7.18 18.65
CA THR D 121 14.70 -7.64 19.51
C THR D 121 14.81 -7.03 20.90
N LEU D 122 16.00 -7.12 21.49
CA LEU D 122 16.32 -6.42 22.74
C LEU D 122 16.01 -4.92 22.70
N SER D 123 16.30 -4.29 21.56
CA SER D 123 16.02 -2.86 21.31
C SER D 123 14.54 -2.53 21.41
N LEU D 124 13.72 -3.36 20.76
CA LEU D 124 12.26 -3.16 20.77
C LEU D 124 11.73 -3.39 22.17
N GLY D 125 12.34 -4.33 22.88
CA GLY D 125 12.01 -4.63 24.27
C GLY D 125 12.20 -3.46 25.21
N SER D 126 13.43 -2.93 25.25
CA SER D 126 13.70 -1.77 26.10
C SER D 126 12.84 -0.59 25.66
N TRP D 127 12.67 -0.40 24.35
CA TRP D 127 11.83 0.72 23.92
C TRP D 127 10.37 0.53 24.37
N TRP D 128 9.89 -0.71 24.42
CA TRP D 128 8.54 -0.98 24.92
C TRP D 128 8.40 -0.49 26.35
N ILE D 129 9.38 -0.87 27.18
CA ILE D 129 9.51 -0.43 28.59
C ILE D 129 9.40 1.09 28.76
N ARG D 130 10.08 1.83 27.89
CA ARG D 130 9.97 3.29 27.85
C ARG D 130 8.51 3.75 27.67
N VAL D 131 7.86 3.23 26.64
CA VAL D 131 6.51 3.62 26.23
C VAL D 131 5.49 3.28 27.32
N TYR D 132 5.73 2.16 28.01
CA TYR D 132 4.96 1.77 29.18
C TYR D 132 5.27 2.66 30.38
N SER D 133 6.55 2.72 30.78
CA SER D 133 6.99 3.40 32.03
C SER D 133 6.64 4.88 32.05
N ARG D 134 6.85 5.55 30.92
CA ARG D 134 6.47 6.95 30.80
C ARG D 134 4.97 7.21 31.00
N ALA D 135 4.13 6.25 30.64
CA ALA D 135 2.68 6.41 30.81
C ALA D 135 2.35 6.35 32.28
N ARG D 136 2.96 5.37 32.96
CA ARG D 136 2.79 5.13 34.40
C ARG D 136 3.36 6.30 35.20
N ALA D 137 4.49 6.83 34.74
CA ALA D 137 5.10 7.98 35.37
C ALA D 137 4.24 9.25 35.32
N LEU D 138 3.61 9.54 34.19
CA LEU D 138 2.76 10.73 34.06
C LEU D 138 1.30 10.47 34.47
N GLY D 139 0.99 9.22 34.83
CA GLY D 139 -0.29 8.87 35.45
C GLY D 139 -1.35 8.65 34.40
N LEU D 140 -0.96 7.86 33.41
CA LEU D 140 -1.72 7.67 32.19
C LEU D 140 -1.93 6.18 31.93
N GLY D 141 -3.07 5.86 31.29
CA GLY D 141 -3.36 4.51 30.82
C GLY D 141 -2.24 3.94 30.00
N THR D 142 -2.10 2.63 30.05
CA THR D 142 -1.04 1.94 29.34
C THR D 142 -1.49 1.51 27.93
N HIS D 143 -2.36 2.31 27.30
CA HIS D 143 -3.04 1.86 26.08
C HIS D 143 -2.08 1.82 24.92
N ILE D 144 -1.30 2.88 24.78
CA ILE D 144 -0.27 2.98 23.73
C ILE D 144 0.66 1.79 23.86
N ALA D 145 1.21 1.57 25.05
CA ALA D 145 2.06 0.38 25.29
C ALA D 145 1.54 -0.96 24.73
N TRP D 146 0.23 -1.21 24.77
CA TRP D 146 -0.35 -2.50 24.32
C TRP D 146 -0.45 -2.63 22.79
N ASN D 147 -1.10 -1.69 22.13
CA ASN D 147 -1.01 -1.55 20.67
C ASN D 147 0.43 -1.87 20.13
N PHE D 148 1.41 -1.27 20.80
CA PHE D 148 2.84 -1.36 20.43
C PHE D 148 3.38 -2.75 20.70
N ALA D 149 2.87 -3.37 21.75
CA ALA D 149 3.20 -4.75 22.03
C ALA D 149 2.75 -5.66 20.87
N ALA D 150 1.54 -5.43 20.39
CA ALA D 150 0.99 -6.19 19.25
C ALA D 150 1.92 -6.09 18.07
N ALA D 151 2.29 -4.86 17.73
CA ALA D 151 3.28 -4.58 16.70
C ALA D 151 4.57 -5.39 16.91
N ILE D 152 5.13 -5.33 18.11
CA ILE D 152 6.38 -6.04 18.39
C ILE D 152 6.22 -7.57 18.28
N PHE D 153 5.06 -8.05 18.69
CA PHE D 153 4.75 -9.48 18.62
C PHE D 153 4.68 -9.94 17.16
N PHE D 154 4.09 -9.11 16.30
CA PHE D 154 4.05 -9.37 14.87
C PHE D 154 5.48 -9.50 14.32
N VAL D 155 6.36 -8.58 14.69
CA VAL D 155 7.74 -8.61 14.21
C VAL D 155 8.43 -9.91 14.66
N LEU D 156 8.20 -10.33 15.90
CA LEU D 156 8.77 -11.57 16.38
C LEU D 156 8.22 -12.76 15.60
N CYS D 157 6.91 -12.69 15.31
CA CYS D 157 6.22 -13.74 14.57
C CYS D 157 6.90 -14.05 13.24
N ILE D 158 7.17 -13.01 12.44
CA ILE D 158 7.79 -13.16 11.07
C ILE D 158 9.27 -13.51 11.08
N GLY D 159 9.98 -12.84 12.00
CA GLY D 159 11.42 -12.96 12.14
C GLY D 159 12.00 -14.07 13.01
N CYS D 160 11.25 -14.62 13.96
CA CYS D 160 11.77 -15.80 14.71
C CYS D 160 10.76 -16.85 15.24
N ILE D 161 9.57 -16.43 15.62
CA ILE D 161 8.58 -17.43 16.05
C ILE D 161 8.27 -18.39 14.87
N HIS D 162 7.80 -17.86 13.74
CA HIS D 162 7.44 -18.72 12.57
C HIS D 162 8.59 -19.63 12.14
N PRO D 163 9.82 -19.07 12.00
CA PRO D 163 11.03 -19.89 11.78
C PRO D 163 11.16 -21.03 12.77
N THR D 164 10.91 -20.74 14.04
CA THR D 164 10.98 -21.76 15.07
C THR D 164 9.92 -22.85 14.96
N LEU D 165 8.69 -22.43 14.75
CA LEU D 165 7.59 -23.37 14.69
C LEU D 165 7.77 -24.36 13.52
N VAL D 166 8.23 -23.91 12.35
CA VAL D 166 8.56 -24.87 11.25
C VAL D 166 10.00 -25.38 11.32
N GLY D 167 10.84 -24.67 12.07
CA GLY D 167 12.17 -25.17 12.45
C GLY D 167 13.31 -24.90 11.47
N SER D 168 13.34 -23.71 10.89
CA SER D 168 14.40 -23.30 9.99
C SER D 168 14.58 -21.78 10.10
N TRP D 169 15.80 -21.35 10.38
CA TRP D 169 16.10 -19.94 10.36
C TRP D 169 15.99 -19.33 8.95
N SER D 170 16.10 -20.17 7.91
CA SER D 170 15.92 -19.74 6.51
C SER D 170 14.68 -18.87 6.18
N GLU D 171 13.64 -18.89 7.03
CA GLU D 171 12.35 -18.23 6.74
C GLU D 171 12.20 -16.86 7.41
N GLY D 172 13.37 -16.31 7.69
CA GLY D 172 13.49 -15.07 8.38
C GLY D 172 13.50 -14.00 7.32
N VAL D 173 13.18 -12.80 7.81
CA VAL D 173 13.15 -11.62 7.00
C VAL D 173 14.56 -11.06 6.98
N PRO D 174 15.14 -10.86 5.78
CA PRO D 174 16.44 -10.22 5.72
C PRO D 174 16.40 -8.72 6.08
N PHE D 175 17.54 -8.19 6.46
CA PHE D 175 17.75 -6.78 6.63
C PHE D 175 18.30 -6.27 5.32
N GLY D 176 17.77 -5.13 4.89
CA GLY D 176 18.05 -4.58 3.58
C GLY D 176 16.76 -4.01 3.06
N ILE D 177 16.88 -2.97 2.24
CA ILE D 177 15.74 -2.25 1.75
C ILE D 177 15.02 -3.18 0.79
N TRP D 178 15.62 -3.40 -0.36
CA TRP D 178 15.01 -4.29 -1.34
C TRP D 178 14.91 -5.73 -0.81
N PRO D 179 15.93 -6.21 -0.09
CA PRO D 179 15.79 -7.62 0.36
C PRO D 179 14.71 -7.96 1.41
N HIS D 180 14.34 -7.02 2.28
CA HIS D 180 13.20 -7.24 3.19
C HIS D 180 11.88 -7.31 2.38
N ILE D 181 11.85 -6.58 1.27
CA ILE D 181 10.77 -6.62 0.28
C ILE D 181 10.75 -7.94 -0.50
N ASP D 182 11.90 -8.33 -1.05
CA ASP D 182 11.98 -9.57 -1.81
C ASP D 182 11.53 -10.80 -1.01
N TRP D 183 11.71 -10.76 0.32
CA TRP D 183 11.19 -11.80 1.24
C TRP D 183 9.69 -12.05 1.08
N LEU D 184 8.93 -10.97 1.08
CA LEU D 184 7.46 -11.00 0.96
C LEU D 184 6.93 -11.83 -0.24
N THR D 185 7.60 -11.72 -1.38
CA THR D 185 7.21 -12.45 -2.59
C THR D 185 7.66 -13.92 -2.50
N ALA D 186 8.88 -14.17 -2.03
CA ALA D 186 9.35 -15.55 -1.88
C ALA D 186 8.54 -16.30 -0.83
N PHE D 187 8.12 -15.60 0.22
CA PHE D 187 7.30 -16.19 1.29
C PHE D 187 5.90 -16.53 0.74
N SER D 188 5.23 -15.54 0.17
CA SER D 188 3.90 -15.71 -0.39
C SER D 188 3.90 -16.79 -1.47
N ILE D 189 4.94 -16.82 -2.32
CA ILE D 189 5.05 -17.81 -3.40
C ILE D 189 5.00 -19.20 -2.78
N ARG D 190 5.87 -19.37 -1.78
CA ARG D 190 6.04 -20.63 -1.04
C ARG D 190 4.77 -21.13 -0.39
N TYR D 191 3.98 -20.23 0.17
CA TYR D 191 2.78 -20.63 0.88
C TYR D 191 1.48 -20.43 0.08
N GLY D 192 1.61 -20.47 -1.25
CA GLY D 192 0.45 -20.64 -2.12
C GLY D 192 -0.47 -19.44 -2.17
N ASN D 193 0.12 -18.27 -2.42
CA ASN D 193 -0.58 -16.98 -2.55
C ASN D 193 -1.20 -16.46 -1.24
N PHE D 194 -0.60 -15.40 -0.69
CA PHE D 194 -1.10 -14.78 0.54
C PHE D 194 -2.46 -14.03 0.40
N TYR D 195 -2.92 -13.78 -0.82
CA TYR D 195 -4.26 -13.25 -1.02
C TYR D 195 -5.31 -14.22 -0.54
N TYR D 196 -5.00 -15.51 -0.60
CA TYR D 196 -5.92 -16.57 -0.14
C TYR D 196 -5.76 -16.96 1.33
N CYS D 197 -4.80 -16.36 2.03
CA CYS D 197 -4.77 -16.43 3.50
C CYS D 197 -5.85 -15.52 4.10
N PRO D 198 -6.83 -16.08 4.81
CA PRO D 198 -7.83 -15.19 5.39
C PRO D 198 -7.30 -14.19 6.41
N TRP D 199 -6.18 -14.50 7.07
CA TRP D 199 -5.67 -13.61 8.12
C TRP D 199 -5.02 -12.39 7.52
N HIS D 200 -4.42 -12.59 6.35
CA HIS D 200 -3.97 -11.51 5.44
C HIS D 200 -5.12 -10.54 5.13
N GLY D 201 -6.25 -11.12 4.74
CA GLY D 201 -7.43 -10.35 4.45
C GLY D 201 -7.95 -9.54 5.61
N PHE D 202 -8.04 -10.20 6.78
CA PHE D 202 -8.47 -9.53 8.00
C PHE D 202 -7.55 -8.33 8.28
N SER D 203 -6.24 -8.60 8.22
CA SER D 203 -5.21 -7.59 8.42
C SER D 203 -5.42 -6.39 7.47
N ILE D 204 -5.58 -6.71 6.19
CA ILE D 204 -5.81 -5.68 5.18
C ILE D 204 -7.07 -4.90 5.41
N GLY D 205 -8.11 -5.60 5.85
CA GLY D 205 -9.36 -4.95 6.18
C GLY D 205 -9.18 -3.88 7.24
N PHE D 206 -8.54 -4.25 8.35
CA PHE D 206 -8.30 -3.32 9.45
C PHE D 206 -7.34 -2.22 9.03
N ALA D 207 -6.33 -2.60 8.25
CA ALA D 207 -5.38 -1.65 7.68
C ALA D 207 -6.10 -0.58 6.84
N TYR D 208 -6.90 -1.00 5.86
CA TYR D 208 -7.72 -0.05 5.08
C TYR D 208 -8.76 0.68 5.96
N GLY D 209 -9.22 0.01 7.00
CA GLY D 209 -10.16 0.60 7.96
C GLY D 209 -9.53 1.74 8.72
N CYS D 210 -8.26 1.57 9.08
CA CYS D 210 -7.50 2.62 9.73
C CYS D 210 -7.42 3.87 8.85
N GLY D 211 -7.17 3.65 7.54
CA GLY D 211 -7.31 4.70 6.54
C GLY D 211 -8.66 5.38 6.62
N LEU D 212 -9.72 4.61 6.42
CA LEU D 212 -11.10 5.11 6.50
C LEU D 212 -11.37 5.90 7.80
N LEU D 213 -10.98 5.32 8.92
CA LEU D 213 -11.27 5.91 10.22
C LEU D 213 -10.54 7.20 10.53
N PHE D 214 -9.25 7.27 10.20
CA PHE D 214 -8.48 8.49 10.51
C PHE D 214 -8.87 9.62 9.54
N ALA D 215 -8.94 9.27 8.26
CA ALA D 215 -9.49 10.17 7.24
C ALA D 215 -10.76 10.84 7.79
N ALA D 216 -11.69 10.01 8.27
CA ALA D 216 -13.00 10.45 8.70
C ALA D 216 -12.97 11.20 10.03
N HIS D 217 -12.25 10.64 11.00
CA HIS D 217 -12.14 11.23 12.33
C HIS D 217 -11.44 12.55 12.28
N GLY D 218 -10.25 12.54 11.68
CA GLY D 218 -9.46 13.76 11.47
C GLY D 218 -10.31 14.86 10.84
N ALA D 219 -10.88 14.53 9.69
CA ALA D 219 -11.79 15.41 8.97
C ALA D 219 -12.90 15.93 9.88
N THR D 220 -13.47 15.06 10.69
CA THR D 220 -14.56 15.44 11.61
C THR D 220 -14.10 16.50 12.63
N ILE D 221 -13.07 16.19 13.40
CA ILE D 221 -12.55 17.11 14.40
C ILE D 221 -12.22 18.46 13.80
N LEU D 222 -11.66 18.46 12.60
CA LEU D 222 -11.40 19.71 11.85
C LEU D 222 -12.66 20.45 11.47
N ALA D 223 -13.67 19.72 11.02
CA ALA D 223 -15.00 20.30 10.72
C ALA D 223 -15.63 20.99 11.93
N VAL D 224 -15.39 20.45 13.13
CA VAL D 224 -15.87 21.06 14.37
C VAL D 224 -14.73 21.70 15.15
N ALA D 225 -13.73 22.19 14.43
CA ALA D 225 -12.59 22.87 15.05
C ALA D 225 -13.04 24.17 15.69
N ARG D 226 -13.99 24.85 15.04
CA ARG D 226 -14.53 26.16 15.47
C ARG D 226 -15.22 26.12 16.83
N PHE D 227 -15.76 24.94 17.20
CA PHE D 227 -16.46 24.75 18.48
C PHE D 227 -15.61 24.00 19.50
N GLY D 228 -14.32 23.89 19.24
CA GLY D 228 -13.36 23.41 20.23
C GLY D 228 -13.14 21.91 20.24
N GLY D 229 -13.53 21.26 19.15
CA GLY D 229 -13.59 19.79 19.04
C GLY D 229 -12.28 19.08 19.29
N ASP D 230 -11.20 19.75 18.94
CA ASP D 230 -9.86 19.26 19.24
C ASP D 230 -9.52 19.09 20.75
N ARG D 231 -10.19 19.85 21.61
CA ARG D 231 -10.06 19.69 23.09
C ARG D 231 -10.85 18.50 23.56
N GLU D 232 -10.32 17.32 23.28
CA GLU D 232 -11.14 16.12 23.31
C GLU D 232 -11.39 15.64 24.72
N ILE D 233 -10.43 15.87 25.60
CA ILE D 233 -10.54 15.33 26.96
C ILE D 233 -11.74 15.97 27.71
N GLU D 234 -12.02 17.23 27.45
CA GLU D 234 -13.12 17.97 28.07
C GLU D 234 -14.45 17.66 27.42
N GLN D 235 -14.44 17.39 26.11
CA GLN D 235 -15.64 17.00 25.37
C GLN D 235 -16.12 15.58 25.76
N ILE D 236 -15.18 14.79 26.31
CA ILE D 236 -15.55 13.53 26.99
C ILE D 236 -16.31 13.82 28.29
N THR D 237 -15.58 14.41 29.24
CA THR D 237 -16.06 14.69 30.60
C THR D 237 -17.20 15.73 30.66
N ASP D 238 -17.30 16.59 29.65
CA ASP D 238 -18.44 17.51 29.51
C ASP D 238 -18.78 17.75 28.04
N ARG D 239 -19.55 16.82 27.47
CA ARG D 239 -20.10 16.96 26.12
C ARG D 239 -20.45 18.39 25.79
N GLY D 240 -19.69 18.94 24.83
CA GLY D 240 -19.98 20.22 24.18
C GLY D 240 -20.66 20.04 22.83
N THR D 241 -20.95 21.17 22.18
CA THR D 241 -21.70 21.14 20.94
C THR D 241 -20.85 20.65 19.79
N ALA D 242 -19.53 20.78 19.92
CA ALA D 242 -18.63 20.22 18.90
C ALA D 242 -19.01 18.78 18.60
N VAL D 243 -18.96 17.95 19.64
CA VAL D 243 -19.19 16.53 19.51
C VAL D 243 -20.66 16.13 19.40
N GLU D 244 -21.58 17.00 19.85
CA GLU D 244 -23.00 16.82 19.53
C GLU D 244 -23.18 16.81 18.01
N ARG D 245 -22.63 17.82 17.34
CA ARG D 245 -22.76 17.94 15.89
C ARG D 245 -21.98 16.86 15.18
N ALA D 246 -20.79 16.56 15.70
CA ALA D 246 -19.96 15.50 15.13
C ALA D 246 -20.73 14.20 15.11
N ALA D 247 -21.36 13.88 16.24
CA ALA D 247 -22.17 12.68 16.37
C ALA D 247 -23.40 12.71 15.43
N LEU D 248 -24.07 13.85 15.37
CA LEU D 248 -25.23 13.97 14.48
C LEU D 248 -24.92 13.89 12.98
N PHE D 249 -23.77 14.43 12.55
CA PHE D 249 -23.33 14.25 11.18
C PHE D 249 -23.36 12.75 10.84
N TRP D 250 -22.67 11.96 11.66
CA TRP D 250 -22.53 10.53 11.42
C TRP D 250 -23.82 9.74 11.60
N ARG D 251 -24.60 10.04 12.64
CA ARG D 251 -25.90 9.38 12.77
C ARG D 251 -26.79 9.64 11.55
N TRP D 252 -26.88 10.89 11.12
CA TRP D 252 -27.70 11.22 9.94
C TRP D 252 -27.15 10.67 8.62
N THR D 253 -25.87 10.34 8.58
CA THR D 253 -25.25 9.81 7.37
C THR D 253 -25.40 8.30 7.29
N ILE D 254 -24.96 7.61 8.34
CA ILE D 254 -24.87 6.13 8.38
C ILE D 254 -25.79 5.42 9.37
N GLY D 255 -26.61 6.17 10.10
CA GLY D 255 -27.67 5.59 10.94
C GLY D 255 -27.31 5.39 12.41
N PHE D 256 -26.02 5.29 12.69
CA PHE D 256 -25.54 5.12 14.07
C PHE D 256 -24.35 6.01 14.26
N ASN D 257 -23.91 6.09 15.49
CA ASN D 257 -22.81 6.96 15.79
C ASN D 257 -22.03 6.47 17.00
N ALA D 258 -20.98 7.22 17.29
CA ALA D 258 -20.13 7.02 18.42
C ALA D 258 -20.21 8.24 19.32
N THR D 259 -19.42 8.16 20.39
CA THR D 259 -19.14 9.27 21.28
C THR D 259 -17.75 9.72 20.98
N ILE D 260 -17.43 10.90 21.47
CA ILE D 260 -16.09 11.41 21.28
C ILE D 260 -14.99 10.48 21.87
N GLU D 261 -15.29 9.76 22.96
CA GLU D 261 -14.37 8.77 23.51
C GLU D 261 -14.31 7.50 22.67
N SER D 262 -15.48 6.93 22.38
CA SER D 262 -15.58 5.58 21.81
C SER D 262 -14.96 5.46 20.43
N VAL D 263 -15.05 6.51 19.62
CA VAL D 263 -14.38 6.56 18.32
C VAL D 263 -12.87 6.28 18.45
N HIS D 264 -12.27 6.74 19.55
CA HIS D 264 -10.87 6.47 19.82
C HIS D 264 -10.65 5.05 20.21
N ARG D 265 -11.64 4.45 20.89
CA ARG D 265 -11.68 2.97 21.07
C ARG D 265 -11.73 2.20 19.73
N TRP D 266 -12.71 2.55 18.90
CA TRP D 266 -12.81 2.03 17.54
C TRP D 266 -11.45 2.10 16.79
N GLY D 267 -10.86 3.30 16.74
CA GLY D 267 -9.53 3.49 16.15
C GLY D 267 -8.43 2.65 16.78
N TRP D 268 -8.31 2.73 18.09
CA TRP D 268 -7.33 1.95 18.83
C TRP D 268 -7.45 0.45 18.50
N PHE D 269 -8.69 -0.05 18.51
CA PHE D 269 -9.01 -1.45 18.29
C PHE D 269 -8.61 -1.87 16.89
N PHE D 270 -9.06 -1.12 15.89
CA PHE D 270 -8.70 -1.34 14.48
C PHE D 270 -7.19 -1.39 14.26
N SER D 271 -6.48 -0.42 14.82
CA SER D 271 -5.03 -0.39 14.75
C SER D 271 -4.46 -1.70 15.29
N LEU D 272 -4.80 -1.98 16.54
CA LEU D 272 -4.42 -3.21 17.21
C LEU D 272 -4.72 -4.49 16.42
N MET D 273 -5.87 -4.55 15.76
CA MET D 273 -6.28 -5.74 15.00
C MET D 273 -5.55 -5.98 13.68
N VAL D 274 -4.84 -4.99 13.16
CA VAL D 274 -4.00 -5.20 11.97
C VAL D 274 -2.92 -6.17 12.39
N MET D 275 -2.28 -5.87 13.52
CA MET D 275 -1.12 -6.62 13.98
C MET D 275 -1.49 -7.99 14.52
N VAL D 276 -2.62 -8.08 15.20
CA VAL D 276 -3.12 -9.33 15.75
C VAL D 276 -3.44 -10.30 14.61
N SER D 277 -4.27 -9.84 13.68
CA SER D 277 -4.70 -10.64 12.54
C SER D 277 -3.48 -11.15 11.77
N ALA D 278 -2.56 -10.25 11.48
CA ALA D 278 -1.30 -10.59 10.83
C ALA D 278 -0.58 -11.73 11.55
N SER D 279 -0.44 -11.59 12.86
CA SER D 279 0.31 -12.55 13.67
C SER D 279 -0.30 -13.95 13.58
N VAL D 280 -1.62 -14.03 13.77
CA VAL D 280 -2.35 -15.28 13.64
C VAL D 280 -2.03 -15.99 12.30
N GLY D 281 -2.19 -15.26 11.20
CA GLY D 281 -1.89 -15.79 9.86
C GLY D 281 -0.50 -16.37 9.72
N ILE D 282 0.47 -15.67 10.27
CA ILE D 282 1.86 -16.14 10.22
C ILE D 282 2.05 -17.40 11.06
N LEU D 283 1.43 -17.43 12.23
CA LEU D 283 1.52 -18.60 13.12
C LEU D 283 0.90 -19.86 12.50
N LEU D 284 -0.26 -19.69 11.86
CA LEU D 284 -0.92 -20.75 11.12
C LEU D 284 -0.15 -21.14 9.83
N THR D 285 0.59 -20.20 9.26
CA THR D 285 1.31 -20.45 7.99
C THR D 285 2.52 -21.34 8.21
N GLY D 286 2.65 -22.36 7.38
CA GLY D 286 3.76 -23.32 7.49
C GLY D 286 3.47 -24.44 8.48
N THR D 287 2.95 -24.07 9.65
CA THR D 287 2.64 -25.01 10.71
C THR D 287 1.38 -25.83 10.39
N PHE D 288 0.25 -25.17 10.08
CA PHE D 288 -1.06 -25.86 9.82
C PHE D 288 -1.70 -25.62 8.46
N VAL D 289 -0.97 -24.90 7.59
CA VAL D 289 -1.30 -24.67 6.18
C VAL D 289 0.02 -24.55 5.39
N ASP D 290 0.10 -25.29 4.30
CA ASP D 290 1.25 -25.24 3.40
C ASP D 290 0.92 -24.45 2.14
N ASN D 291 -0.36 -24.36 1.76
CA ASN D 291 -0.77 -23.71 0.51
C ASN D 291 -2.16 -23.05 0.63
N TRP D 292 -2.14 -21.77 0.95
CA TRP D 292 -3.37 -21.05 1.17
C TRP D 292 -4.36 -21.11 0.01
N TYR D 293 -3.89 -21.23 -1.22
CA TYR D 293 -4.80 -21.36 -2.37
C TYR D 293 -5.54 -22.65 -2.25
N LEU D 294 -4.81 -23.77 -2.17
CA LEU D 294 -5.45 -25.09 -2.17
C LEU D 294 -6.33 -25.29 -0.94
N TRP D 295 -5.96 -24.68 0.18
CA TRP D 295 -6.82 -24.65 1.38
C TRP D 295 -8.13 -23.93 1.14
N CYS D 296 -8.08 -22.80 0.45
CA CYS D 296 -9.31 -22.13 0.01
C CYS D 296 -10.11 -23.03 -0.94
N VAL D 297 -9.42 -23.74 -1.85
CA VAL D 297 -10.10 -24.64 -2.81
C VAL D 297 -10.72 -25.83 -2.09
N LYS D 298 -9.94 -26.44 -1.19
CA LYS D 298 -10.42 -27.49 -0.27
C LYS D 298 -11.74 -27.11 0.37
N HIS D 299 -11.84 -25.88 0.89
CA HIS D 299 -13.10 -25.38 1.51
C HIS D 299 -14.07 -24.66 0.55
N GLY D 300 -13.88 -24.79 -0.76
CA GLY D 300 -14.79 -24.21 -1.78
C GLY D 300 -14.89 -22.68 -1.88
N ALA D 301 -13.85 -22.00 -1.39
CA ALA D 301 -13.81 -20.54 -1.35
C ALA D 301 -13.35 -19.93 -2.67
N ALA D 302 -12.28 -20.50 -3.23
CA ALA D 302 -11.60 -20.00 -4.44
C ALA D 302 -12.50 -19.83 -5.63
N PRO D 303 -12.32 -18.73 -6.39
CA PRO D 303 -12.94 -18.71 -7.72
C PRO D 303 -12.19 -19.57 -8.73
N ASP D 304 -12.93 -19.81 -9.81
CA ASP D 304 -12.41 -20.42 -11.01
C ASP D 304 -12.93 -19.55 -12.14
N TYR D 305 -12.14 -19.43 -13.20
CA TYR D 305 -12.51 -18.64 -14.37
C TYR D 305 -12.26 -19.60 -15.54
N PRO D 306 -12.99 -19.48 -16.67
CA PRO D 306 -12.73 -20.33 -17.85
C PRO D 306 -11.43 -20.01 -18.60
N ALA D 307 -10.96 -20.93 -19.44
CA ALA D 307 -9.68 -20.74 -20.13
C ALA D 307 -9.84 -19.67 -21.18
N TYR D 308 -8.86 -18.79 -21.34
CA TYR D 308 -8.88 -17.87 -22.49
C TYR D 308 -8.09 -18.51 -23.60
N LEU D 309 -6.79 -18.68 -23.39
CA LEU D 309 -5.98 -19.52 -24.25
C LEU D 309 -6.23 -20.95 -23.84
N PRO D 310 -5.92 -21.93 -24.72
CA PRO D 310 -6.15 -23.34 -24.40
C PRO D 310 -5.56 -23.75 -23.05
N ALA D 311 -6.35 -24.47 -22.26
CA ALA D 311 -5.83 -25.11 -21.06
C ALA D 311 -4.64 -25.99 -21.40
N THR D 312 -3.77 -26.24 -20.46
CA THR D 312 -2.41 -26.71 -20.74
C THR D 312 -2.01 -27.72 -19.67
N PRO D 313 -1.96 -28.99 -20.03
CA PRO D 313 -1.57 -29.96 -19.01
C PRO D 313 -0.07 -29.85 -18.71
N ASP D 314 0.27 -30.06 -17.45
CA ASP D 314 1.64 -30.08 -16.93
C ASP D 314 2.47 -31.09 -17.70
N PRO D 315 3.43 -30.64 -18.51
CA PRO D 315 4.17 -31.59 -19.34
C PRO D 315 5.10 -32.54 -18.56
N ALA D 316 5.38 -32.23 -17.29
CA ALA D 316 6.10 -33.14 -16.39
C ALA D 316 5.42 -34.48 -16.27
N SER D 317 4.09 -34.43 -16.15
CA SER D 317 3.26 -35.62 -15.98
C SER D 317 2.71 -36.19 -17.30
N LEU D 318 3.35 -35.96 -18.44
CA LEU D 318 2.96 -36.62 -19.69
C LEU D 318 3.73 -37.93 -19.76
N PRO D 319 3.31 -38.88 -20.63
CA PRO D 319 4.05 -40.14 -20.78
C PRO D 319 5.49 -39.95 -21.32
N GLY D 320 6.46 -40.51 -20.59
CA GLY D 320 7.89 -40.46 -20.98
C GLY D 320 8.45 -39.07 -21.27
N ALA D 321 8.06 -38.09 -20.46
CA ALA D 321 8.62 -36.76 -20.54
C ALA D 321 9.93 -36.75 -19.73
N PRO D 322 10.83 -35.80 -20.00
CA PRO D 322 12.04 -35.72 -19.18
C PRO D 322 11.87 -35.38 -17.71
N LYS D 323 12.98 -35.56 -17.01
CA LYS D 323 13.20 -35.07 -15.67
C LYS D 323 12.88 -33.59 -15.63
FE HEC E . 34.11 -24.92 -44.63
CHA HEC E . 34.26 -28.39 -44.66
CHB HEC E . 34.71 -24.82 -47.96
CHC HEC E . 33.43 -21.60 -44.60
CHD HEC E . 33.71 -25.01 -41.21
NA HEC E . 34.47 -26.37 -46.04
C1A HEC E . 34.53 -27.73 -45.84
C2A HEC E . 34.83 -28.32 -47.12
C3A HEC E . 34.95 -27.34 -48.03
C4A HEC E . 34.72 -26.08 -47.37
CMA HEC E . 35.25 -27.56 -49.52
CAA HEC E . 35.03 -29.80 -47.43
CBA HEC E . 36.55 -29.97 -47.62
CGA HEC E . 37.14 -31.10 -46.78
O1A HEC E . 37.06 -30.98 -45.53
O2A HEC E . 37.68 -32.06 -47.41
NB HEC E . 34.07 -23.45 -46.04
C1B HEC E . 34.29 -23.62 -47.37
C2B HEC E . 34.11 -22.34 -48.04
C3B HEC E . 33.76 -21.46 -47.10
C4B HEC E . 33.72 -22.15 -45.83
CMB HEC E . 34.30 -22.09 -49.55
CAB HEC E . 33.42 -19.98 -47.30
CBB HEC E . 32.38 -19.93 -48.44
NC HEC E . 33.66 -23.56 -43.14
C1C HEC E . 33.47 -22.23 -43.37
C2C HEC E . 33.22 -21.58 -42.11
C3C HEC E . 33.29 -22.53 -41.14
C4C HEC E . 33.59 -23.78 -41.80
CMC HEC E . 32.94 -20.09 -41.91
CAC HEC E . 33.13 -22.37 -39.60
CBC HEC E . 32.10 -21.77 -38.65
ND HEC E . 33.98 -26.44 -43.21
C1D HEC E . 33.75 -26.24 -41.86
C2D HEC E . 33.64 -27.55 -41.26
C3D HEC E . 33.80 -28.48 -42.20
C4D HEC E . 33.99 -27.80 -43.46
CMD HEC E . 33.42 -27.87 -39.78
CAD HEC E . 33.71 -29.99 -41.99
CBD HEC E . 32.19 -30.28 -42.16
CGD HEC E . 31.79 -31.76 -41.98
O1D HEC E . 30.75 -32.21 -42.56
O2D HEC E . 32.53 -32.49 -41.24
FE HEC F . 28.03 -21.82 -32.35
CHA HEC F . 30.91 -21.34 -30.51
CHB HEC F . 29.86 -22.13 -35.19
CHC HEC F . 25.23 -22.84 -33.91
CHD HEC F . 26.18 -21.10 -29.52
NA HEC F . 30.03 -21.72 -32.77
C1A HEC F . 31.05 -21.46 -31.88
C2A HEC F . 32.29 -21.43 -32.63
C3A HEC F . 32.01 -21.65 -33.92
C4A HEC F . 30.57 -21.84 -34.03
CMA HEC F . 33.04 -21.69 -35.03
CAA HEC F . 33.69 -21.15 -32.04
CBA HEC F . 33.97 -19.66 -32.32
CGA HEC F . 35.03 -19.00 -31.39
O1A HEC F . 35.50 -17.90 -31.75
O2A HEC F . 35.40 -19.53 -30.30
NB HEC F . 27.60 -22.44 -34.24
C1B HEC F . 28.50 -22.51 -35.26
C2B HEC F . 27.79 -22.99 -36.40
C3B HEC F . 26.49 -23.20 -36.07
C4B HEC F . 26.37 -22.83 -34.67
CMB HEC F . 28.44 -23.22 -37.76
CAB HEC F . 25.33 -23.71 -36.95
CBB HEC F . 25.56 -25.00 -37.75
NC HEC F . 26.05 -21.91 -31.79
C1C HEC F . 25.04 -22.35 -32.64
C2C HEC F . 23.76 -22.26 -31.92
C3C HEC F . 24.03 -21.78 -30.68
C4C HEC F . 25.48 -21.54 -30.61
CMC HEC F . 22.39 -22.66 -32.49
CAC HEC F . 23.03 -21.49 -29.52
CBC HEC F . 22.05 -22.59 -29.07
ND HEC F . 28.48 -21.35 -30.39
C1D HEC F . 27.56 -21.10 -29.38
C2D HEC F . 28.29 -20.85 -28.16
C3D HEC F . 29.62 -20.92 -28.41
C4D HEC F . 29.74 -21.22 -29.82
CMD HEC F . 27.65 -20.52 -26.82
CAD HEC F . 30.77 -20.74 -27.41
CBD HEC F . 31.40 -19.33 -27.45
CGD HEC F . 32.54 -19.36 -28.42
O1D HEC F . 33.48 -20.18 -28.20
O2D HEC F . 32.49 -18.58 -29.41
FE HEC G . 7.06 -19.03 -13.82
CHA HEC G . 7.46 -22.18 -12.43
CHB HEC G . 6.54 -17.69 -10.76
CHC HEC G . 7.30 -15.95 -15.20
CHD HEC G . 7.23 -20.42 -16.98
NA HEC G . 7.00 -19.82 -11.93
C1A HEC G . 7.18 -21.14 -11.56
C2A HEC G . 7.04 -21.21 -10.11
C3A HEC G . 6.77 -19.97 -9.66
C4A HEC G . 6.74 -19.07 -10.80
CMA HEC G . 6.55 -19.57 -8.21
CAA HEC G . 7.15 -22.47 -9.25
CBA HEC G . 5.83 -23.23 -9.37
CGA HEC G . 5.84 -24.50 -8.51
O1A HEC G . 6.41 -24.47 -7.39
O2A HEC G . 5.26 -25.52 -8.96
NB HEC G . 6.97 -17.13 -13.09
C1B HEC G . 6.77 -16.78 -11.79
C2B HEC G . 6.79 -15.32 -11.71
C3B HEC G . 7.01 -14.85 -12.95
C4B HEC G . 7.12 -15.99 -13.84
CMB HEC G . 6.60 -14.46 -10.46
CAB HEC G . 7.15 -13.38 -13.36
CBB HEC G . 8.44 -12.85 -12.68
NC HEC G . 7.22 -18.33 -15.76
C1C HEC G . 7.26 -16.99 -16.08
C2C HEC G . 7.28 -16.86 -17.52
C3C HEC G . 7.27 -18.10 -18.05
C4C HEC G . 7.22 -19.05 -16.93
CMC HEC G . 7.34 -15.53 -18.28
CAC HEC G . 7.28 -18.50 -19.57
CBC HEC G . 8.03 -18.15 -20.85
ND HEC G . 7.32 -20.96 -14.55
C1D HEC G . 7.38 -21.30 -15.89
C2D HEC G . 7.60 -22.73 -15.96
C3D HEC G . 7.65 -23.23 -14.70
C4D HEC G . 7.48 -22.12 -13.80
CMD HEC G . 7.74 -23.56 -17.22
CAD HEC G . 7.88 -24.71 -14.33
CBD HEC G . 9.41 -25.03 -14.24
CGD HEC G . 9.75 -26.52 -14.04
O1D HEC G . 10.95 -26.87 -14.13
O2D HEC G . 8.88 -27.39 -13.81
FE HEC H . 12.64 -20.62 -26.61
CHA HEC H . 9.82 -20.49 -28.58
CHB HEC H . 10.71 -19.91 -23.91
CHC HEC H . 15.33 -21.04 -24.70
CHD HEC H . 14.50 -21.19 -29.43
NA HEC H . 10.62 -20.27 -26.34
C1A HEC H . 9.65 -20.24 -27.26
C2A HEC H . 8.37 -19.93 -26.66
C3A HEC H . 8.61 -19.77 -25.37
C4A HEC H . 10.04 -19.97 -25.13
CMA HEC H . 7.53 -19.43 -24.34
CAA HEC H . 6.99 -19.83 -27.34
CBA HEC H . 6.60 -18.38 -27.63
CGA HEC H . 5.16 -18.29 -28.22
O1A HEC H . 4.61 -19.27 -28.78
O2A HEC H . 4.57 -17.20 -28.11
NB HEC H . 12.95 -20.52 -24.61
C1B HEC H . 12.04 -20.21 -23.65
C2B HEC H . 12.71 -20.25 -22.37
C3B HEC H . 14.00 -20.57 -22.59
C4B HEC H . 14.17 -20.74 -24.02
CMB HEC H . 12.02 -19.98 -21.04
CAB HEC H . 15.14 -20.77 -21.54
CBB HEC H . 14.78 -21.93 -20.57
NC HEC H . 14.60 -21.03 -27.01
C1C HEC H . 15.57 -21.14 -26.04
C2C HEC H . 16.85 -21.41 -26.70
C3C HEC H . 16.63 -21.47 -28.04
C4C HEC H . 15.19 -21.22 -28.24
CMC HEC H . 18.19 -21.60 -25.95
CAC HEC H . 17.64 -21.74 -29.20
CBC HEC H . 18.10 -23.19 -29.41
ND HEC H . 12.19 -20.81 -28.63
C1D HEC H . 13.13 -21.04 -29.62
C2D HEC H . 12.45 -21.11 -30.89
C3D HEC H . 11.13 -20.91 -30.70
C4D HEC H . 10.97 -20.71 -29.26
CMD HEC H . 13.10 -21.35 -32.25
CAD HEC H . 10.10 -20.91 -31.86
CBD HEC H . 8.63 -20.73 -31.46
CGD HEC H . 7.75 -20.60 -32.70
O1D HEC H . 6.83 -21.44 -32.79
O2D HEC H . 8.01 -19.66 -33.52
CA1 DGA I . 10.29 12.82 -11.61
CA2 DGA I . 10.79 14.02 -10.77
CA3 DGA I . 9.78 15.15 -10.41
CA4 DGA I . 9.98 15.82 -9.02
CA5 DGA I . 8.69 15.85 -8.18
CA6 DGA I . 8.80 16.51 -6.78
CA7 DGA I . 7.54 16.35 -5.88
CA8 DGA I . 6.95 17.70 -5.40
CA9 DGA I . 5.78 17.64 -4.37
CAA DGA I . 4.71 18.74 -4.57
CBA DGA I . 3.91 19.15 -3.31
CCA DGA I . 2.56 19.80 -3.60
OA1 DGA I . 9.12 12.51 -11.71
CB1 DGA I . 13.26 10.65 -9.03
CB2 DGA I . 13.31 9.79 -7.75
CB3 DGA I . 12.19 10.17 -6.75
CB4 DGA I . 11.97 9.15 -5.62
CB5 DGA I . 10.49 9.00 -5.19
CB6 DGA I . 10.25 7.68 -4.42
CB7 DGA I . 9.29 7.79 -3.21
CB8 DGA I . 9.62 6.84 -2.04
CB9 DGA I . 8.95 7.28 -0.72
CAB DGA I . 9.09 6.25 0.42
CBB DGA I . 9.99 6.64 1.60
CCB DGA I . 10.92 5.49 2.08
CDB DGA I . 12.26 5.35 1.32
CEB DGA I . 13.36 4.59 2.11
CFB DGA I . 14.76 5.27 2.14
CGB DGA I . 15.62 4.93 3.38
CHB DGA I . 17.09 5.39 3.30
CIB DGA I . 17.90 4.92 4.50
OB1 DGA I . 12.68 11.71 -8.94
OG1 DGA I . 11.19 11.92 -12.35
CG1 DGA I . 11.75 10.76 -11.71
CG2 DGA I . 13.29 10.87 -11.55
OG2 DGA I . 13.86 10.28 -10.35
CG3 DGA I . 13.90 10.26 -12.82
S SO4 J . 37.61 -4.87 -5.87
O1 SO4 J . 37.75 -4.48 -4.45
O2 SO4 J . 38.04 -3.76 -6.77
O3 SO4 J . 36.17 -5.12 -6.06
O4 SO4 J . 38.36 -6.15 -6.09
N FME K . 0.05 -38.48 6.26
CN FME K . -0.90 -39.26 5.65
O1 FME K . -1.79 -38.73 4.99
CA FME K . -0.52 -37.76 7.43
CB FME K . 0.09 -38.30 8.70
CG FME K . -0.31 -39.74 8.96
SD FME K . 0.36 -40.20 10.52
CE FME K . 0.28 -38.91 11.76
C FME K . -0.20 -36.30 7.37
O FME K . 0.86 -35.95 6.85
N1 LDA L . -24.45 -1.72 13.80
O1 LDA L . -24.18 -1.41 14.98
CM1 LDA L . -24.82 -3.15 13.78
CM2 LDA L . -25.60 -0.91 13.32
C1 LDA L . -23.29 -1.44 12.91
C2 LDA L . -22.09 -2.39 13.04
C3 LDA L . -20.85 -1.78 12.41
C4 LDA L . -19.83 -2.87 12.03
C5 LDA L . -18.55 -2.25 11.48
C6 LDA L . -17.77 -3.19 10.58
C7 LDA L . -16.63 -3.84 11.36
C8 LDA L . -16.09 -5.09 10.65
C9 LDA L . -14.64 -4.95 10.16
C10 LDA L . -14.03 -6.34 9.87
C11 LDA L . -12.86 -6.31 8.89
C12 LDA L . -13.10 -7.11 7.61
S SO4 M . -29.31 2.88 18.07
O1 SO4 M . -28.53 3.99 17.45
O2 SO4 M . -29.45 2.98 19.56
O3 SO4 M . -30.67 3.02 17.52
O4 SO4 M . -28.76 1.54 17.72
S SO4 N . -24.98 -8.59 29.08
O1 SO4 N . -24.77 -8.60 27.60
O2 SO4 N . -23.89 -7.84 29.75
O3 SO4 N . -24.98 -9.99 29.56
O4 SO4 N . -26.27 -7.97 29.48
S SO4 O . -27.46 29.48 29.82
O1 SO4 O . -26.77 29.14 31.07
O2 SO4 O . -26.60 30.37 29.02
O3 SO4 O . -27.77 28.24 29.06
O4 SO4 O . -28.72 30.18 30.16
N1 LDA P . -16.83 -24.50 4.90
O1 LDA P . -16.18 -25.52 5.23
CM1 LDA P . -18.18 -24.55 5.53
CM2 LDA P . -16.93 -24.55 3.44
C1 LDA P . -16.02 -23.38 5.38
C2 LDA P . -16.64 -21.99 5.20
C3 LDA P . -15.64 -21.07 4.54
C4 LDA P . -14.40 -20.85 5.43
C5 LDA P . -13.14 -20.63 4.61
C6 LDA P . -13.34 -19.47 3.63
C7 LDA P . -12.03 -18.77 3.32
C8 LDA P . -12.22 -17.42 2.62
C9 LDA P . -11.07 -16.49 2.97
C10 LDA P . -10.59 -15.64 1.80
C11 LDA P . -10.04 -14.29 2.27
C12 LDA P . -8.74 -13.94 1.59
N1 LDA Q . -25.76 -4.54 30.54
O1 LDA Q . -25.77 -5.61 31.20
CM1 LDA Q . -26.96 -4.38 29.69
CM2 LDA Q . -24.58 -4.55 29.66
C1 LDA Q . -25.62 -3.38 31.45
C2 LDA Q . -26.77 -3.18 32.43
C3 LDA Q . -27.54 -1.88 32.16
C4 LDA Q . -27.13 -0.77 33.14
C5 LDA Q . -28.07 0.45 33.05
C6 LDA Q . -28.14 1.20 34.39
C7 LDA Q . -28.67 2.62 34.17
C8 LDA Q . -27.69 3.51 33.40
C9 LDA Q . -27.54 4.90 34.01
C10 LDA Q . -28.83 5.74 34.00
C11 LDA Q . -29.40 5.95 32.59
C12 LDA Q . -30.28 7.18 32.50
C1 HTO R . 4.15 -31.09 15.16
O1 HTO R . 5.07 -29.99 15.15
C2 HTO R . 2.76 -30.71 15.73
O2 HTO R . 2.56 -29.29 15.62
C3 HTO R . 1.63 -31.50 15.03
O3 HTO R . 1.52 -30.92 13.72
C4 HTO R . 0.27 -31.59 15.78
C5 HTO R . -0.93 -31.64 14.82
C6 HTO R . -2.22 -32.19 15.39
C7 HTO R . -3.06 -32.78 14.27
MG BCB S . -0.47 -3.24 -3.33
CHA BCB S . -2.15 -0.61 -4.72
CHB BCB S . -0.73 -1.78 -0.24
CHC BCB S . 1.72 -5.62 -2.14
CHD BCB S . -0.44 -4.85 -6.42
NA BCB S . -1.30 -1.56 -2.60
C1A BCB S . -1.85 -0.60 -3.27
C2A BCB S . -2.30 0.56 -2.40
C3A BCB S . -2.20 -0.01 -1.00
C4A BCB S . -1.35 -1.21 -1.28
CMA BCB S . -1.66 0.98 0.02
CAA BCB S . -3.69 1.18 -2.58
CBA BCB S . -4.84 0.19 -2.68
CGA BCB S . -6.04 0.76 -3.42
O1A BCB S . -5.92 1.34 -4.50
O2A BCB S . -7.38 0.63 -2.88
NB BCB S . 0.34 -3.62 -1.48
C1B BCB S . 0.15 -2.96 -0.31
C2B BCB S . 0.89 -3.46 0.86
C3B BCB S . 1.61 -4.60 0.28
C4B BCB S . 1.23 -4.62 -1.16
CMB BCB S . 0.81 -2.86 2.24
CAB BCB S . 2.57 -5.52 0.94
OBB BCB S . 3.33 -6.16 0.24
CBB BCB S . 2.67 -5.63 2.43
NC BCB S . 0.44 -4.89 -4.11
C1C BCB S . 1.30 -5.77 -3.56
C2C BCB S . 1.91 -6.90 -4.32
C3C BCB S . 1.19 -6.59 -5.54
C4C BCB S . 0.35 -5.42 -5.35
CMC BCB S . 3.42 -6.80 -4.56
CAC BCB S . 0.70 -7.76 -6.30
CBC BCB S . 1.65 -8.87 -6.69
ND BCB S . -1.14 -2.86 -5.18
C1D BCB S . -1.07 -3.56 -6.29
C2D BCB S . -1.69 -2.88 -7.43
C3D BCB S . -2.18 -1.61 -6.89
C4D BCB S . -1.79 -1.73 -5.56
CMD BCB S . -1.89 -3.19 -8.88
CAD BCB S . -2.84 -0.30 -6.90
OBD BCB S . -3.31 0.15 -8.01
CBD BCB S . -2.81 0.39 -5.59
CGD BCB S . -1.89 1.55 -5.75
O1D BCB S . -2.17 2.67 -5.34
O2D BCB S . -0.64 1.29 -6.45
CED BCB S . 0.54 2.07 -6.25
C1 BCB S . -8.42 1.16 -3.67
C2 BCB S . -9.67 1.24 -2.86
C3 BCB S . -10.74 1.94 -3.26
C4 BCB S . -10.75 2.68 -4.56
C5 BCB S . -11.94 1.92 -2.33
C6 BCB S . -13.04 2.88 -2.77
C7 BCB S . -14.19 2.91 -1.77
C8 BCB S . -15.49 3.41 -2.40
C9 BCB S . -15.40 4.88 -2.86
C10 BCB S . -16.63 3.18 -1.39
C11 BCB S . -17.10 1.73 -1.45
C12 BCB S . -18.49 1.63 -0.85
C13 BCB S . -18.97 0.18 -0.68
C14 BCB S . -19.15 -0.57 -2.01
C15 BCB S . -20.26 0.21 0.15
C16 BCB S . -20.55 -1.19 0.74
C17 BCB S . -20.37 -1.23 2.27
C18 BCB S . -21.69 -1.25 3.03
C19 BCB S . -22.76 -0.33 2.48
C20 BCB S . -21.42 -0.90 4.49
MG BCB T . -10.62 -4.55 -1.86
CHA BCB T . -10.09 -6.86 0.60
CHB BCB T . -13.89 -4.25 -0.84
CHC BCB T . -11.06 -2.14 -4.29
CHD BCB T . -7.23 -4.86 -2.88
NA BCB T . -11.77 -5.38 -0.44
C1A BCB T . -11.39 -6.21 0.48
C2A BCB T . -12.43 -6.50 1.52
C3A BCB T . -13.68 -6.09 0.76
C4A BCB T . -13.10 -5.16 -0.26
CMA BCB T . -14.42 -7.21 0.02
CAA BCB T . -12.14 -5.72 2.82
CBA BCB T . -12.46 -4.23 2.75
CGA BCB T . -12.22 -3.48 4.03
O1A BCB T . -12.26 -4.00 5.13
O2A BCB T . -11.96 -2.07 3.88
NB BCB T . -12.23 -3.39 -2.47
C1B BCB T . -13.49 -3.37 -1.96
C2B BCB T . -14.44 -2.41 -2.60
C3B BCB T . -13.57 -1.80 -3.62
C4B BCB T . -12.24 -2.47 -3.46
CMB BCB T . -15.88 -2.19 -2.26
CAB BCB T . -13.93 -0.75 -4.62
OBB BCB T . -13.05 -0.12 -5.16
CBB BCB T . -15.36 -0.48 -4.99
NC BCB T . -9.42 -3.67 -3.28
C1C BCB T . -9.71 -2.74 -4.19
C2C BCB T . -8.82 -2.46 -5.34
C3C BCB T . -7.68 -3.11 -4.70
C4C BCB T . -8.10 -3.91 -3.56
CMC BCB T . -9.21 -3.18 -6.62
CAC BCB T . -6.41 -2.39 -4.76
CBC BCB T . -5.75 -2.20 -6.10
ND BCB T . -8.96 -5.60 -1.26
C1D BCB T . -7.70 -5.66 -1.74
C2D BCB T . -6.92 -6.64 -0.97
C3D BCB T . -7.82 -7.21 0.04
C4D BCB T . -8.97 -6.50 -0.24
CMD BCB T . -5.52 -7.18 -1.01
CAD BCB T . -8.25 -8.04 1.17
OBD BCB T . -7.42 -8.87 1.69
CBD BCB T . -9.65 -7.85 1.58
CGD BCB T . -10.25 -9.19 1.49
O1D BCB T . -10.34 -9.87 2.48
O2D BCB T . -10.67 -9.72 0.23
CED BCB T . -12.00 -10.17 0.06
C1 BCB T . -12.09 -1.12 4.93
C2 BCB T . -13.54 -0.78 5.13
C3 BCB T . -14.29 -1.21 6.15
C4 BCB T . -13.79 -2.11 7.27
C5 BCB T . -15.73 -0.76 6.19
C6 BCB T . -16.64 -1.97 5.90
C7 BCB T . -16.72 -2.33 4.41
C8 BCB T . -17.12 -3.77 4.10
C9 BCB T . -16.10 -4.78 4.64
C10 BCB T . -17.24 -3.90 2.60
C11 BCB T . -18.11 -5.05 2.10
C12 BCB T . -18.08 -4.98 0.57
C13 BCB T . -19.27 -5.68 -0.08
C14 BCB T . -19.17 -7.19 0.10
C15 BCB T . -19.39 -5.26 -1.55
C16 BCB T . -20.69 -4.51 -1.83
C17 BCB T . -21.92 -5.44 -1.83
C18 BCB T . -23.15 -4.82 -2.49
C19 BCB T . -23.56 -3.52 -1.79
C20 BCB T . -24.30 -5.84 -2.56
C1 BPB U . -23.57 4.49 -0.96
C2 BPB U . -23.37 3.19 -1.72
C3 BPB U . -23.76 1.97 -1.24
C4 BPB U . -24.41 1.86 0.11
C5 BPB U . -23.58 0.67 -2.02
C6 BPB U . -23.34 0.84 -3.52
C7 BPB U . -23.34 -0.48 -4.32
C8 BPB U . -22.98 -0.23 -5.80
C9 BPB U . -24.12 0.53 -6.50
NA BPB U . -16.32 4.22 2.85
NB BPB U . -13.78 2.81 2.06
NC BPB U . -11.97 5.32 2.46
ND BPB U . -14.36 6.56 3.27
C10 BPB U . -22.66 -1.51 -6.60
C11 BPB U . -21.46 -2.35 -6.18
C12 BPB U . -20.23 -1.53 -5.79
C13 BPB U . -18.88 -2.11 -6.22
C14 BPB U . -18.67 -1.95 -7.71
C15 BPB U . -18.73 -3.56 -5.77
C16 BPB U . -17.29 -4.04 -5.90
C17 BPB U . -17.15 -5.47 -5.39
C18 BPB U . -16.07 -5.59 -4.33
C19 BPB U . -16.21 -6.87 -3.51
C1A BPB U . -17.24 5.06 3.05
O1A BPB U . -20.86 5.02 -0.72
C1B BPB U . -14.69 1.79 1.93
C1C BPB U . -11.08 4.42 2.07
C1D BPB U . -13.52 7.54 3.56
O1D BPB U . -20.03 7.14 5.06
C20 BPB U . -14.67 -5.45 -4.96
C2A BPB U . -18.60 4.46 2.89
O2A BPB U . -22.87 4.56 0.29
C2B BPB U . -14.06 0.52 1.50
C2C BPB U . -9.69 4.98 2.09
C2D BPB U . -14.24 8.68 4.09
O2D BPB U . -18.21 6.48 6.33
C3A BPB U . -18.26 2.98 2.92
C3B BPB U . -12.64 0.92 1.36
C3C BPB U . -9.88 6.32 2.76
C3D BPB U . -15.67 8.34 4.12
C4A BPB U . -16.80 3.00 2.64
C4B BPB U . -12.58 2.34 1.70
C4C BPB U . -11.37 6.35 2.85
C4D BPB U . -15.62 7.05 3.62
CAA BPB U . -19.24 4.88 1.57
CAB BPB U . -11.50 0.09 0.96
CAC BPB U . -9.20 7.43 1.97
CAD BPB U . -17.11 8.60 4.39
CBA BPB U . -20.75 4.58 1.65
CBB BPB U . -11.77 -1.03 -0.01
OBB BPB U . -10.38 0.31 1.39
CBC BPB U . -7.69 7.37 2.04
CBD BPB U . -17.96 7.42 3.99
OBD BPB U . -17.55 9.79 4.59
CED BPB U . -18.48 5.14 6.71
CGA BPB U . -21.43 4.75 0.32
CGD BPB U . -18.82 7.01 5.13
CHA BPB U . -16.96 6.43 3.53
CHB BPB U . -16.14 1.91 2.23
CHC BPB U . -11.31 3.13 1.72
CHD BPB U . -12.08 7.52 3.38
CMA BPB U . -18.45 2.28 4.27
CMB BPB U . -14.73 -0.81 1.27
CMC BPB U . -8.68 4.14 2.90
CMD BPB U . -13.82 10.03 4.56
C1 HTO V . -18.87 3.29 -18.50
O1 HTO V . -17.88 2.86 -17.54
C2 HTO V . -18.49 2.91 -19.96
O2 HTO V . -17.90 1.60 -19.84
C3 HTO V . -19.63 2.98 -21.06
O3 HTO V . -20.41 1.77 -21.03
C4 HTO V . -19.20 3.21 -22.54
C5 HTO V . -20.30 3.70 -23.51
C6 HTO V . -19.88 3.83 -25.00
C7 HTO V . -19.06 5.07 -25.42
C1 HTO W . -16.04 24.73 2.53
O1 HTO W . -17.23 25.51 2.70
C2 HTO W . -15.12 24.88 3.77
O2 HTO W . -15.72 24.28 4.94
C3 HTO W . -13.70 24.35 3.50
O3 HTO W . -13.82 23.15 2.70
C4 HTO W . -12.84 24.09 4.75
C5 HTO W . -11.32 23.97 4.47
C6 HTO W . -10.85 22.69 3.74
C7 HTO W . -9.35 22.40 3.84
FE FE2 X . -9.13 12.58 18.20
C1 MQ7 Y . -15.90 10.59 14.53
O1 MQ7 Y . -14.77 11.12 14.35
C2 MQ7 Y . -16.36 9.52 13.61
C2M MQ7 Y . -15.46 9.08 12.47
C3 MQ7 Y . -17.70 8.89 13.83
C4 MQ7 Y . -18.54 9.33 14.93
O4 MQ7 Y . -19.65 8.80 15.09
C5 MQ7 Y . -18.09 10.41 15.85
C6 MQ7 Y . -18.89 10.83 16.91
C7 MQ7 Y . -18.44 11.83 17.76
C8 MQ7 Y . -17.20 12.43 17.57
C9 MQ7 Y . -16.36 12.04 16.53
C10 MQ7 Y . -16.76 11.04 15.66
C11 MQ7 Y . -18.22 7.77 12.94
C12 MQ7 Y . -17.63 6.47 13.50
C13 MQ7 Y . -18.32 5.40 13.97
C14 MQ7 Y . -19.83 5.28 14.03
C15 MQ7 Y . -17.52 4.21 14.45
C16 MQ7 Y . -17.81 3.02 13.54
C17 MQ7 Y . -17.51 3.27 12.07
C18 MQ7 Y . -16.73 2.46 11.32
C19 MQ7 Y . -16.04 1.22 11.82
C20 MQ7 Y . -16.47 2.79 9.87
C21 MQ7 Y . -17.22 1.81 8.96
C22 MQ7 Y . -18.65 2.28 8.82
C23 MQ7 Y . -19.59 1.58 8.18
C24 MQ7 Y . -19.27 0.25 7.56
C25 MQ7 Y . -21.01 2.17 8.10
C26 MQ7 Y . -21.70 1.82 6.79
C27 MQ7 Y . -23.11 2.36 6.73
C28 MQ7 Y . -23.67 2.93 5.64
C29 MQ7 Y . -22.98 3.17 4.32
C30 MQ7 Y . -25.10 3.39 5.76
C31 MQ7 Y . -25.99 2.43 4.95
C32 MQ7 Y . -27.38 3.04 4.86
C33 MQ7 Y . -27.99 3.36 3.70
C34 MQ7 Y . -27.40 3.14 2.32
C35 MQ7 Y . -29.37 3.99 3.80
C36 MQ7 Y . -29.30 5.52 3.72
C37 MQ7 Y . -30.71 6.00 3.97
C38 MQ7 Y . -31.41 6.87 3.25
C39 MQ7 Y . -30.88 7.59 2.05
C40 MQ7 Y . -32.82 7.16 3.70
C41 MQ7 Y . -33.90 6.42 2.91
C42 MQ7 Y . -33.94 4.98 3.37
C43 MQ7 Y . -34.69 4.03 2.77
C44 MQ7 Y . -34.62 2.61 3.31
C45 MQ7 Y . -35.62 4.35 1.60
MG BCB Z . 8.93 -2.51 5.53
CHA BCB Z . 8.66 -0.20 2.99
CHB BCB Z . 11.03 -0.39 7.17
CHC BCB Z . 9.17 -4.84 8.06
CHD BCB Z . 6.55 -4.54 3.95
NA BCB Z . 9.75 -0.72 5.15
C1A BCB Z . 9.53 0.07 4.15
C2A BCB Z . 10.12 1.45 4.31
C3A BCB Z . 11.20 1.16 5.32
C4A BCB Z . 10.62 -0.07 5.94
CMA BCB Z . 12.54 0.81 4.70
CAA BCB Z . 9.11 2.47 4.81
CBA BCB Z . 8.46 2.13 6.17
CGA BCB Z . 7.48 3.21 6.60
O1A BCB Z . 7.19 4.09 5.83
O2A BCB Z . 6.90 3.19 7.94
NB BCB Z . 9.94 -2.60 7.30
C1B BCB Z . 10.74 -1.66 7.85
C2B BCB Z . 11.34 -2.00 9.16
C3B BCB Z . 10.78 -3.31 9.40
C4B BCB Z . 9.95 -3.60 8.21
CMB BCB Z . 12.28 -1.20 10.01
CAB BCB Z . 11.05 -4.14 10.59
OBB BCB Z . 12.19 -4.26 10.98
CBB BCB Z . 9.92 -4.80 11.30
NC BCB Z . 8.05 -4.30 5.94
C1C BCB Z . 8.23 -5.14 6.96
C2C BCB Z . 7.59 -6.47 7.07
C3C BCB Z . 6.78 -6.25 5.88
C4C BCB Z . 7.12 -4.98 5.23
CMC BCB Z . 8.59 -7.61 6.88
CAC BCB Z . 5.36 -6.52 6.11
CBC BCB Z . 4.89 -7.95 6.00
ND BCB Z . 7.81 -2.43 3.82
C1D BCB Z . 6.93 -3.27 3.31
C2D BCB Z . 6.39 -2.79 2.02
C3D BCB Z . 7.04 -1.48 1.79
C4D BCB Z . 7.84 -1.40 2.92
CMD BCB Z . 5.39 -3.30 1.01
CAD BCB Z . 7.39 -0.20 1.13
OBD BCB Z . 6.84 0.09 0.02
CBD BCB Z . 8.37 0.66 1.83
CGD BCB Z . 9.50 0.89 0.89
O1D BCB Z . 9.89 2.01 0.65
O2D BCB Z . 10.10 -0.25 0.23
CED BCB Z . 11.48 -0.53 0.38
C1 BCB Z . 6.00 4.22 8.37
C2 BCB Z . 6.74 5.28 9.17
C3 BCB Z . 6.78 5.34 10.51
C4 BCB Z . 6.08 4.34 11.37
C5 BCB Z . 7.54 6.47 11.19
C6 BCB Z . 9.01 6.48 10.81
C7 BCB Z . 9.89 7.17 11.86
C8 BCB Z . 9.55 8.67 12.14
C9 BCB Z . 10.77 9.59 11.96
C10 BCB Z . 8.90 8.83 13.55
C11 BCB Z . 8.19 10.16 13.79
C12 BCB Z . 8.57 10.87 15.10
C13 BCB Z . 9.81 11.80 15.01
C14 BCB Z . 11.02 11.15 15.70
C15 BCB Z . 9.55 13.23 15.56
C16 BCB Z . 10.39 14.39 14.95
C17 BCB Z . 9.51 15.57 14.47
C18 BCB Z . 10.19 16.61 13.55
C19 BCB Z . 11.15 17.52 14.33
C20 BCB Z . 9.19 17.42 12.71
MG BCB AA . 0.71 -8.22 2.22
CHA BCB AA . 1.20 -9.10 5.48
CHB BCB AA . -1.21 -5.56 3.16
CHC BCB AA . -0.35 -7.99 -0.99
CHD BCB AA . 3.08 -10.60 1.24
NA BCB AA . 0.10 -7.44 3.98
C1A BCB AA . 0.30 -7.96 5.16
C2A BCB AA . -0.32 -7.10 6.26
C3A BCB AA . -0.64 -5.79 5.53
C4A BCB AA . -0.59 -6.27 4.11
CMA BCB AA . -1.95 -5.12 5.99
CAA BCB AA . 0.42 -6.77 7.59
CBA BCB AA . 1.83 -6.20 7.51
CGA BCB AA . 2.02 -4.84 8.18
O1A BCB AA . 1.11 -4.04 8.43
O2A BCB AA . 3.39 -4.48 8.52
NB BCB AA . -0.59 -6.97 1.27
C1B BCB AA . -1.26 -5.91 1.75
C2B BCB AA . -2.12 -5.17 0.80
C3B BCB AA . -1.86 -5.92 -0.46
C4B BCB AA . -0.91 -6.99 -0.05
CMB BCB AA . -2.97 -3.97 1.14
CAB BCB AA . -2.40 -5.69 -1.86
OBB BCB AA . -2.00 -6.32 -2.81
CBB BCB AA . -3.46 -4.67 -2.14
NC BCB AA . 1.24 -9.09 0.50
C1C BCB AA . 0.73 -8.94 -0.72
C2C BCB AA . 1.06 -9.85 -1.84
C3C BCB AA . 2.23 -10.40 -1.16
C4C BCB AA . 2.22 -9.98 0.25
CMC BCB AA . 0.03 -10.96 -2.03
CAC BCB AA . 3.49 -10.43 -1.92
CBC BCB AA . 3.53 -11.19 -3.21
ND BCB AA . 1.93 -9.56 3.14
C1D BCB AA . 2.82 -10.42 2.66
C2D BCB AA . 3.42 -11.24 3.71
C3D BCB AA . 2.83 -10.78 4.97
C4D BCB AA . 1.97 -9.80 4.48
CMD BCB AA . 4.43 -12.34 3.71
CAD BCB AA . 2.57 -10.67 6.41
OBD BCB AA . 3.16 -11.42 7.26
CBD BCB AA . 1.54 -9.69 6.77
CGD BCB AA . 0.30 -10.43 7.18
O1D BCB AA . -0.57 -9.94 7.86
O2D BCB AA . 0.11 -11.78 6.71
CED BCB AA . -0.83 -12.66 7.35
C1 BCB AA . 3.84 -3.19 8.91
C2 BCB AA . 4.20 -3.30 10.37
C3 BCB AA . 5.29 -3.94 10.86
C4 BCB AA . 6.30 -4.63 9.98
C5 BCB AA . 5.53 -4.00 12.35
C6 BCB AA . 6.72 -3.16 12.75
C7 BCB AA . 6.71 -2.89 14.25
C8 BCB AA . 8.08 -2.56 14.84
C9 BCB AA . 7.86 -2.04 16.27
C10 BCB AA . 8.85 -1.58 13.95
C11 BCB AA . 10.08 -0.96 14.62
C12 BCB AA . 11.17 -0.49 13.65
C13 BCB AA . 12.53 -0.33 14.34
C14 BCB AA . 12.48 0.51 15.62
C15 BCB AA . 13.52 0.32 13.39
C16 BCB AA . 14.92 -0.12 13.78
C17 BCB AA . 15.33 -1.42 13.09
C18 BCB AA . 16.84 -1.50 12.88
C19 BCB AA . 17.19 -2.56 11.83
C20 BCB AA . 17.55 -1.68 14.23
C1 BPB BA . 14.97 1.37 18.85
C2 BPB BA . 16.35 2.02 18.60
C3 BPB BA . 16.77 2.79 17.54
C4 BPB BA . 18.17 3.33 17.41
C5 BPB BA . 15.88 3.19 16.38
C6 BPB BA . 15.31 4.60 16.58
C7 BPB BA . 14.95 5.29 15.24
C8 BPB BA . 13.47 5.66 15.07
C9 BPB BA . 13.13 5.70 13.56
NA BPB BA . 7.20 2.43 15.88
NB BPB BA . 6.24 1.26 13.21
NC BPB BA . 3.47 0.49 14.22
ND BPB BA . 4.39 1.77 16.75
C10 BPB BA . 13.06 6.96 15.85
C11 BPB BA . 13.55 7.24 17.30
C12 BPB BA . 13.08 8.62 17.84
C13 BPB BA . 14.15 9.67 18.29
C14 BPB BA . 14.41 9.63 19.79
C15 BPB BA . 13.77 11.10 17.82
C16 BPB BA . 14.59 12.28 18.43
C17 BPB BA . 14.60 13.60 17.62
C18 BPB BA . 14.20 14.93 18.34
C19 BPB BA . 15.32 15.56 19.22
C1A BPB BA . 7.44 2.75 17.08
O1A BPB BA . 12.03 0.58 19.19
C1B BPB BA . 7.47 1.72 12.86
C1C BPB BA . 3.43 -0.09 13.03
C1D BPB BA . 3.12 1.55 17.06
O1D BPB BA . 7.73 5.24 20.18
C20 BPB BA . 13.57 15.92 17.34
C2A BPB BA . 8.89 3.17 17.29
O2A BPB BA . 13.78 2.19 18.88
C2B BPB BA . 7.86 1.32 11.48
C2C BPB BA . 2.08 -0.73 12.81
C2D BPB BA . 2.87 2.04 18.42
O2D BPB BA . 6.19 5.77 18.58
C3A BPB BA . 9.18 3.57 15.85
C3B BPB BA . 6.71 0.54 11.06
C3C BPB BA . 1.26 -0.01 13.86
C3D BPB BA . 4.14 2.59 18.96
C4A BPB BA . 8.19 2.77 15.07
C4B BPB BA . 5.77 0.53 12.18
C4C BPB BA . 2.35 0.46 14.79
C4D BPB BA . 4.95 2.39 17.86
CAA BPB BA . 9.86 2.14 17.94
CAB BPB BA . 6.59 -0.12 9.75
CAC BPB BA . 0.17 -0.88 14.49
CAD BPB BA . 5.04 3.22 19.98
CBA BPB BA . 11.26 2.70 18.27
CBB BPB BA . 5.40 0.24 8.94
OBB BPB BA . 7.46 -0.90 9.38
CBC BPB BA . -1.03 -1.08 13.57
CBD BPB BA . 6.42 3.39 19.43
OBD BPB BA . 4.60 3.88 21.00
CED BPB BA . 5.70 6.95 19.25
CGA BPB BA . 12.35 1.72 18.81
CGD BPB BA . 6.85 4.83 19.43
CHA BPB BA . 6.33 2.83 18.07
CHB BPB BA . 8.35 2.52 13.76
CHC BPB BA . 4.44 -0.12 12.13
CHD BPB BA . 2.11 0.90 16.18
CMA BPB BA . 8.89 5.04 15.52
CMB BPB BA . 9.10 1.59 10.69
CMC BPB BA . 1.51 -0.46 11.42
CMD BPB BA . 1.63 2.07 19.28
C1 NS5 CA . 14.61 2.39 8.63
CM1 NS5 CA . 13.76 3.13 9.71
CM2 NS5 CA . 14.93 3.27 7.40
C2 NS5 CA . 15.84 1.64 9.22
C3 NS5 CA . 17.17 2.44 9.22
C4 NS5 CA . 18.32 1.74 9.95
C5 NS5 CA . 19.63 2.17 9.32
C6 NS5 CA . 19.88 3.65 9.19
C7 NS5 CA . 20.61 1.36 8.83
C8 NS5 CA . 20.64 -0.18 8.81
C9 NS5 CA . 20.56 -0.71 7.37
C10 NS5 CA . 19.10 -0.78 6.99
C11 NS5 CA . 18.44 0.43 6.41
C12 NS5 CA . 18.45 -1.94 7.18
C13 NS5 CA . 17.02 -2.06 6.93
C14 NS5 CA . 16.44 -3.17 7.35
C15 NS5 CA . 15.00 -3.49 7.29
C16 NS5 CA . 13.99 -2.55 6.66
C17 NS5 CA . 14.64 -4.65 7.89
C18 NS5 CA . 13.26 -5.09 8.00
C19 NS5 CA . 12.84 -6.20 8.62
C20 NS5 CA . 13.64 -7.21 9.37
C21 NS5 CA . 13.07 -8.14 10.19
C22 NS5 CA . 11.57 -8.22 10.34
C23 NS5 CA . 13.94 -9.07 11.01
C24 NS5 CA . 13.46 -9.83 12.02
C25 NS5 CA . 14.27 -10.64 12.97
C26 NS5 CA . 13.76 -10.98 14.20
C27 NS5 CA . 12.35 -10.70 14.62
C28 NS5 CA . 14.42 -11.71 15.30
C29 NS5 CA . 15.58 -12.33 15.29
C30 NS5 CA . 16.21 -13.06 16.44
C31 NS5 CA . 15.78 -13.36 17.69
C32 NS5 CA . 14.48 -12.98 18.34
C33 NS5 CA . 16.69 -14.11 18.64
C34 NS5 CA . 17.01 -15.54 18.24
C35 NS5 CA . 18.50 -15.88 18.48
C36 NS5 CA . 18.82 -16.86 19.62
CM3 NS5 CA . 18.71 -16.21 21.01
CM4 NS5 CA . 20.20 -17.50 19.38
S SO4 DA . 12.91 4.41 32.40
O1 SO4 DA . 14.05 4.62 33.31
O2 SO4 DA . 13.26 4.79 31.02
O3 SO4 DA . 12.61 2.97 32.46
O4 SO4 DA . 11.72 5.25 32.77
S SO4 EA . -17.43 28.86 5.74
O1 SO4 EA . -16.77 29.20 7.04
O2 SO4 EA . -16.72 29.56 4.65
O3 SO4 EA . -18.84 29.29 5.75
O4 SO4 EA . -17.42 27.39 5.49
S SO4 FA . -10.11 1.29 29.52
O1 SO4 FA . -10.23 1.64 30.94
O2 SO4 FA . -9.64 2.46 28.75
O3 SO4 FA . -11.46 1.06 28.96
O4 SO4 FA . -9.20 0.10 29.36
S SO4 GA . 12.04 27.78 11.54
O1 SO4 GA . 12.43 28.30 12.88
O2 SO4 GA . 11.90 28.89 10.59
O3 SO4 GA . 13.08 26.81 11.10
O4 SO4 GA . 10.73 27.09 11.60
S SO4 HA . 32.18 -18.81 9.84
O1 SO4 HA . 33.43 -19.22 10.55
O2 SO4 HA . 32.42 -17.54 9.09
O3 SO4 HA . 31.14 -18.66 10.88
O4 SO4 HA . 31.80 -19.89 8.91
S SO4 IA . -5.77 33.68 4.62
O1 SO4 IA . -5.04 34.04 5.86
O2 SO4 IA . -5.98 34.90 3.81
O3 SO4 IA . -5.09 32.60 3.85
O4 SO4 IA . -7.10 33.15 5.01
N1 LDA JA . 11.77 1.93 36.12
O1 LDA JA . 11.16 2.40 35.12
CM1 LDA JA . 10.95 0.84 36.69
CM2 LDA JA . 11.88 3.00 37.14
C1 LDA JA . 13.13 1.45 35.73
C2 LDA JA . 13.21 0.37 34.62
C3 LDA JA . 14.64 0.03 34.19
C4 LDA JA . 14.78 -0.36 32.71
C5 LDA JA . 15.81 -1.48 32.38
C6 LDA JA . 15.92 -1.77 30.88
C7 LDA JA . 16.95 -2.85 30.50
C8 LDA JA . 16.37 -4.25 30.32
C9 LDA JA . 16.19 -4.70 28.86
C10 LDA JA . 15.58 -6.10 28.77
C11 LDA JA . 14.66 -6.26 27.56
C12 LDA JA . 14.20 -7.69 27.33
#